data_1WJ5
#
_entry.id   1WJ5
#
_cell.length_a   1.000
_cell.length_b   1.000
_cell.length_c   1.000
_cell.angle_alpha   90.00
_cell.angle_beta   90.00
_cell.angle_gamma   90.00
#
_symmetry.space_group_name_H-M   'P 1'
#
_entity_poly.entity_id   1
_entity_poly.type   'polypeptide(L)'
_entity_poly.pdbx_seq_one_letter_code
;GSSGSSGNKDNLDLAGLTSLLSEKIKEFLQEKKMQSFYQQELETVESLQSLASRPVTHSTGSDQVELKDSGTSGVAQRVF
KNALQLLQEKGLVFQRDSGSDKLYYVTTKDKDLQSGPSSG
;
_entity_poly.pdbx_strand_id   A
#
# COMPACT_ATOMS: atom_id res chain seq x y z
N GLY A 1 28.46 -7.10 15.34
CA GLY A 1 28.93 -5.75 15.08
C GLY A 1 28.77 -5.39 13.61
N SER A 2 29.88 -5.49 12.88
CA SER A 2 29.88 -5.19 11.47
C SER A 2 29.57 -3.70 11.25
N SER A 3 29.73 -3.26 10.02
CA SER A 3 29.48 -1.87 9.67
C SER A 3 28.37 -1.79 8.63
N GLY A 4 27.29 -1.12 9.01
CA GLY A 4 26.15 -0.96 8.11
C GLY A 4 26.12 0.44 7.51
N SER A 5 25.25 0.62 6.53
CA SER A 5 25.11 1.91 5.88
C SER A 5 23.66 2.08 5.38
N SER A 6 23.24 1.17 4.54
CA SER A 6 21.89 1.22 3.99
C SER A 6 21.75 2.41 3.04
N GLY A 7 21.72 2.11 1.75
CA GLY A 7 21.59 3.14 0.73
C GLY A 7 22.95 3.77 0.43
N ASN A 8 22.90 4.79 -0.41
CA ASN A 8 24.12 5.51 -0.79
C ASN A 8 23.75 6.89 -1.33
N LYS A 9 22.94 6.88 -2.38
CA LYS A 9 22.51 8.12 -3.00
C LYS A 9 21.13 7.92 -3.62
N ASP A 10 20.12 7.94 -2.77
CA ASP A 10 18.75 7.75 -3.22
C ASP A 10 17.79 8.35 -2.19
N ASN A 11 17.16 9.46 -2.59
CA ASN A 11 16.23 10.14 -1.72
C ASN A 11 14.84 9.52 -1.88
N LEU A 12 14.76 8.24 -1.55
CA LEU A 12 13.50 7.53 -1.66
C LEU A 12 12.92 7.73 -3.07
N ASP A 13 11.80 7.06 -3.31
CA ASP A 13 11.14 7.16 -4.60
C ASP A 13 9.70 6.64 -4.47
N LEU A 14 8.85 7.14 -5.36
CA LEU A 14 7.45 6.74 -5.36
C LEU A 14 7.36 5.23 -5.08
N ALA A 15 8.27 4.50 -5.69
CA ALA A 15 8.29 3.05 -5.53
C ALA A 15 8.93 2.71 -4.18
N GLY A 16 10.06 3.37 -3.90
CA GLY A 16 10.77 3.15 -2.67
C GLY A 16 9.87 3.40 -1.46
N LEU A 17 9.24 4.57 -1.46
CA LEU A 17 8.35 4.94 -0.37
C LEU A 17 7.12 4.02 -0.38
N THR A 18 6.67 3.71 -1.59
CA THR A 18 5.51 2.84 -1.75
C THR A 18 5.77 1.48 -1.09
N SER A 19 6.84 0.83 -1.53
CA SER A 19 7.20 -0.46 -0.99
C SER A 19 6.93 -0.50 0.51
N LEU A 20 7.20 0.63 1.16
CA LEU A 20 7.00 0.73 2.60
C LEU A 20 5.49 0.77 2.88
N LEU A 21 4.82 1.71 2.24
CA LEU A 21 3.38 1.86 2.42
C LEU A 21 2.73 0.47 2.45
N SER A 22 3.17 -0.37 1.53
CA SER A 22 2.64 -1.73 1.45
C SER A 22 2.58 -2.36 2.84
N GLU A 23 3.74 -2.39 3.48
CA GLU A 23 3.84 -2.96 4.82
C GLU A 23 2.96 -2.19 5.79
N LYS A 24 2.84 -0.89 5.53
CA LYS A 24 2.02 -0.03 6.37
C LYS A 24 0.56 -0.50 6.33
N ILE A 25 0.18 -1.02 5.17
CA ILE A 25 -1.18 -1.51 4.97
C ILE A 25 -1.31 -2.88 5.62
N LYS A 26 -0.36 -3.75 5.30
CA LYS A 26 -0.37 -5.10 5.84
C LYS A 26 -0.46 -5.03 7.36
N GLU A 27 0.24 -4.05 7.93
CA GLU A 27 0.25 -3.87 9.36
C GLU A 27 -1.13 -3.41 9.86
N PHE A 28 -1.73 -2.52 9.07
CA PHE A 28 -3.04 -2.00 9.41
C PHE A 28 -4.06 -3.13 9.57
N LEU A 29 -3.94 -4.11 8.69
CA LEU A 29 -4.84 -5.25 8.71
C LEU A 29 -4.73 -5.96 10.06
N GLN A 30 -3.49 -6.21 10.45
CA GLN A 30 -3.23 -6.88 11.72
C GLN A 30 -3.64 -5.98 12.89
N GLU A 31 -3.87 -4.72 12.56
CA GLU A 31 -4.27 -3.76 13.58
C GLU A 31 -5.79 -3.73 13.71
N LYS A 32 -6.46 -3.74 12.56
CA LYS A 32 -7.91 -3.71 12.53
C LYS A 32 -8.44 -5.13 12.69
N LYS A 33 -7.53 -6.09 12.52
CA LYS A 33 -7.91 -7.50 12.64
C LYS A 33 -9.02 -7.82 11.64
N MET A 34 -8.68 -7.68 10.36
CA MET A 34 -9.65 -7.94 9.31
C MET A 34 -9.09 -8.95 8.30
N GLN A 35 -10.00 -9.52 7.51
CA GLN A 35 -9.61 -10.51 6.51
C GLN A 35 -9.99 -10.01 5.11
N SER A 36 -10.45 -8.77 5.06
CA SER A 36 -10.85 -8.16 3.80
C SER A 36 -11.02 -6.65 3.98
N PHE A 37 -10.72 -5.93 2.90
CA PHE A 37 -10.84 -4.48 2.92
C PHE A 37 -10.55 -3.89 1.53
N TYR A 38 -10.57 -2.57 1.48
CA TYR A 38 -10.30 -1.87 0.23
C TYR A 38 -9.22 -0.81 0.41
N GLN A 39 -8.44 -0.61 -0.64
CA GLN A 39 -7.37 0.36 -0.61
C GLN A 39 -7.91 1.73 -0.18
N GLN A 40 -9.07 2.06 -0.71
CA GLN A 40 -9.70 3.33 -0.38
C GLN A 40 -9.98 3.41 1.13
N GLU A 41 -10.41 2.28 1.68
CA GLU A 41 -10.73 2.21 3.09
C GLU A 41 -9.49 2.56 3.93
N LEU A 42 -8.33 2.37 3.31
CA LEU A 42 -7.07 2.66 3.98
C LEU A 42 -6.63 4.08 3.64
N GLU A 43 -7.16 4.59 2.54
CA GLU A 43 -6.84 5.93 2.10
C GLU A 43 -7.32 6.96 3.13
N THR A 44 -8.22 6.50 3.99
CA THR A 44 -8.75 7.37 5.03
C THR A 44 -7.92 7.26 6.31
N VAL A 45 -7.02 6.29 6.30
CA VAL A 45 -6.14 6.07 7.45
C VAL A 45 -4.98 7.05 7.39
N GLU A 46 -5.15 8.16 8.09
CA GLU A 46 -4.12 9.19 8.12
C GLU A 46 -2.74 8.55 8.32
N SER A 47 -2.64 7.73 9.35
CA SER A 47 -1.39 7.06 9.64
C SER A 47 -0.78 6.49 8.35
N LEU A 48 -1.66 6.11 7.44
CA LEU A 48 -1.23 5.56 6.17
C LEU A 48 -0.97 6.70 5.18
N GLN A 49 -2.00 7.49 4.95
CA GLN A 49 -1.90 8.62 4.04
C GLN A 49 -0.61 9.39 4.30
N SER A 50 -0.32 9.60 5.58
CA SER A 50 0.86 10.33 5.97
C SER A 50 2.09 9.77 5.23
N LEU A 51 1.97 8.51 4.82
CA LEU A 51 3.05 7.85 4.11
C LEU A 51 2.75 7.89 2.60
N ALA A 52 1.52 7.52 2.27
CA ALA A 52 1.10 7.51 0.88
C ALA A 52 1.07 8.94 0.34
N SER A 53 1.30 9.88 1.25
CA SER A 53 1.31 11.28 0.88
C SER A 53 2.72 11.87 1.04
N ARG A 54 3.54 11.14 1.78
CA ARG A 54 4.91 11.56 2.03
C ARG A 54 5.55 12.04 0.73
N PRO A 55 6.62 12.87 0.88
CA PRO A 55 7.33 13.41 -0.26
C PRO A 55 8.21 12.33 -0.93
N VAL A 56 8.72 12.68 -2.10
CA VAL A 56 9.56 11.76 -2.84
C VAL A 56 10.52 12.56 -3.73
N THR A 57 10.74 12.02 -4.93
CA THR A 57 11.63 12.68 -5.88
C THR A 57 10.82 13.25 -7.04
N HIS A 58 9.74 13.93 -6.69
CA HIS A 58 8.87 14.53 -7.69
C HIS A 58 9.25 16.00 -7.86
N SER A 59 8.80 16.57 -8.98
CA SER A 59 9.08 17.97 -9.28
C SER A 59 8.34 18.38 -10.55
N THR A 60 7.03 18.21 -10.52
CA THR A 60 6.20 18.57 -11.66
C THR A 60 4.93 19.29 -11.19
N GLY A 61 4.08 19.61 -12.16
CA GLY A 61 2.83 20.29 -11.87
C GLY A 61 1.68 19.29 -11.78
N SER A 62 1.75 18.44 -10.78
CA SER A 62 0.72 17.44 -10.57
C SER A 62 0.53 16.62 -11.84
N ASP A 63 -0.41 15.67 -11.77
CA ASP A 63 -0.70 14.82 -12.91
C ASP A 63 -1.93 15.33 -13.63
N GLN A 64 -3.01 15.49 -12.86
CA GLN A 64 -4.27 15.97 -13.42
C GLN A 64 -4.72 15.08 -14.57
N VAL A 65 -4.82 13.78 -14.27
CA VAL A 65 -5.24 12.81 -15.27
C VAL A 65 -6.22 11.83 -14.63
N GLU A 66 -7.38 11.71 -15.26
CA GLU A 66 -8.40 10.80 -14.77
C GLU A 66 -8.55 10.94 -13.26
N LEU A 67 -8.58 12.18 -12.80
CA LEU A 67 -8.72 12.45 -11.38
C LEU A 67 -9.81 13.49 -11.17
N LYS A 68 -10.62 13.25 -10.14
CA LYS A 68 -11.71 14.15 -9.82
C LYS A 68 -11.44 14.81 -8.46
N ASP A 69 -10.50 15.74 -8.47
CA ASP A 69 -10.14 16.44 -7.25
C ASP A 69 -9.05 17.46 -7.57
N SER A 70 -8.42 17.97 -6.51
CA SER A 70 -7.36 18.94 -6.67
C SER A 70 -6.27 18.69 -5.62
N GLY A 71 -6.58 19.05 -4.39
CA GLY A 71 -5.63 18.87 -3.29
C GLY A 71 -4.88 17.54 -3.43
N THR A 72 -3.64 17.54 -2.97
CA THR A 72 -2.82 16.35 -3.03
C THR A 72 -3.60 15.13 -2.55
N SER A 73 -3.59 14.10 -3.37
CA SER A 73 -4.29 12.87 -3.04
C SER A 73 -4.01 11.81 -4.11
N GLY A 74 -4.29 12.17 -5.35
CA GLY A 74 -4.08 11.27 -6.47
C GLY A 74 -2.75 10.52 -6.32
N VAL A 75 -1.68 11.30 -6.24
CA VAL A 75 -0.35 10.73 -6.09
C VAL A 75 -0.40 9.55 -5.11
N ALA A 76 -1.07 9.79 -4.00
CA ALA A 76 -1.20 8.77 -2.97
C ALA A 76 -1.90 7.55 -3.56
N GLN A 77 -2.96 7.82 -4.32
CA GLN A 77 -3.72 6.76 -4.94
C GLN A 77 -2.78 5.83 -5.74
N ARG A 78 -1.65 6.39 -6.13
CA ARG A 78 -0.67 5.62 -6.88
C ARG A 78 0.23 4.83 -5.93
N VAL A 79 0.50 5.43 -4.78
CA VAL A 79 1.35 4.79 -3.79
C VAL A 79 0.54 3.71 -3.06
N PHE A 80 -0.73 4.00 -2.86
CA PHE A 80 -1.62 3.07 -2.18
C PHE A 80 -1.91 1.85 -3.06
N LYS A 81 -2.43 2.13 -4.24
CA LYS A 81 -2.75 1.07 -5.18
C LYS A 81 -1.53 0.16 -5.36
N ASN A 82 -0.37 0.79 -5.41
CA ASN A 82 0.88 0.05 -5.58
C ASN A 82 1.17 -0.74 -4.31
N ALA A 83 0.95 -0.08 -3.18
CA ALA A 83 1.19 -0.71 -1.89
C ALA A 83 0.52 -2.09 -1.87
N LEU A 84 -0.77 -2.09 -2.18
CA LEU A 84 -1.53 -3.32 -2.20
C LEU A 84 -0.85 -4.33 -3.12
N GLN A 85 -0.55 -3.87 -4.33
CA GLN A 85 0.10 -4.71 -5.31
C GLN A 85 1.28 -5.46 -4.68
N LEU A 86 2.21 -4.68 -4.13
CA LEU A 86 3.39 -5.26 -3.50
C LEU A 86 2.94 -6.39 -2.56
N LEU A 87 1.98 -6.07 -1.72
CA LEU A 87 1.46 -7.06 -0.78
C LEU A 87 1.11 -8.34 -1.52
N GLN A 88 0.48 -8.18 -2.67
CA GLN A 88 0.09 -9.32 -3.49
C GLN A 88 1.34 -10.04 -4.02
N GLU A 89 2.45 -9.32 -4.01
CA GLU A 89 3.70 -9.87 -4.48
C GLU A 89 4.44 -10.58 -3.33
N LYS A 90 4.12 -10.16 -2.12
CA LYS A 90 4.75 -10.73 -0.94
C LYS A 90 3.90 -11.92 -0.46
N GLY A 91 2.60 -11.82 -0.72
CA GLY A 91 1.68 -12.86 -0.31
C GLY A 91 0.85 -12.41 0.90
N LEU A 92 0.89 -11.12 1.15
CA LEU A 92 0.15 -10.55 2.28
C LEU A 92 -1.33 -10.46 1.91
N VAL A 93 -1.58 -10.00 0.70
CA VAL A 93 -2.94 -9.86 0.22
C VAL A 93 -3.07 -10.56 -1.15
N PHE A 94 -4.30 -10.62 -1.63
CA PHE A 94 -4.57 -11.25 -2.92
C PHE A 94 -5.94 -10.82 -3.45
N GLN A 95 -6.03 -10.76 -4.77
CA GLN A 95 -7.27 -10.39 -5.43
C GLN A 95 -7.73 -11.48 -6.39
N ARG A 96 -8.94 -11.97 -6.14
CA ARG A 96 -9.50 -13.02 -6.97
C ARG A 96 -10.09 -12.42 -8.25
N ASP A 97 -10.86 -11.36 -8.06
CA ASP A 97 -11.49 -10.68 -9.19
C ASP A 97 -10.63 -9.49 -9.61
N SER A 98 -10.12 -9.58 -10.82
CA SER A 98 -9.28 -8.52 -11.36
C SER A 98 -10.07 -7.21 -11.42
N GLY A 99 -9.32 -6.10 -11.40
CA GLY A 99 -9.94 -4.79 -11.45
C GLY A 99 -9.33 -3.87 -10.38
N SER A 100 -8.84 -2.73 -10.84
CA SER A 100 -8.24 -1.76 -9.94
C SER A 100 -9.11 -1.60 -8.69
N ASP A 101 -10.38 -1.34 -8.93
CA ASP A 101 -11.33 -1.17 -7.83
C ASP A 101 -11.89 -2.53 -7.43
N LYS A 102 -11.07 -3.29 -6.72
CA LYS A 102 -11.47 -4.61 -6.27
C LYS A 102 -11.11 -4.75 -4.78
N LEU A 103 -11.79 -5.70 -4.14
CA LEU A 103 -11.55 -5.95 -2.72
C LEU A 103 -10.20 -6.66 -2.56
N TYR A 104 -9.44 -6.17 -1.60
CA TYR A 104 -8.13 -6.74 -1.32
C TYR A 104 -8.18 -7.72 -0.15
N TYR A 105 -8.05 -8.99 -0.47
CA TYR A 105 -8.09 -10.02 0.55
C TYR A 105 -6.72 -10.19 1.21
N VAL A 106 -6.69 -9.92 2.51
CA VAL A 106 -5.46 -10.03 3.28
C VAL A 106 -5.30 -11.48 3.78
N THR A 107 -4.05 -11.87 3.96
CA THR A 107 -3.76 -13.21 4.42
C THR A 107 -4.16 -13.37 5.89
N THR A 108 -3.89 -12.32 6.66
CA THR A 108 -4.23 -12.33 8.07
C THR A 108 -4.03 -13.73 8.66
N LYS A 109 -2.91 -14.32 8.31
CA LYS A 109 -2.58 -15.66 8.80
C LYS A 109 -3.83 -16.53 8.73
N ASP A 110 -4.05 -17.10 7.56
CA ASP A 110 -5.21 -17.95 7.35
C ASP A 110 -5.21 -18.46 5.89
N LYS A 111 -6.00 -19.49 5.66
CA LYS A 111 -6.11 -20.07 4.33
C LYS A 111 -6.24 -18.94 3.30
N ASP A 112 -6.00 -19.30 2.05
CA ASP A 112 -6.09 -18.33 0.97
C ASP A 112 -6.12 -19.08 -0.37
N LEU A 113 -6.49 -18.35 -1.42
CA LEU A 113 -6.56 -18.93 -2.74
C LEU A 113 -5.18 -19.49 -3.12
N GLN A 114 -5.20 -20.48 -3.99
CA GLN A 114 -3.97 -21.11 -4.45
C GLN A 114 -3.37 -20.33 -5.62
N SER A 115 -2.06 -20.34 -5.69
CA SER A 115 -1.35 -19.65 -6.75
C SER A 115 -1.75 -20.23 -8.11
N GLY A 116 -1.50 -21.52 -8.27
CA GLY A 116 -1.82 -22.20 -9.50
C GLY A 116 -3.14 -21.69 -10.08
N PRO A 117 -3.00 -20.76 -11.07
CA PRO A 117 -4.17 -20.17 -11.71
C PRO A 117 -4.82 -21.16 -12.69
N SER A 118 -3.95 -21.86 -13.42
CA SER A 118 -4.42 -22.84 -14.39
C SER A 118 -5.30 -22.16 -15.44
N SER A 119 -4.81 -22.14 -16.67
CA SER A 119 -5.53 -21.54 -17.77
C SER A 119 -6.27 -22.61 -18.57
N GLY A 120 -5.49 -23.57 -19.06
CA GLY A 120 -6.05 -24.65 -19.85
C GLY A 120 -6.78 -25.66 -18.96
N GLY A 1 26.17 10.59 -4.34
CA GLY A 1 26.86 11.45 -3.40
C GLY A 1 25.90 12.48 -2.79
N SER A 2 25.60 12.29 -1.51
CA SER A 2 24.70 13.18 -0.81
C SER A 2 25.15 13.33 0.65
N SER A 3 25.04 14.55 1.15
CA SER A 3 25.42 14.84 2.52
C SER A 3 24.50 14.08 3.49
N GLY A 4 23.21 14.39 3.38
CA GLY A 4 22.22 13.74 4.23
C GLY A 4 22.65 13.78 5.70
N SER A 5 22.42 14.92 6.33
CA SER A 5 22.79 15.09 7.73
C SER A 5 21.76 14.39 8.63
N SER A 6 22.01 13.11 8.85
CA SER A 6 21.12 12.31 9.68
C SER A 6 21.66 10.89 9.81
N GLY A 7 21.77 10.23 8.67
CA GLY A 7 22.27 8.86 8.63
C GLY A 7 21.49 8.02 7.61
N ASN A 8 21.84 8.20 6.35
CA ASN A 8 21.19 7.47 5.28
C ASN A 8 21.73 7.96 3.93
N LYS A 9 22.26 7.02 3.16
CA LYS A 9 22.80 7.34 1.86
C LYS A 9 22.03 6.58 0.78
N ASP A 10 20.72 6.86 0.72
CA ASP A 10 19.86 6.21 -0.24
C ASP A 10 18.57 7.00 -0.39
N ASN A 11 18.39 7.57 -1.58
CA ASN A 11 17.21 8.36 -1.86
C ASN A 11 15.98 7.44 -1.89
N LEU A 12 14.83 8.06 -2.11
CA LEU A 12 13.58 7.31 -2.17
C LEU A 12 12.89 7.59 -3.50
N ASP A 13 11.75 6.94 -3.69
CA ASP A 13 10.98 7.10 -4.92
C ASP A 13 9.56 6.59 -4.69
N LEU A 14 8.65 7.07 -5.53
CA LEU A 14 7.26 6.67 -5.44
C LEU A 14 7.18 5.17 -5.13
N ALA A 15 7.99 4.40 -5.84
CA ALA A 15 8.02 2.97 -5.64
C ALA A 15 8.68 2.65 -4.29
N GLY A 16 9.87 3.19 -4.11
CA GLY A 16 10.61 2.97 -2.87
C GLY A 16 9.74 3.29 -1.66
N LEU A 17 9.18 4.49 -1.67
CA LEU A 17 8.33 4.93 -0.58
C LEU A 17 7.10 4.03 -0.50
N THR A 18 6.59 3.67 -1.67
CA THR A 18 5.42 2.82 -1.75
C THR A 18 5.68 1.48 -1.05
N SER A 19 6.75 0.83 -1.47
CA SER A 19 7.12 -0.45 -0.88
C SER A 19 6.84 -0.44 0.62
N LEU A 20 7.12 0.69 1.24
CA LEU A 20 6.89 0.85 2.67
C LEU A 20 5.40 0.82 2.95
N LEU A 21 4.68 1.71 2.28
CA LEU A 21 3.24 1.80 2.45
C LEU A 21 2.65 0.39 2.50
N SER A 22 3.05 -0.43 1.54
CA SER A 22 2.57 -1.80 1.48
C SER A 22 2.56 -2.42 2.88
N GLU A 23 3.75 -2.48 3.47
CA GLU A 23 3.88 -3.04 4.80
C GLU A 23 3.01 -2.27 5.80
N LYS A 24 2.93 -0.96 5.58
CA LYS A 24 2.14 -0.11 6.45
C LYS A 24 0.69 -0.58 6.43
N ILE A 25 0.28 -1.07 5.26
CA ILE A 25 -1.09 -1.55 5.09
C ILE A 25 -1.22 -2.92 5.76
N LYS A 26 -0.34 -3.83 5.38
CA LYS A 26 -0.35 -5.17 5.94
C LYS A 26 -0.46 -5.09 7.46
N GLU A 27 0.21 -4.10 8.02
CA GLU A 27 0.21 -3.90 9.46
C GLU A 27 -1.17 -3.43 9.92
N PHE A 28 -1.75 -2.53 9.14
CA PHE A 28 -3.07 -2.00 9.45
C PHE A 28 -4.10 -3.13 9.60
N LEU A 29 -3.98 -4.11 8.70
CA LEU A 29 -4.89 -5.23 8.72
C LEU A 29 -4.78 -5.95 10.07
N GLN A 30 -3.55 -6.17 10.50
CA GLN A 30 -3.29 -6.83 11.77
C GLN A 30 -3.77 -5.96 12.93
N GLU A 31 -3.96 -4.68 12.62
CA GLU A 31 -4.41 -3.73 13.63
C GLU A 31 -5.95 -3.73 13.71
N LYS A 32 -6.56 -3.67 12.54
CA LYS A 32 -8.02 -3.65 12.45
C LYS A 32 -8.54 -5.08 12.58
N LYS A 33 -7.63 -6.04 12.41
CA LYS A 33 -7.99 -7.44 12.50
C LYS A 33 -9.11 -7.74 11.50
N MET A 34 -8.78 -7.58 10.23
CA MET A 34 -9.74 -7.83 9.18
C MET A 34 -9.18 -8.81 8.14
N GLN A 35 -10.10 -9.51 7.47
CA GLN A 35 -9.70 -10.47 6.46
C GLN A 35 -10.12 -9.99 5.08
N SER A 36 -10.55 -8.73 5.02
CA SER A 36 -10.97 -8.13 3.78
C SER A 36 -11.11 -6.62 3.94
N PHE A 37 -10.57 -5.89 2.97
CA PHE A 37 -10.62 -4.44 2.99
C PHE A 37 -10.32 -3.86 1.62
N TYR A 38 -10.53 -2.55 1.50
CA TYR A 38 -10.29 -1.86 0.26
C TYR A 38 -9.20 -0.79 0.42
N GLN A 39 -8.41 -0.62 -0.64
CA GLN A 39 -7.34 0.36 -0.62
C GLN A 39 -7.88 1.73 -0.18
N GLN A 40 -9.04 2.07 -0.73
CA GLN A 40 -9.66 3.34 -0.43
C GLN A 40 -10.00 3.41 1.07
N GLU A 41 -10.41 2.27 1.61
CA GLU A 41 -10.76 2.19 3.03
C GLU A 41 -9.53 2.47 3.88
N LEU A 42 -8.37 2.23 3.30
CA LEU A 42 -7.11 2.44 4.00
C LEU A 42 -6.64 3.89 3.78
N GLU A 43 -7.12 4.46 2.70
CA GLU A 43 -6.76 5.83 2.35
C GLU A 43 -7.18 6.78 3.48
N THR A 44 -8.27 6.43 4.14
CA THR A 44 -8.78 7.24 5.23
C THR A 44 -7.86 7.12 6.45
N VAL A 45 -6.98 6.14 6.40
CA VAL A 45 -6.04 5.91 7.48
C VAL A 45 -4.92 6.96 7.42
N GLU A 46 -5.13 8.05 8.13
CA GLU A 46 -4.16 9.12 8.17
C GLU A 46 -2.74 8.55 8.29
N SER A 47 -2.53 7.79 9.37
CA SER A 47 -1.25 7.19 9.62
C SER A 47 -0.64 6.69 8.31
N LEU A 48 -1.49 6.10 7.48
CA LEU A 48 -1.05 5.58 6.20
C LEU A 48 -0.80 6.73 5.24
N GLN A 49 -1.83 7.56 5.08
CA GLN A 49 -1.74 8.71 4.20
C GLN A 49 -0.42 9.45 4.42
N SER A 50 -0.07 9.61 5.69
CA SER A 50 1.16 10.29 6.05
C SER A 50 2.33 9.74 5.22
N LEU A 51 2.16 8.50 4.77
CA LEU A 51 3.18 7.86 3.98
C LEU A 51 2.81 7.97 2.49
N ALA A 52 1.55 7.67 2.21
CA ALA A 52 1.07 7.74 0.84
C ALA A 52 1.07 9.19 0.37
N SER A 53 1.39 10.08 1.30
CA SER A 53 1.44 11.50 0.99
C SER A 53 2.87 12.02 1.12
N ARG A 54 3.70 11.21 1.77
CA ARG A 54 5.09 11.58 1.98
C ARG A 54 5.70 12.06 0.65
N PRO A 55 6.81 12.84 0.79
CA PRO A 55 7.50 13.38 -0.37
C PRO A 55 8.31 12.29 -1.08
N VAL A 56 8.76 12.62 -2.28
CA VAL A 56 9.55 11.69 -3.06
C VAL A 56 10.49 12.47 -3.98
N THR A 57 10.66 11.93 -5.19
CA THR A 57 11.53 12.57 -6.17
C THR A 57 10.74 12.91 -7.43
N HIS A 58 9.70 13.70 -7.26
CA HIS A 58 8.86 14.10 -8.38
C HIS A 58 9.18 15.54 -8.77
N SER A 59 8.83 15.88 -10.01
CA SER A 59 9.08 17.22 -10.51
C SER A 59 8.33 17.43 -11.83
N THR A 60 8.53 16.48 -12.74
CA THR A 60 7.88 16.54 -14.03
C THR A 60 7.06 15.28 -14.28
N GLY A 61 6.15 15.38 -15.25
CA GLY A 61 5.29 14.26 -15.59
C GLY A 61 3.81 14.65 -15.51
N SER A 62 2.96 13.64 -15.59
CA SER A 62 1.53 13.86 -15.53
C SER A 62 0.90 12.86 -14.55
N ASP A 63 -0.37 13.11 -14.24
CA ASP A 63 -1.10 12.26 -13.33
C ASP A 63 -0.98 10.81 -13.80
N GLN A 64 -0.37 9.99 -12.94
CA GLN A 64 -0.18 8.59 -13.25
C GLN A 64 -1.52 7.85 -13.20
N VAL A 65 -2.38 8.18 -14.17
CA VAL A 65 -3.69 7.56 -14.25
C VAL A 65 -4.29 7.83 -15.64
N GLU A 66 -5.19 6.93 -16.03
CA GLU A 66 -5.84 7.06 -17.32
C GLU A 66 -6.97 8.08 -17.25
N LEU A 67 -6.60 9.32 -16.95
CA LEU A 67 -7.57 10.39 -16.85
C LEU A 67 -8.49 10.13 -15.65
N LYS A 68 -8.77 11.19 -14.92
CA LYS A 68 -9.63 11.09 -13.75
C LYS A 68 -9.45 12.34 -12.88
N ASP A 69 -8.26 12.46 -12.31
CA ASP A 69 -7.96 13.59 -11.46
C ASP A 69 -6.44 13.79 -11.41
N SER A 70 -6.04 15.03 -11.16
CA SER A 70 -4.63 15.37 -11.08
C SER A 70 -4.36 16.26 -9.87
N GLY A 71 -3.09 16.39 -9.53
CA GLY A 71 -2.70 17.21 -8.40
C GLY A 71 -2.91 16.46 -7.08
N THR A 72 -3.44 17.19 -6.10
CA THR A 72 -3.70 16.62 -4.80
C THR A 72 -4.77 15.52 -4.90
N SER A 73 -4.91 14.78 -3.81
CA SER A 73 -5.88 13.70 -3.75
C SER A 73 -5.84 12.89 -5.05
N GLY A 74 -4.73 12.19 -5.23
CA GLY A 74 -4.53 11.37 -6.42
C GLY A 74 -3.19 10.63 -6.37
N VAL A 75 -2.19 11.35 -5.91
CA VAL A 75 -0.85 10.78 -5.81
C VAL A 75 -0.88 9.59 -4.85
N ALA A 76 -1.35 9.86 -3.64
CA ALA A 76 -1.44 8.83 -2.62
C ALA A 76 -2.18 7.62 -3.19
N GLN A 77 -3.10 7.91 -4.10
CA GLN A 77 -3.89 6.86 -4.72
C GLN A 77 -3.00 5.96 -5.57
N ARG A 78 -1.82 6.48 -5.89
CA ARG A 78 -0.87 5.73 -6.70
C ARG A 78 0.07 4.92 -5.80
N VAL A 79 0.32 5.47 -4.62
CA VAL A 79 1.20 4.82 -3.66
C VAL A 79 0.42 3.73 -2.92
N PHE A 80 -0.85 4.02 -2.67
CA PHE A 80 -1.70 3.08 -1.97
C PHE A 80 -2.02 1.87 -2.85
N LYS A 81 -2.57 2.16 -4.03
CA LYS A 81 -2.93 1.12 -4.97
C LYS A 81 -1.71 0.21 -5.20
N ASN A 82 -0.55 0.84 -5.28
CA ASN A 82 0.69 0.10 -5.49
C ASN A 82 1.03 -0.70 -4.23
N ALA A 83 0.83 -0.06 -3.08
CA ALA A 83 1.10 -0.70 -1.82
C ALA A 83 0.44 -2.08 -1.79
N LEU A 84 -0.85 -2.08 -2.09
CA LEU A 84 -1.61 -3.32 -2.12
C LEU A 84 -0.94 -4.32 -3.07
N GLN A 85 -0.69 -3.84 -4.28
CA GLN A 85 -0.06 -4.68 -5.29
C GLN A 85 1.13 -5.43 -4.69
N LEU A 86 2.06 -4.65 -4.14
CA LEU A 86 3.25 -5.23 -3.53
C LEU A 86 2.83 -6.36 -2.58
N LEU A 87 1.89 -6.05 -1.71
CA LEU A 87 1.39 -7.02 -0.75
C LEU A 87 1.04 -8.32 -1.49
N GLN A 88 0.35 -8.15 -2.61
CA GLN A 88 -0.05 -9.30 -3.40
C GLN A 88 1.17 -10.01 -3.98
N GLU A 89 2.28 -9.27 -4.04
CA GLU A 89 3.51 -9.81 -4.56
C GLU A 89 4.28 -10.54 -3.45
N LYS A 90 4.01 -10.12 -2.23
CA LYS A 90 4.66 -10.72 -1.07
C LYS A 90 3.82 -11.89 -0.55
N GLY A 91 2.51 -11.77 -0.76
CA GLY A 91 1.59 -12.80 -0.32
C GLY A 91 0.82 -12.35 0.93
N LEU A 92 0.91 -11.06 1.20
CA LEU A 92 0.22 -10.50 2.36
C LEU A 92 -1.27 -10.39 2.05
N VAL A 93 -1.57 -10.04 0.81
CA VAL A 93 -2.95 -9.89 0.38
C VAL A 93 -3.11 -10.50 -1.01
N PHE A 94 -4.36 -10.53 -1.47
CA PHE A 94 -4.66 -11.08 -2.78
C PHE A 94 -6.04 -10.62 -3.26
N GLN A 95 -6.19 -10.57 -4.57
CA GLN A 95 -7.45 -10.16 -5.17
C GLN A 95 -7.98 -11.25 -6.08
N ARG A 96 -9.27 -11.53 -5.92
CA ARG A 96 -9.92 -12.57 -6.73
C ARG A 96 -10.87 -11.91 -7.74
N ASP A 97 -10.31 -11.51 -8.87
CA ASP A 97 -11.09 -10.87 -9.91
C ASP A 97 -10.18 -9.99 -10.77
N SER A 98 -9.08 -9.57 -10.16
CA SER A 98 -8.12 -8.72 -10.85
C SER A 98 -8.78 -7.38 -11.23
N GLY A 99 -7.96 -6.35 -11.23
CA GLY A 99 -8.44 -5.01 -11.56
C GLY A 99 -7.98 -3.98 -10.52
N SER A 100 -8.35 -2.74 -10.77
CA SER A 100 -7.99 -1.65 -9.87
C SER A 100 -9.12 -1.41 -8.86
N ASP A 101 -10.34 -1.57 -9.34
CA ASP A 101 -11.50 -1.37 -8.50
C ASP A 101 -11.97 -2.72 -7.96
N LYS A 102 -11.09 -3.35 -7.18
CA LYS A 102 -11.40 -4.63 -6.60
C LYS A 102 -11.01 -4.63 -5.11
N LEU A 103 -11.62 -5.54 -4.36
CA LEU A 103 -11.35 -5.64 -2.94
C LEU A 103 -10.01 -6.36 -2.74
N TYR A 104 -9.38 -6.05 -1.61
CA TYR A 104 -8.10 -6.65 -1.28
C TYR A 104 -8.22 -7.58 -0.07
N TYR A 105 -8.04 -8.87 -0.31
CA TYR A 105 -8.12 -9.85 0.74
C TYR A 105 -6.76 -10.05 1.42
N VAL A 106 -6.81 -10.16 2.74
CA VAL A 106 -5.59 -10.34 3.51
C VAL A 106 -5.24 -11.83 3.54
N THR A 107 -4.01 -12.11 3.92
CA THR A 107 -3.53 -13.48 3.99
C THR A 107 -3.48 -13.95 5.45
N THR A 108 -2.78 -15.07 5.66
CA THR A 108 -2.64 -15.62 6.99
C THR A 108 -3.94 -15.46 7.78
N LYS A 109 -3.81 -15.47 9.10
CA LYS A 109 -4.96 -15.33 9.98
C LYS A 109 -4.61 -14.39 11.12
N ASP A 110 -4.20 -13.18 10.75
CA ASP A 110 -3.84 -12.17 11.73
C ASP A 110 -2.69 -12.71 12.60
N LYS A 111 -1.48 -12.42 12.17
CA LYS A 111 -0.31 -12.87 12.91
C LYS A 111 -0.62 -14.20 13.59
N ASP A 112 -0.70 -15.25 12.79
CA ASP A 112 -0.99 -16.56 13.30
C ASP A 112 -0.60 -17.62 12.26
N LEU A 113 -0.74 -18.87 12.66
CA LEU A 113 -0.40 -19.98 11.77
C LEU A 113 -1.00 -19.71 10.39
N GLN A 114 -0.39 -20.33 9.38
CA GLN A 114 -0.86 -20.17 8.02
C GLN A 114 -0.08 -21.09 7.08
N SER A 115 -0.35 -20.94 5.79
CA SER A 115 0.32 -21.75 4.79
C SER A 115 1.44 -20.95 4.13
N GLY A 116 2.53 -20.80 4.86
CA GLY A 116 3.68 -20.07 4.35
C GLY A 116 4.36 -19.28 5.48
N PRO A 117 5.72 -19.26 5.42
CA PRO A 117 6.49 -18.54 6.42
C PRO A 117 6.43 -17.03 6.20
N SER A 118 5.21 -16.51 6.26
CA SER A 118 5.00 -15.08 6.07
C SER A 118 4.38 -14.47 7.33
N SER A 119 5.13 -13.55 7.92
CA SER A 119 4.68 -12.88 9.12
C SER A 119 5.69 -11.81 9.54
N GLY A 120 6.91 -12.25 9.79
CA GLY A 120 7.97 -11.35 10.20
C GLY A 120 7.61 -10.64 11.50
N GLY A 1 15.46 -13.11 6.51
CA GLY A 1 16.71 -13.19 7.25
C GLY A 1 17.90 -12.85 6.36
N SER A 2 18.09 -11.57 6.13
CA SER A 2 19.18 -11.11 5.28
C SER A 2 19.57 -9.68 5.66
N SER A 3 20.86 -9.40 5.57
CA SER A 3 21.37 -8.08 5.89
C SER A 3 22.67 -7.81 5.12
N GLY A 4 22.63 -6.73 4.35
CA GLY A 4 23.78 -6.34 3.55
C GLY A 4 23.36 -5.89 2.15
N SER A 5 22.76 -4.71 2.11
CA SER A 5 22.31 -4.14 0.86
C SER A 5 22.04 -2.65 1.01
N SER A 6 23.02 -1.86 0.62
CA SER A 6 22.90 -0.41 0.72
C SER A 6 22.68 0.01 2.18
N GLY A 7 22.73 1.31 2.41
CA GLY A 7 22.54 1.84 3.74
C GLY A 7 23.25 3.18 3.90
N ASN A 8 22.77 3.96 4.87
CA ASN A 8 23.35 5.26 5.14
C ASN A 8 23.21 6.15 3.89
N LYS A 9 22.29 7.08 3.97
CA LYS A 9 22.04 7.99 2.86
C LYS A 9 21.49 7.20 1.68
N ASP A 10 20.20 7.37 1.44
CA ASP A 10 19.54 6.68 0.34
C ASP A 10 18.25 7.42 -0.02
N ASN A 11 18.21 7.93 -1.24
CA ASN A 11 17.05 8.65 -1.71
C ASN A 11 15.84 7.71 -1.72
N LEU A 12 14.69 8.29 -2.00
CA LEU A 12 13.45 7.51 -2.05
C LEU A 12 12.81 7.67 -3.43
N ASP A 13 11.65 7.03 -3.59
CA ASP A 13 10.93 7.09 -4.84
C ASP A 13 9.55 6.49 -4.65
N LEU A 14 8.60 6.98 -5.45
CA LEU A 14 7.24 6.51 -5.38
C LEU A 14 7.23 5.01 -5.09
N ALA A 15 8.14 4.31 -5.76
CA ALA A 15 8.25 2.86 -5.59
C ALA A 15 8.87 2.58 -4.21
N GLY A 16 9.99 3.23 -3.96
CA GLY A 16 10.68 3.05 -2.69
C GLY A 16 9.77 3.39 -1.51
N LEU A 17 9.29 4.63 -1.52
CA LEU A 17 8.41 5.09 -0.45
C LEU A 17 7.20 4.16 -0.36
N THR A 18 6.82 3.61 -1.51
CA THR A 18 5.69 2.71 -1.56
C THR A 18 6.01 1.41 -0.82
N SER A 19 7.09 0.77 -1.26
CA SER A 19 7.51 -0.49 -0.64
C SER A 19 7.25 -0.44 0.87
N LEU A 20 7.39 0.75 1.42
CA LEU A 20 7.18 0.94 2.84
C LEU A 20 5.67 0.93 3.14
N LEU A 21 4.97 1.82 2.47
CA LEU A 21 3.53 1.92 2.65
C LEU A 21 2.93 0.51 2.72
N SER A 22 3.32 -0.31 1.76
CA SER A 22 2.83 -1.68 1.70
C SER A 22 2.75 -2.27 3.12
N GLU A 23 3.86 -2.17 3.83
CA GLU A 23 3.92 -2.69 5.18
C GLU A 23 2.94 -1.94 6.08
N LYS A 24 2.83 -0.65 5.85
CA LYS A 24 1.93 0.19 6.62
C LYS A 24 0.51 -0.35 6.50
N ILE A 25 0.16 -0.74 5.28
CA ILE A 25 -1.17 -1.28 5.03
C ILE A 25 -1.25 -2.70 5.59
N LYS A 26 -0.19 -3.46 5.35
CA LYS A 26 -0.14 -4.84 5.83
C LYS A 26 -0.22 -4.84 7.36
N GLU A 27 0.43 -3.86 7.95
CA GLU A 27 0.44 -3.73 9.40
C GLU A 27 -0.95 -3.34 9.92
N PHE A 28 -1.66 -2.61 9.08
CA PHE A 28 -3.00 -2.16 9.44
C PHE A 28 -3.97 -3.34 9.51
N LEU A 29 -3.86 -4.21 8.52
CA LEU A 29 -4.71 -5.39 8.45
C LEU A 29 -4.60 -6.17 9.76
N GLN A 30 -3.38 -6.55 10.08
CA GLN A 30 -3.13 -7.30 11.30
C GLN A 30 -3.42 -6.43 12.53
N GLU A 31 -3.60 -5.14 12.27
CA GLU A 31 -3.88 -4.21 13.34
C GLU A 31 -5.40 -4.09 13.56
N LYS A 32 -6.12 -4.12 12.45
CA LYS A 32 -7.57 -4.01 12.50
C LYS A 32 -8.17 -5.41 12.65
N LYS A 33 -7.33 -6.41 12.45
CA LYS A 33 -7.76 -7.79 12.56
C LYS A 33 -8.91 -8.04 11.57
N MET A 34 -8.62 -7.82 10.30
CA MET A 34 -9.62 -8.02 9.26
C MET A 34 -9.17 -9.09 8.27
N GLN A 35 -10.09 -9.47 7.41
CA GLN A 35 -9.81 -10.48 6.40
C GLN A 35 -10.15 -9.96 5.00
N SER A 36 -10.54 -8.70 4.97
CA SER A 36 -10.90 -8.07 3.71
C SER A 36 -10.99 -6.55 3.89
N PHE A 37 -10.77 -5.83 2.79
CA PHE A 37 -10.82 -4.39 2.81
C PHE A 37 -10.57 -3.80 1.42
N TYR A 38 -10.79 -2.51 1.32
CA TYR A 38 -10.59 -1.81 0.05
C TYR A 38 -9.48 -0.77 0.16
N GLN A 39 -8.85 -0.50 -0.97
CA GLN A 39 -7.77 0.47 -1.01
C GLN A 39 -8.27 1.84 -0.55
N GLN A 40 -9.57 2.03 -0.67
CA GLN A 40 -10.18 3.29 -0.28
C GLN A 40 -10.34 3.34 1.25
N GLU A 41 -10.82 2.23 1.79
CA GLU A 41 -11.03 2.14 3.23
C GLU A 41 -9.73 2.45 3.97
N LEU A 42 -8.63 2.33 3.25
CA LEU A 42 -7.32 2.59 3.83
C LEU A 42 -6.87 4.01 3.45
N GLU A 43 -7.49 4.53 2.39
CA GLU A 43 -7.18 5.87 1.93
C GLU A 43 -7.65 6.91 2.94
N THR A 44 -8.41 6.44 3.92
CA THR A 44 -8.92 7.32 4.96
C THR A 44 -8.10 7.20 6.23
N VAL A 45 -7.13 6.28 6.18
CA VAL A 45 -6.26 6.05 7.32
C VAL A 45 -5.05 6.99 7.23
N GLU A 46 -5.06 8.01 8.06
CA GLU A 46 -3.98 8.98 8.08
C GLU A 46 -2.63 8.26 8.14
N SER A 47 -2.46 7.46 9.18
CA SER A 47 -1.24 6.71 9.37
C SER A 47 -0.72 6.22 8.02
N LEU A 48 -1.65 5.94 7.12
CA LEU A 48 -1.31 5.46 5.79
C LEU A 48 -1.06 6.66 4.88
N GLN A 49 -2.10 7.46 4.72
CA GLN A 49 -2.01 8.65 3.87
C GLN A 49 -0.73 9.42 4.17
N SER A 50 -0.48 9.63 5.46
CA SER A 50 0.70 10.35 5.89
C SER A 50 1.94 9.75 5.22
N LEU A 51 1.82 8.50 4.79
CA LEU A 51 2.91 7.82 4.15
C LEU A 51 2.71 7.87 2.63
N ALA A 52 1.55 7.41 2.20
CA ALA A 52 1.23 7.39 0.78
C ALA A 52 1.14 8.84 0.28
N SER A 53 1.22 9.77 1.21
CA SER A 53 1.15 11.19 0.87
C SER A 53 2.53 11.82 1.00
N ARG A 54 3.40 11.13 1.71
CA ARG A 54 4.76 11.62 1.91
C ARG A 54 5.34 12.12 0.59
N PRO A 55 6.38 13.00 0.73
CA PRO A 55 7.03 13.57 -0.45
C PRO A 55 7.94 12.53 -1.13
N VAL A 56 8.38 12.88 -2.32
CA VAL A 56 9.25 11.99 -3.09
C VAL A 56 9.32 12.48 -4.54
N THR A 57 10.45 12.20 -5.16
CA THR A 57 10.66 12.61 -6.54
C THR A 57 10.40 11.43 -7.48
N HIS A 58 9.74 11.74 -8.59
CA HIS A 58 9.42 10.72 -9.58
C HIS A 58 8.94 11.40 -10.87
N SER A 59 8.52 10.57 -11.81
CA SER A 59 8.04 11.06 -13.08
C SER A 59 7.14 10.02 -13.75
N THR A 60 6.32 10.48 -14.67
CA THR A 60 5.41 9.61 -15.38
C THR A 60 4.38 9.00 -14.42
N GLY A 61 3.12 9.24 -14.75
CA GLY A 61 2.03 8.73 -13.92
C GLY A 61 1.16 7.75 -14.70
N SER A 62 0.25 7.12 -13.99
CA SER A 62 -0.66 6.15 -14.60
C SER A 62 -2.11 6.52 -14.29
N ASP A 63 -3.02 5.81 -14.94
CA ASP A 63 -4.43 6.05 -14.74
C ASP A 63 -4.77 7.48 -15.16
N GLN A 64 -5.72 7.59 -16.09
CA GLN A 64 -6.15 8.88 -16.59
C GLN A 64 -6.98 9.60 -15.53
N VAL A 65 -6.39 9.77 -14.36
CA VAL A 65 -7.08 10.44 -13.26
C VAL A 65 -7.66 11.77 -13.76
N GLU A 66 -8.91 11.71 -14.17
CA GLU A 66 -9.60 12.90 -14.67
C GLU A 66 -10.75 13.28 -13.74
N LEU A 67 -10.42 13.43 -12.47
CA LEU A 67 -11.42 13.78 -11.47
C LEU A 67 -11.29 15.27 -11.15
N LYS A 68 -12.43 15.88 -10.81
CA LYS A 68 -12.46 17.28 -10.47
C LYS A 68 -11.49 17.55 -9.32
N ASP A 69 -11.37 18.82 -8.97
CA ASP A 69 -10.48 19.22 -7.89
C ASP A 69 -9.05 18.80 -8.23
N SER A 70 -8.10 19.50 -7.62
CA SER A 70 -6.70 19.22 -7.85
C SER A 70 -5.93 19.29 -6.53
N GLY A 71 -4.68 18.88 -6.59
CA GLY A 71 -3.82 18.89 -5.40
C GLY A 71 -3.23 17.50 -5.14
N THR A 72 -2.93 17.25 -3.88
CA THR A 72 -2.36 15.98 -3.48
C THR A 72 -3.47 14.95 -3.26
N SER A 73 -4.31 14.79 -4.28
CA SER A 73 -5.40 13.85 -4.20
C SER A 73 -5.35 12.88 -5.40
N GLY A 74 -4.29 12.08 -5.42
CA GLY A 74 -4.10 11.12 -6.49
C GLY A 74 -2.84 10.30 -6.27
N VAL A 75 -1.72 11.01 -6.16
CA VAL A 75 -0.43 10.37 -5.96
C VAL A 75 -0.60 9.22 -4.96
N ALA A 76 -1.15 9.55 -3.80
CA ALA A 76 -1.37 8.55 -2.77
C ALA A 76 -2.08 7.33 -3.37
N GLN A 77 -3.06 7.62 -4.22
CA GLN A 77 -3.81 6.56 -4.87
C GLN A 77 -2.88 5.67 -5.68
N ARG A 78 -1.74 6.25 -6.05
CA ARG A 78 -0.75 5.52 -6.84
C ARG A 78 0.19 4.73 -5.93
N VAL A 79 0.40 5.28 -4.74
CA VAL A 79 1.26 4.65 -3.76
C VAL A 79 0.50 3.52 -3.05
N PHE A 80 -0.77 3.79 -2.82
CA PHE A 80 -1.62 2.81 -2.15
C PHE A 80 -1.74 1.53 -2.97
N LYS A 81 -2.21 1.70 -4.20
CA LYS A 81 -2.38 0.57 -5.11
C LYS A 81 -1.05 -0.17 -5.24
N ASN A 82 0.02 0.61 -5.37
CA ASN A 82 1.35 0.04 -5.51
C ASN A 82 1.71 -0.72 -4.23
N ALA A 83 1.28 -0.16 -3.11
CA ALA A 83 1.55 -0.78 -1.82
C ALA A 83 0.96 -2.20 -1.81
N LEU A 84 -0.34 -2.27 -2.05
CA LEU A 84 -1.02 -3.55 -2.07
C LEU A 84 -0.32 -4.48 -3.04
N GLN A 85 -0.17 -4.01 -4.27
CA GLN A 85 0.48 -4.80 -5.30
C GLN A 85 1.63 -5.61 -4.70
N LEU A 86 2.55 -4.90 -4.07
CA LEU A 86 3.70 -5.54 -3.44
C LEU A 86 3.21 -6.60 -2.45
N LEU A 87 2.25 -6.19 -1.62
CA LEU A 87 1.70 -7.08 -0.63
C LEU A 87 1.29 -8.40 -1.29
N GLN A 88 0.69 -8.26 -2.48
CA GLN A 88 0.25 -9.43 -3.23
C GLN A 88 1.46 -10.25 -3.69
N GLU A 89 2.58 -9.56 -3.84
CA GLU A 89 3.80 -10.21 -4.28
C GLU A 89 4.46 -10.95 -3.11
N LYS A 90 4.13 -10.50 -1.90
CA LYS A 90 4.69 -11.11 -0.70
C LYS A 90 3.74 -12.19 -0.21
N GLY A 91 2.46 -12.00 -0.50
CA GLY A 91 1.44 -12.96 -0.09
C GLY A 91 0.68 -12.47 1.14
N LEU A 92 0.66 -11.14 1.29
CA LEU A 92 -0.03 -10.53 2.41
C LEU A 92 -1.50 -10.32 2.04
N VAL A 93 -1.72 -10.00 0.77
CA VAL A 93 -3.07 -9.77 0.28
C VAL A 93 -3.18 -10.28 -1.16
N PHE A 94 -4.39 -10.20 -1.69
CA PHE A 94 -4.64 -10.65 -3.05
C PHE A 94 -5.97 -10.10 -3.57
N GLN A 95 -6.07 -10.06 -4.89
CA GLN A 95 -7.28 -9.55 -5.53
C GLN A 95 -7.80 -10.58 -6.54
N ARG A 96 -9.01 -11.05 -6.28
CA ARG A 96 -9.64 -12.02 -7.16
C ARG A 96 -10.07 -11.35 -8.47
N ASP A 97 -10.90 -10.33 -8.33
CA ASP A 97 -11.40 -9.60 -9.49
C ASP A 97 -10.21 -9.02 -10.27
N SER A 98 -9.09 -8.92 -9.57
CA SER A 98 -7.88 -8.39 -10.19
C SER A 98 -8.14 -6.99 -10.74
N GLY A 99 -9.23 -6.40 -10.27
CA GLY A 99 -9.61 -5.06 -10.71
C GLY A 99 -8.97 -3.99 -9.83
N SER A 100 -8.70 -2.85 -10.44
CA SER A 100 -8.10 -1.74 -9.73
C SER A 100 -8.95 -1.36 -8.51
N ASP A 101 -10.20 -1.05 -8.80
CA ASP A 101 -11.13 -0.67 -7.75
C ASP A 101 -11.94 -1.90 -7.32
N LYS A 102 -11.27 -2.77 -6.58
CA LYS A 102 -11.91 -3.99 -6.10
C LYS A 102 -11.58 -4.18 -4.62
N LEU A 103 -12.10 -5.26 -4.07
CA LEU A 103 -11.86 -5.58 -2.67
C LEU A 103 -10.55 -6.34 -2.53
N TYR A 104 -9.72 -5.88 -1.61
CA TYR A 104 -8.43 -6.51 -1.37
C TYR A 104 -8.51 -7.50 -0.21
N TYR A 105 -8.20 -8.75 -0.52
CA TYR A 105 -8.22 -9.80 0.48
C TYR A 105 -6.86 -10.00 1.12
N VAL A 106 -6.83 -9.87 2.44
CA VAL A 106 -5.59 -10.02 3.19
C VAL A 106 -5.45 -11.47 3.63
N THR A 107 -4.19 -11.90 3.75
CA THR A 107 -3.91 -13.26 4.18
C THR A 107 -4.45 -13.51 5.58
N THR A 108 -4.22 -12.54 6.46
CA THR A 108 -4.68 -12.64 7.83
C THR A 108 -4.26 -13.99 8.43
N LYS A 109 -4.88 -14.31 9.55
CA LYS A 109 -4.58 -15.56 10.24
C LYS A 109 -4.51 -16.70 9.21
N ASP A 110 -5.61 -16.88 8.51
CA ASP A 110 -5.68 -17.93 7.50
C ASP A 110 -6.95 -17.73 6.66
N LYS A 111 -8.03 -17.41 7.35
CA LYS A 111 -9.30 -17.19 6.68
C LYS A 111 -9.87 -18.53 6.21
N ASP A 112 -11.17 -18.53 5.96
CA ASP A 112 -11.85 -19.73 5.52
C ASP A 112 -11.93 -19.74 3.99
N LEU A 113 -11.16 -20.64 3.39
CA LEU A 113 -11.14 -20.75 1.95
C LEU A 113 -10.56 -19.47 1.35
N GLN A 114 -9.47 -19.63 0.61
CA GLN A 114 -8.83 -18.49 -0.02
C GLN A 114 -8.10 -18.94 -1.30
N SER A 115 -7.56 -17.95 -2.01
CA SER A 115 -6.84 -18.23 -3.24
C SER A 115 -5.60 -19.07 -2.95
N GLY A 116 -4.69 -18.48 -2.18
CA GLY A 116 -3.46 -19.16 -1.83
C GLY A 116 -3.46 -19.57 -0.35
N PRO A 117 -3.70 -20.89 -0.11
CA PRO A 117 -3.73 -21.41 1.24
C PRO A 117 -2.32 -21.53 1.82
N SER A 118 -2.00 -20.57 2.69
CA SER A 118 -0.68 -20.55 3.32
C SER A 118 -0.65 -21.55 4.48
N SER A 119 -0.30 -22.78 4.14
CA SER A 119 -0.22 -23.84 5.14
C SER A 119 1.24 -24.24 5.37
N GLY A 120 1.50 -24.73 6.57
CA GLY A 120 2.85 -25.16 6.92
C GLY A 120 3.15 -26.55 6.37
N GLY A 1 22.06 -12.82 -9.74
CA GLY A 1 22.54 -11.71 -8.94
C GLY A 1 22.85 -10.49 -9.82
N SER A 2 23.33 -9.43 -9.17
CA SER A 2 23.66 -8.21 -9.89
C SER A 2 24.46 -7.29 -8.97
N SER A 3 23.86 -6.94 -7.84
CA SER A 3 24.50 -6.07 -6.88
C SER A 3 23.65 -5.95 -5.62
N GLY A 4 24.25 -5.41 -4.58
CA GLY A 4 23.56 -5.24 -3.31
C GLY A 4 24.49 -4.64 -2.25
N SER A 5 24.00 -4.61 -1.02
CA SER A 5 24.77 -4.07 0.08
C SER A 5 25.11 -2.61 -0.18
N SER A 6 25.67 -1.97 0.84
CA SER A 6 26.06 -0.58 0.73
C SER A 6 26.25 0.02 2.12
N GLY A 7 25.15 0.20 2.83
CA GLY A 7 25.20 0.75 4.17
C GLY A 7 25.53 2.23 4.13
N ASN A 8 24.53 3.04 3.82
CA ASN A 8 24.71 4.48 3.75
C ASN A 8 23.38 5.13 3.32
N LYS A 9 23.41 6.46 3.30
CA LYS A 9 22.22 7.21 2.92
C LYS A 9 21.70 6.70 1.57
N ASP A 10 20.41 6.43 1.53
CA ASP A 10 19.78 5.94 0.32
C ASP A 10 18.49 6.71 0.06
N ASN A 11 18.48 7.47 -1.02
CA ASN A 11 17.32 8.26 -1.38
C ASN A 11 16.10 7.35 -1.46
N LEU A 12 14.95 7.97 -1.67
CA LEU A 12 13.70 7.23 -1.77
C LEU A 12 13.10 7.42 -3.16
N ASP A 13 11.95 6.81 -3.37
CA ASP A 13 11.26 6.91 -4.64
C ASP A 13 9.84 6.36 -4.50
N LEU A 14 8.95 6.89 -5.33
CA LEU A 14 7.56 6.46 -5.31
C LEU A 14 7.50 4.95 -5.04
N ALA A 15 8.37 4.23 -5.72
CA ALA A 15 8.42 2.78 -5.57
C ALA A 15 8.92 2.44 -4.16
N GLY A 16 10.08 2.99 -3.83
CA GLY A 16 10.67 2.74 -2.52
C GLY A 16 9.69 3.13 -1.40
N LEU A 17 9.33 4.40 -1.39
CA LEU A 17 8.42 4.92 -0.39
C LEU A 17 7.16 4.04 -0.35
N THR A 18 6.76 3.58 -1.53
CA THR A 18 5.59 2.74 -1.65
C THR A 18 5.82 1.41 -0.93
N SER A 19 6.90 0.74 -1.31
CA SER A 19 7.24 -0.54 -0.72
C SER A 19 6.93 -0.51 0.78
N LEU A 20 7.31 0.59 1.42
CA LEU A 20 7.09 0.75 2.84
C LEU A 20 5.58 0.81 3.11
N LEU A 21 4.92 1.75 2.46
CA LEU A 21 3.49 1.93 2.62
C LEU A 21 2.83 0.56 2.64
N SER A 22 3.17 -0.25 1.66
CA SER A 22 2.61 -1.59 1.55
C SER A 22 2.56 -2.25 2.94
N GLU A 23 3.69 -2.18 3.63
CA GLU A 23 3.79 -2.76 4.96
C GLU A 23 2.85 -2.02 5.92
N LYS A 24 2.71 -0.73 5.70
CA LYS A 24 1.86 0.09 6.53
C LYS A 24 0.41 -0.41 6.43
N ILE A 25 0.05 -0.82 5.22
CA ILE A 25 -1.29 -1.32 4.99
C ILE A 25 -1.43 -2.71 5.61
N LYS A 26 -0.50 -3.59 5.25
CA LYS A 26 -0.50 -4.94 5.76
C LYS A 26 -0.62 -4.91 7.29
N GLU A 27 0.05 -3.92 7.87
CA GLU A 27 0.02 -3.78 9.32
C GLU A 27 -1.37 -3.37 9.79
N PHE A 28 -1.98 -2.46 9.04
CA PHE A 28 -3.31 -1.99 9.37
C PHE A 28 -4.29 -3.15 9.48
N LEU A 29 -4.06 -4.18 8.68
CA LEU A 29 -4.91 -5.34 8.69
C LEU A 29 -4.70 -6.12 9.99
N GLN A 30 -3.43 -6.33 10.32
CA GLN A 30 -3.09 -7.05 11.53
C GLN A 30 -3.55 -6.27 12.77
N GLU A 31 -3.96 -5.03 12.52
CA GLU A 31 -4.42 -4.17 13.59
C GLU A 31 -5.95 -4.26 13.71
N LYS A 32 -6.61 -4.10 12.58
CA LYS A 32 -8.06 -4.16 12.54
C LYS A 32 -8.51 -5.62 12.55
N LYS A 33 -7.55 -6.50 12.28
CA LYS A 33 -7.83 -7.93 12.24
C LYS A 33 -8.97 -8.20 11.24
N MET A 34 -8.67 -7.92 9.98
CA MET A 34 -9.64 -8.12 8.92
C MET A 34 -9.12 -9.13 7.88
N GLN A 35 -10.06 -9.69 7.13
CA GLN A 35 -9.70 -10.65 6.11
C GLN A 35 -10.08 -10.12 4.72
N SER A 36 -10.48 -8.86 4.70
CA SER A 36 -10.87 -8.21 3.45
C SER A 36 -10.98 -6.70 3.66
N PHE A 37 -10.65 -5.96 2.61
CA PHE A 37 -10.71 -4.51 2.66
C PHE A 37 -10.37 -3.91 1.30
N TYR A 38 -10.50 -2.59 1.24
CA TYR A 38 -10.21 -1.87 0.01
C TYR A 38 -9.09 -0.85 0.21
N GLN A 39 -8.36 -0.58 -0.87
CA GLN A 39 -7.27 0.37 -0.82
C GLN A 39 -7.77 1.75 -0.40
N GLN A 40 -8.96 2.08 -0.91
CA GLN A 40 -9.56 3.37 -0.59
C GLN A 40 -9.89 3.45 0.90
N GLU A 41 -10.43 2.37 1.42
CA GLU A 41 -10.80 2.31 2.82
C GLU A 41 -9.58 2.62 3.70
N LEU A 42 -8.40 2.50 3.09
CA LEU A 42 -7.15 2.76 3.79
C LEU A 42 -6.71 4.19 3.51
N GLU A 43 -7.17 4.71 2.37
CA GLU A 43 -6.82 6.07 1.98
C GLU A 43 -7.30 7.06 3.02
N THR A 44 -8.23 6.61 3.84
CA THR A 44 -8.79 7.46 4.90
C THR A 44 -7.92 7.38 6.16
N VAL A 45 -7.02 6.42 6.15
CA VAL A 45 -6.14 6.22 7.28
C VAL A 45 -5.00 7.25 7.21
N GLU A 46 -4.93 8.07 8.25
CA GLU A 46 -3.91 9.09 8.32
C GLU A 46 -2.51 8.46 8.34
N SER A 47 -2.27 7.69 9.38
CA SER A 47 -0.99 7.02 9.53
C SER A 47 -0.51 6.49 8.17
N LEU A 48 -1.48 6.17 7.33
CA LEU A 48 -1.18 5.66 6.01
C LEU A 48 -0.90 6.83 5.06
N GLN A 49 -1.91 7.68 4.92
CA GLN A 49 -1.78 8.84 4.05
C GLN A 49 -0.46 9.57 4.31
N SER A 50 -0.17 9.76 5.59
CA SER A 50 1.06 10.43 5.99
C SER A 50 2.26 9.78 5.28
N LEU A 51 2.07 8.53 4.89
CA LEU A 51 3.12 7.81 4.21
C LEU A 51 2.87 7.85 2.70
N ALA A 52 1.69 7.41 2.30
CA ALA A 52 1.33 7.40 0.90
C ALA A 52 1.30 8.84 0.37
N SER A 53 1.46 9.77 1.30
CA SER A 53 1.45 11.18 0.94
C SER A 53 2.85 11.77 1.09
N ARG A 54 3.69 11.05 1.83
CA ARG A 54 5.06 11.48 2.06
C ARG A 54 5.68 12.00 0.76
N PRO A 55 6.73 12.83 0.92
CA PRO A 55 7.42 13.41 -0.23
C PRO A 55 8.31 12.36 -0.91
N VAL A 56 8.79 12.71 -2.08
CA VAL A 56 9.65 11.83 -2.84
C VAL A 56 9.77 12.33 -4.28
N THR A 57 10.91 12.04 -4.89
CA THR A 57 11.16 12.45 -6.26
C THR A 57 10.58 11.44 -7.24
N HIS A 58 9.57 11.88 -7.98
CA HIS A 58 8.92 11.01 -8.95
C HIS A 58 8.42 11.86 -10.13
N SER A 59 7.98 11.17 -11.17
CA SER A 59 7.48 11.84 -12.36
C SER A 59 5.99 12.15 -12.18
N THR A 60 5.47 12.91 -13.13
CA THR A 60 4.07 13.30 -13.11
C THR A 60 3.30 12.61 -14.23
N GLY A 61 2.26 11.89 -13.86
CA GLY A 61 1.44 11.19 -14.83
C GLY A 61 -0.04 11.51 -14.64
N SER A 62 -0.88 10.54 -15.00
CA SER A 62 -2.31 10.71 -14.87
C SER A 62 -2.92 9.50 -14.16
N ASP A 63 -4.20 9.61 -13.85
CA ASP A 63 -4.90 8.53 -13.17
C ASP A 63 -6.38 8.54 -13.60
N GLN A 64 -6.80 7.42 -14.15
CA GLN A 64 -8.18 7.28 -14.61
C GLN A 64 -9.15 7.38 -13.42
N VAL A 65 -9.41 8.61 -13.01
CA VAL A 65 -10.31 8.84 -11.89
C VAL A 65 -10.83 10.28 -11.96
N GLU A 66 -12.13 10.41 -11.73
CA GLU A 66 -12.77 11.73 -11.76
C GLU A 66 -12.52 12.46 -10.43
N LEU A 67 -11.54 13.36 -10.47
CA LEU A 67 -11.20 14.14 -9.29
C LEU A 67 -12.45 14.86 -8.78
N LYS A 68 -12.33 15.39 -7.56
CA LYS A 68 -13.44 16.09 -6.95
C LYS A 68 -13.07 17.57 -6.81
N ASP A 69 -12.05 17.82 -6.00
CA ASP A 69 -11.60 19.18 -5.77
C ASP A 69 -10.12 19.16 -5.36
N SER A 70 -9.51 20.33 -5.42
CA SER A 70 -8.10 20.46 -5.06
C SER A 70 -7.82 19.66 -3.79
N GLY A 71 -6.53 19.41 -3.56
CA GLY A 71 -6.12 18.67 -2.39
C GLY A 71 -4.99 17.69 -2.73
N THR A 72 -4.92 16.63 -1.95
CA THR A 72 -3.90 15.61 -2.16
C THR A 72 -4.45 14.22 -1.83
N SER A 73 -5.19 13.67 -2.78
CA SER A 73 -5.79 12.36 -2.60
C SER A 73 -5.44 11.46 -3.79
N GLY A 74 -5.70 11.99 -4.98
CA GLY A 74 -5.43 11.25 -6.20
C GLY A 74 -3.97 10.81 -6.26
N VAL A 75 -3.14 11.53 -5.52
CA VAL A 75 -1.72 11.22 -5.48
C VAL A 75 -1.50 9.92 -4.69
N ALA A 76 -1.76 10.00 -3.39
CA ALA A 76 -1.60 8.85 -2.52
C ALA A 76 -2.31 7.65 -3.14
N GLN A 77 -3.31 7.94 -3.96
CA GLN A 77 -4.07 6.90 -4.63
C GLN A 77 -3.15 6.08 -5.55
N ARG A 78 -2.07 6.73 -5.97
CA ARG A 78 -1.11 6.08 -6.85
C ARG A 78 -0.09 5.29 -6.03
N VAL A 79 0.14 5.77 -4.81
CA VAL A 79 1.09 5.12 -3.93
C VAL A 79 0.39 4.01 -3.15
N PHE A 80 -0.88 4.26 -2.84
CA PHE A 80 -1.67 3.29 -2.12
C PHE A 80 -1.92 2.04 -2.95
N LYS A 81 -2.47 2.26 -4.15
CA LYS A 81 -2.77 1.17 -5.05
C LYS A 81 -1.51 0.32 -5.25
N ASN A 82 -0.39 1.01 -5.39
CA ASN A 82 0.88 0.33 -5.58
C ASN A 82 1.21 -0.49 -4.34
N ALA A 83 0.93 0.11 -3.19
CA ALA A 83 1.20 -0.56 -1.92
C ALA A 83 0.56 -1.95 -1.93
N LEU A 84 -0.75 -1.96 -2.16
CA LEU A 84 -1.49 -3.20 -2.20
C LEU A 84 -0.82 -4.16 -3.18
N GLN A 85 -0.61 -3.67 -4.40
CA GLN A 85 0.02 -4.47 -5.44
C GLN A 85 1.20 -5.26 -4.85
N LEU A 86 2.13 -4.51 -4.27
CA LEU A 86 3.32 -5.12 -3.68
C LEU A 86 2.89 -6.26 -2.76
N LEU A 87 1.96 -5.94 -1.87
CA LEU A 87 1.46 -6.93 -0.93
C LEU A 87 1.11 -8.21 -1.69
N GLN A 88 0.35 -8.04 -2.77
CA GLN A 88 -0.06 -9.17 -3.58
C GLN A 88 1.15 -9.86 -4.18
N GLU A 89 2.24 -9.11 -4.28
CA GLU A 89 3.48 -9.64 -4.84
C GLU A 89 4.29 -10.34 -3.76
N LYS A 90 4.06 -9.92 -2.52
CA LYS A 90 4.75 -10.50 -1.39
C LYS A 90 3.93 -11.66 -0.82
N GLY A 91 2.62 -11.55 -1.00
CA GLY A 91 1.71 -12.59 -0.52
C GLY A 91 1.03 -12.14 0.77
N LEU A 92 1.00 -10.83 0.98
CA LEU A 92 0.38 -10.27 2.16
C LEU A 92 -1.14 -10.15 1.94
N VAL A 93 -1.50 -9.92 0.69
CA VAL A 93 -2.89 -9.79 0.32
C VAL A 93 -3.11 -10.34 -1.10
N PHE A 94 -4.36 -10.34 -1.51
CA PHE A 94 -4.71 -10.82 -2.83
C PHE A 94 -6.11 -10.35 -3.25
N GLN A 95 -6.29 -10.22 -4.55
CA GLN A 95 -7.58 -9.78 -5.08
C GLN A 95 -8.45 -10.99 -5.43
N ARG A 96 -9.70 -10.91 -5.01
CA ARG A 96 -10.64 -11.98 -5.27
C ARG A 96 -11.65 -11.56 -6.34
N ASP A 97 -11.17 -11.47 -7.57
CA ASP A 97 -12.02 -11.08 -8.69
C ASP A 97 -11.15 -10.50 -9.80
N SER A 98 -10.00 -9.99 -9.40
CA SER A 98 -9.07 -9.38 -10.34
C SER A 98 -9.59 -8.03 -10.80
N GLY A 99 -8.72 -7.03 -10.69
CA GLY A 99 -9.08 -5.67 -11.09
C GLY A 99 -8.39 -4.64 -10.19
N SER A 100 -7.74 -3.69 -10.84
CA SER A 100 -7.04 -2.64 -10.12
C SER A 100 -7.88 -2.17 -8.93
N ASP A 101 -9.13 -1.82 -9.24
CA ASP A 101 -10.05 -1.35 -8.21
C ASP A 101 -10.96 -2.50 -7.78
N LYS A 102 -10.40 -3.40 -6.98
CA LYS A 102 -11.15 -4.55 -6.50
C LYS A 102 -10.86 -4.75 -5.02
N LEU A 103 -11.75 -5.48 -4.37
CA LEU A 103 -11.61 -5.75 -2.94
C LEU A 103 -10.33 -6.57 -2.71
N TYR A 104 -9.54 -6.11 -1.76
CA TYR A 104 -8.30 -6.78 -1.42
C TYR A 104 -8.48 -7.69 -0.20
N TYR A 105 -8.01 -8.91 -0.33
CA TYR A 105 -8.10 -9.88 0.74
C TYR A 105 -6.75 -10.05 1.44
N VAL A 106 -6.81 -10.13 2.77
CA VAL A 106 -5.61 -10.29 3.57
C VAL A 106 -5.18 -11.76 3.54
N THR A 107 -3.92 -11.99 3.88
CA THR A 107 -3.39 -13.33 3.91
C THR A 107 -2.87 -13.67 5.30
N THR A 108 -3.15 -14.91 5.71
CA THR A 108 -2.72 -15.38 7.02
C THR A 108 -1.30 -14.90 7.32
N LYS A 109 -0.96 -14.88 8.60
CA LYS A 109 0.36 -14.46 9.03
C LYS A 109 1.33 -15.62 8.86
N ASP A 110 2.55 -15.26 8.47
CA ASP A 110 3.59 -16.27 8.27
C ASP A 110 4.94 -15.68 8.70
N LYS A 111 4.91 -14.95 9.80
CA LYS A 111 6.12 -14.34 10.32
C LYS A 111 6.95 -15.38 11.05
N ASP A 112 8.01 -14.92 11.70
CA ASP A 112 8.88 -15.81 12.45
C ASP A 112 9.30 -15.13 13.76
N LEU A 113 8.30 -14.70 14.51
CA LEU A 113 8.55 -14.03 15.78
C LEU A 113 7.21 -13.66 16.42
N GLN A 114 7.24 -13.57 17.73
CA GLN A 114 6.04 -13.22 18.48
C GLN A 114 6.29 -11.97 19.34
N SER A 115 5.20 -11.39 19.82
CA SER A 115 5.29 -10.20 20.64
C SER A 115 3.91 -9.84 21.20
N GLY A 116 3.90 -8.87 22.10
CA GLY A 116 2.66 -8.42 22.71
C GLY A 116 2.90 -7.22 23.61
N PRO A 117 1.80 -6.46 23.86
CA PRO A 117 1.87 -5.28 24.71
C PRO A 117 1.97 -5.67 26.19
N SER A 118 2.00 -4.65 27.03
CA SER A 118 2.10 -4.86 28.47
C SER A 118 0.78 -4.49 29.13
N SER A 119 0.38 -3.25 28.94
CA SER A 119 -0.85 -2.74 29.52
C SER A 119 -1.05 -1.27 29.15
N GLY A 120 -0.10 -0.45 29.58
CA GLY A 120 -0.16 0.97 29.29
C GLY A 120 1.18 1.48 28.76
N GLY A 1 45.21 6.73 15.98
CA GLY A 1 43.77 6.64 16.09
C GLY A 1 43.12 6.44 14.71
N SER A 2 43.12 7.53 13.94
CA SER A 2 42.55 7.49 12.61
C SER A 2 41.02 7.51 12.69
N SER A 3 40.48 6.49 13.36
CA SER A 3 39.05 6.37 13.51
C SER A 3 38.36 6.41 12.15
N GLY A 4 37.07 6.14 12.16
CA GLY A 4 36.29 6.13 10.94
C GLY A 4 35.23 5.02 10.96
N SER A 5 33.98 5.43 10.82
CA SER A 5 32.89 4.48 10.83
C SER A 5 31.55 5.22 10.75
N SER A 6 31.14 5.50 9.52
CA SER A 6 29.88 6.21 9.30
C SER A 6 29.51 6.16 7.81
N GLY A 7 28.28 6.56 7.53
CA GLY A 7 27.79 6.56 6.16
C GLY A 7 26.36 6.05 6.09
N ASN A 8 25.58 6.70 5.23
CA ASN A 8 24.19 6.32 5.06
C ASN A 8 23.48 7.38 4.20
N LYS A 9 23.25 7.02 2.94
CA LYS A 9 22.59 7.93 2.02
C LYS A 9 21.63 7.12 1.13
N ASP A 10 20.50 7.73 0.84
CA ASP A 10 19.49 7.09 0.00
C ASP A 10 18.47 8.13 -0.45
N ASN A 11 17.71 7.75 -1.46
CA ASN A 11 16.69 8.65 -2.00
C ASN A 11 15.44 7.84 -2.33
N LEU A 12 14.46 7.93 -1.44
CA LEU A 12 13.21 7.21 -1.63
C LEU A 12 12.69 7.46 -3.04
N ASP A 13 11.57 6.82 -3.35
CA ASP A 13 10.96 6.96 -4.66
C ASP A 13 9.52 6.47 -4.61
N LEU A 14 8.70 7.03 -5.48
CA LEU A 14 7.29 6.66 -5.54
C LEU A 14 7.16 5.15 -5.32
N ALA A 15 8.18 4.44 -5.77
CA ALA A 15 8.19 2.98 -5.64
C ALA A 15 8.92 2.60 -4.35
N GLY A 16 9.99 3.33 -4.07
CA GLY A 16 10.78 3.08 -2.88
C GLY A 16 9.97 3.36 -1.61
N LEU A 17 9.31 4.51 -1.61
CA LEU A 17 8.50 4.91 -0.47
C LEU A 17 7.24 4.04 -0.42
N THR A 18 6.77 3.67 -1.61
CA THR A 18 5.58 2.85 -1.72
C THR A 18 5.82 1.48 -1.07
N SER A 19 6.94 0.89 -1.41
CA SER A 19 7.31 -0.41 -0.87
C SER A 19 6.97 -0.46 0.62
N LEU A 20 7.36 0.59 1.33
CA LEU A 20 7.10 0.67 2.75
C LEU A 20 5.58 0.70 3.00
N LEU A 21 4.93 1.60 2.28
CA LEU A 21 3.48 1.73 2.41
C LEU A 21 2.84 0.35 2.44
N SER A 22 3.28 -0.49 1.52
CA SER A 22 2.76 -1.85 1.44
C SER A 22 2.64 -2.46 2.84
N GLU A 23 3.75 -2.46 3.55
CA GLU A 23 3.77 -3.01 4.89
C GLU A 23 2.83 -2.22 5.80
N LYS A 24 2.81 -0.91 5.59
CA LYS A 24 1.95 -0.04 6.38
C LYS A 24 0.51 -0.55 6.31
N ILE A 25 0.12 -0.97 5.12
CA ILE A 25 -1.23 -1.49 4.91
C ILE A 25 -1.35 -2.85 5.59
N LYS A 26 -0.45 -3.75 5.21
CA LYS A 26 -0.45 -5.09 5.77
C LYS A 26 -0.53 -5.01 7.30
N GLU A 27 0.15 -4.00 7.84
CA GLU A 27 0.16 -3.79 9.27
C GLU A 27 -1.20 -3.31 9.76
N PHE A 28 -1.78 -2.40 8.99
CA PHE A 28 -3.08 -1.84 9.32
C PHE A 28 -4.11 -2.96 9.54
N LEU A 29 -3.90 -4.06 8.83
CA LEU A 29 -4.81 -5.19 8.95
C LEU A 29 -4.58 -5.88 10.28
N GLN A 30 -3.31 -6.12 10.59
CA GLN A 30 -2.94 -6.77 11.84
C GLN A 30 -3.36 -5.90 13.03
N GLU A 31 -3.73 -4.66 12.72
CA GLU A 31 -4.14 -3.73 13.75
C GLU A 31 -5.66 -3.75 13.91
N LYS A 32 -6.34 -3.65 12.79
CA LYS A 32 -7.80 -3.66 12.79
C LYS A 32 -8.29 -5.11 12.88
N LYS A 33 -7.37 -6.02 12.64
CA LYS A 33 -7.70 -7.44 12.69
C LYS A 33 -8.85 -7.73 11.73
N MET A 34 -8.58 -7.53 10.45
CA MET A 34 -9.58 -7.77 9.43
C MET A 34 -9.13 -8.85 8.44
N GLN A 35 -10.07 -9.30 7.63
CA GLN A 35 -9.78 -10.33 6.64
C GLN A 35 -10.13 -9.84 5.24
N SER A 36 -10.49 -8.57 5.17
CA SER A 36 -10.86 -7.96 3.90
C SER A 36 -10.90 -6.44 4.04
N PHE A 37 -10.56 -5.76 2.95
CA PHE A 37 -10.57 -4.32 2.93
C PHE A 37 -10.21 -3.78 1.54
N TYR A 38 -10.49 -2.49 1.35
CA TYR A 38 -10.20 -1.85 0.08
C TYR A 38 -9.14 -0.77 0.24
N GLN A 39 -8.39 -0.57 -0.82
CA GLN A 39 -7.33 0.43 -0.82
C GLN A 39 -7.89 1.80 -0.41
N GLN A 40 -9.05 2.11 -0.98
CA GLN A 40 -9.70 3.37 -0.69
C GLN A 40 -9.93 3.52 0.82
N GLU A 41 -10.41 2.44 1.43
CA GLU A 41 -10.67 2.43 2.84
C GLU A 41 -9.41 2.81 3.62
N LEU A 42 -8.28 2.64 2.96
CA LEU A 42 -6.99 2.96 3.57
C LEU A 42 -6.58 4.39 3.17
N GLU A 43 -7.13 4.83 2.04
CA GLU A 43 -6.82 6.15 1.53
C GLU A 43 -7.26 7.22 2.53
N THR A 44 -8.27 6.86 3.31
CA THR A 44 -8.81 7.78 4.31
C THR A 44 -8.14 7.54 5.66
N VAL A 45 -7.15 6.66 5.64
CA VAL A 45 -6.42 6.33 6.86
C VAL A 45 -5.18 7.21 6.96
N GLU A 46 -5.20 8.10 7.95
CA GLU A 46 -4.07 9.00 8.17
C GLU A 46 -2.76 8.22 8.22
N SER A 47 -2.70 7.27 9.15
CA SER A 47 -1.52 6.45 9.31
C SER A 47 -0.90 6.15 7.94
N LEU A 48 -1.74 5.63 7.06
CA LEU A 48 -1.28 5.30 5.71
C LEU A 48 -0.92 6.58 4.97
N GLN A 49 -1.94 7.39 4.71
CA GLN A 49 -1.74 8.64 4.01
C GLN A 49 -0.44 9.30 4.45
N SER A 50 -0.27 9.41 5.75
CA SER A 50 0.93 10.02 6.31
C SER A 50 2.16 9.54 5.54
N LEU A 51 2.04 8.35 4.97
CA LEU A 51 3.13 7.76 4.21
C LEU A 51 2.87 7.97 2.71
N ALA A 52 1.66 7.59 2.30
CA ALA A 52 1.28 7.73 0.90
C ALA A 52 1.27 9.21 0.53
N SER A 53 1.49 10.05 1.54
CA SER A 53 1.52 11.48 1.32
C SER A 53 2.95 12.01 1.42
N ARG A 54 3.77 11.23 2.11
CA ARG A 54 5.17 11.61 2.30
C ARG A 54 5.76 12.13 0.98
N PRO A 55 6.84 12.94 1.11
CA PRO A 55 7.50 13.50 -0.05
C PRO A 55 8.34 12.44 -0.77
N VAL A 56 8.78 12.80 -1.97
CA VAL A 56 9.59 11.89 -2.76
C VAL A 56 9.65 12.40 -4.20
N THR A 57 10.76 12.10 -4.86
CA THR A 57 10.95 12.51 -6.23
C THR A 57 10.36 11.48 -7.19
N HIS A 58 9.27 11.88 -7.84
CA HIS A 58 8.59 11.00 -8.77
C HIS A 58 8.20 11.79 -10.02
N SER A 59 7.55 11.10 -10.95
CA SER A 59 7.11 11.72 -12.18
C SER A 59 5.97 10.91 -12.80
N THR A 60 5.51 11.39 -13.95
CA THR A 60 4.42 10.73 -14.65
C THR A 60 3.16 10.71 -13.79
N GLY A 61 2.08 11.20 -14.38
CA GLY A 61 0.81 11.26 -13.69
C GLY A 61 -0.24 12.01 -14.51
N SER A 62 -1.40 11.39 -14.64
CA SER A 62 -2.49 11.99 -15.40
C SER A 62 -3.71 11.07 -15.39
N ASP A 63 -3.47 9.82 -15.73
CA ASP A 63 -4.53 8.83 -15.76
C ASP A 63 -5.50 9.16 -16.88
N GLN A 64 -6.22 10.28 -16.71
CA GLN A 64 -7.18 10.72 -17.70
C GLN A 64 -8.50 9.97 -17.53
N VAL A 65 -8.92 9.87 -16.28
CA VAL A 65 -10.17 9.19 -15.96
C VAL A 65 -10.86 9.90 -14.80
N GLU A 66 -12.14 10.16 -14.98
CA GLU A 66 -12.92 10.82 -13.95
C GLU A 66 -12.63 10.21 -12.57
N LEU A 67 -11.84 10.94 -11.80
CA LEU A 67 -11.48 10.48 -10.46
C LEU A 67 -10.81 11.62 -9.70
N LYS A 68 -11.55 12.15 -8.73
CA LYS A 68 -11.04 13.25 -7.92
C LYS A 68 -10.29 14.23 -8.81
N ASP A 69 -11.05 15.14 -9.41
CA ASP A 69 -10.47 16.14 -10.29
C ASP A 69 -10.25 17.44 -9.50
N SER A 70 -9.04 17.57 -8.96
CA SER A 70 -8.70 18.75 -8.19
C SER A 70 -7.24 18.63 -7.71
N GLY A 71 -6.33 18.94 -8.61
CA GLY A 71 -4.91 18.88 -8.28
C GLY A 71 -4.60 17.67 -7.41
N THR A 72 -4.48 17.92 -6.12
CA THR A 72 -4.19 16.87 -5.17
C THR A 72 -5.25 15.78 -5.23
N SER A 73 -5.22 14.90 -4.24
CA SER A 73 -6.19 13.82 -4.16
C SER A 73 -6.09 12.94 -5.41
N GLY A 74 -5.08 12.07 -5.41
CA GLY A 74 -4.87 11.17 -6.54
C GLY A 74 -3.50 10.50 -6.43
N VAL A 75 -2.53 11.27 -5.98
CA VAL A 75 -1.17 10.77 -5.84
C VAL A 75 -1.17 9.58 -4.87
N ALA A 76 -1.46 9.89 -3.61
CA ALA A 76 -1.50 8.87 -2.58
C ALA A 76 -2.34 7.68 -3.07
N GLN A 77 -3.42 8.01 -3.78
CA GLN A 77 -4.30 7.00 -4.31
C GLN A 77 -3.51 5.99 -5.15
N ARG A 78 -2.34 6.43 -5.59
CA ARG A 78 -1.48 5.58 -6.40
C ARG A 78 -0.51 4.81 -5.52
N VAL A 79 0.04 5.52 -4.54
CA VAL A 79 0.99 4.91 -3.61
C VAL A 79 0.27 3.86 -2.77
N PHE A 80 -1.00 4.12 -2.48
CA PHE A 80 -1.79 3.21 -1.70
C PHE A 80 -2.06 1.90 -2.46
N LYS A 81 -2.62 2.07 -3.65
CA LYS A 81 -2.91 0.92 -4.49
C LYS A 81 -1.62 0.18 -4.82
N ASN A 82 -0.60 0.97 -5.13
CA ASN A 82 0.70 0.39 -5.47
C ASN A 82 1.26 -0.35 -4.26
N ALA A 83 0.74 -0.01 -3.09
CA ALA A 83 1.16 -0.64 -1.86
C ALA A 83 0.61 -2.07 -1.79
N LEU A 84 -0.66 -2.18 -2.14
CA LEU A 84 -1.32 -3.47 -2.12
C LEU A 84 -0.65 -4.40 -3.13
N GLN A 85 -0.54 -3.91 -4.36
CA GLN A 85 0.09 -4.67 -5.42
C GLN A 85 1.28 -5.47 -4.88
N LEU A 86 2.20 -4.72 -4.27
CA LEU A 86 3.39 -5.34 -3.70
C LEU A 86 2.98 -6.46 -2.73
N LEU A 87 2.08 -6.11 -1.83
CA LEU A 87 1.60 -7.07 -0.84
C LEU A 87 1.19 -8.36 -1.55
N GLN A 88 0.53 -8.19 -2.69
CA GLN A 88 0.07 -9.31 -3.48
C GLN A 88 1.28 -10.08 -4.03
N GLU A 89 2.37 -9.36 -4.23
CA GLU A 89 3.58 -9.96 -4.76
C GLU A 89 4.31 -10.74 -3.66
N LYS A 90 4.05 -10.34 -2.41
CA LYS A 90 4.67 -10.99 -1.27
C LYS A 90 3.78 -12.13 -0.79
N GLY A 91 2.48 -11.95 -1.02
CA GLY A 91 1.51 -12.96 -0.62
C GLY A 91 0.78 -12.53 0.66
N LEU A 92 0.84 -11.24 0.93
CA LEU A 92 0.19 -10.70 2.12
C LEU A 92 -1.30 -10.55 1.86
N VAL A 93 -1.62 -10.09 0.66
CA VAL A 93 -3.01 -9.90 0.26
C VAL A 93 -3.21 -10.40 -1.16
N PHE A 94 -4.46 -10.39 -1.59
CA PHE A 94 -4.80 -10.83 -2.93
C PHE A 94 -6.20 -10.36 -3.34
N GLN A 95 -6.39 -10.24 -4.64
CA GLN A 95 -7.67 -9.80 -5.17
C GLN A 95 -8.32 -10.90 -6.00
N ARG A 96 -9.48 -11.34 -5.53
CA ARG A 96 -10.21 -12.39 -6.23
C ARG A 96 -11.03 -11.81 -7.37
N ASP A 97 -10.31 -11.24 -8.33
CA ASP A 97 -10.97 -10.64 -9.49
C ASP A 97 -10.05 -9.56 -10.07
N SER A 98 -9.39 -9.92 -11.16
CA SER A 98 -8.48 -9.00 -11.82
C SER A 98 -9.17 -7.64 -12.01
N GLY A 99 -8.76 -6.70 -11.17
CA GLY A 99 -9.32 -5.36 -11.23
C GLY A 99 -8.55 -4.40 -10.31
N SER A 100 -8.33 -3.20 -10.82
CA SER A 100 -7.61 -2.19 -10.07
C SER A 100 -8.39 -1.82 -8.80
N ASP A 101 -9.69 -1.62 -8.99
CA ASP A 101 -10.56 -1.26 -7.88
C ASP A 101 -11.31 -2.51 -7.41
N LYS A 102 -10.60 -3.34 -6.68
CA LYS A 102 -11.19 -4.57 -6.15
C LYS A 102 -10.91 -4.67 -4.65
N LEU A 103 -11.48 -5.69 -4.04
CA LEU A 103 -11.30 -5.91 -2.61
C LEU A 103 -9.97 -6.60 -2.38
N TYR A 104 -9.16 -5.99 -1.52
CA TYR A 104 -7.85 -6.54 -1.19
C TYR A 104 -7.94 -7.47 0.02
N TYR A 105 -8.12 -8.75 -0.26
CA TYR A 105 -8.21 -9.75 0.80
C TYR A 105 -6.84 -10.03 1.41
N VAL A 106 -6.83 -10.20 2.71
CA VAL A 106 -5.60 -10.49 3.43
C VAL A 106 -5.29 -11.98 3.35
N THR A 107 -4.05 -12.33 3.66
CA THR A 107 -3.62 -13.72 3.62
C THR A 107 -3.62 -14.31 5.02
N THR A 108 -3.28 -13.47 5.99
CA THR A 108 -3.22 -13.90 7.38
C THR A 108 -2.48 -15.23 7.49
N LYS A 109 -2.61 -15.84 8.67
CA LYS A 109 -1.96 -17.12 8.92
C LYS A 109 -2.39 -18.13 7.86
N ASP A 110 -1.71 -19.26 7.86
CA ASP A 110 -2.01 -20.32 6.90
C ASP A 110 -1.70 -19.83 5.49
N LYS A 111 -0.72 -20.48 4.88
CA LYS A 111 -0.32 -20.11 3.53
C LYS A 111 0.06 -21.39 2.76
N ASP A 112 0.26 -21.21 1.45
CA ASP A 112 0.61 -22.33 0.60
C ASP A 112 1.65 -21.87 -0.42
N LEU A 113 1.34 -20.76 -1.07
CA LEU A 113 2.23 -20.20 -2.07
C LEU A 113 1.59 -18.98 -2.70
N GLN A 114 2.44 -18.02 -3.08
CA GLN A 114 1.97 -16.80 -3.70
C GLN A 114 3.13 -16.01 -4.28
N SER A 115 3.54 -16.40 -5.48
CA SER A 115 4.64 -15.73 -6.14
C SER A 115 5.89 -15.76 -5.25
N GLY A 116 7.00 -15.35 -5.84
CA GLY A 116 8.26 -15.31 -5.11
C GLY A 116 9.45 -15.37 -6.07
N PRO A 117 10.61 -14.85 -5.59
CA PRO A 117 11.82 -14.84 -6.39
C PRO A 117 12.44 -16.24 -6.47
N SER A 118 13.19 -16.46 -7.53
CA SER A 118 13.84 -17.74 -7.73
C SER A 118 15.18 -17.77 -7.00
N SER A 119 16.03 -16.82 -7.35
CA SER A 119 17.34 -16.71 -6.74
C SER A 119 17.20 -16.51 -5.23
N GLY A 120 18.17 -17.03 -4.50
CA GLY A 120 18.16 -16.92 -3.05
C GLY A 120 17.73 -18.22 -2.40
N GLY A 1 45.67 6.70 1.80
CA GLY A 1 44.87 7.21 2.91
C GLY A 1 43.64 6.33 3.15
N SER A 2 43.01 6.55 4.29
CA SER A 2 41.84 5.79 4.66
C SER A 2 41.19 6.38 5.91
N SER A 3 39.94 6.78 5.76
CA SER A 3 39.20 7.37 6.86
C SER A 3 37.78 7.74 6.42
N GLY A 4 36.93 7.97 7.41
CA GLY A 4 35.55 8.33 7.13
C GLY A 4 34.67 8.11 8.35
N SER A 5 34.44 6.84 8.66
CA SER A 5 33.62 6.48 9.80
C SER A 5 32.18 6.95 9.58
N SER A 6 31.51 6.32 8.64
CA SER A 6 30.14 6.67 8.33
C SER A 6 29.52 5.58 7.44
N GLY A 7 28.21 5.69 7.27
CA GLY A 7 27.48 4.73 6.45
C GLY A 7 25.97 4.80 6.74
N ASN A 8 25.30 5.66 5.98
CA ASN A 8 23.87 5.83 6.14
C ASN A 8 23.39 6.95 5.22
N LYS A 9 22.85 6.55 4.08
CA LYS A 9 22.36 7.51 3.10
C LYS A 9 21.69 6.75 1.95
N ASP A 10 20.39 6.99 1.80
CA ASP A 10 19.63 6.35 0.76
C ASP A 10 18.35 7.14 0.50
N ASN A 11 18.33 7.82 -0.64
CA ASN A 11 17.17 8.62 -1.00
C ASN A 11 15.94 7.72 -1.12
N LEU A 12 14.83 8.32 -1.51
CA LEU A 12 13.59 7.58 -1.68
C LEU A 12 13.05 7.80 -3.09
N ASP A 13 11.88 7.22 -3.34
CA ASP A 13 11.25 7.34 -4.64
C ASP A 13 9.82 6.78 -4.57
N LEU A 14 8.99 7.27 -5.47
CA LEU A 14 7.60 6.83 -5.51
C LEU A 14 7.55 5.31 -5.33
N ALA A 15 8.54 4.65 -5.90
CA ALA A 15 8.62 3.20 -5.81
C ALA A 15 9.03 2.81 -4.39
N GLY A 16 10.17 3.34 -3.96
CA GLY A 16 10.69 3.05 -2.64
C GLY A 16 9.68 3.42 -1.56
N LEU A 17 9.21 4.66 -1.62
CA LEU A 17 8.24 5.16 -0.67
C LEU A 17 7.03 4.21 -0.64
N THR A 18 6.70 3.70 -1.81
CA THR A 18 5.58 2.78 -1.94
C THR A 18 5.89 1.46 -1.25
N SER A 19 7.00 0.85 -1.68
CA SER A 19 7.42 -0.42 -1.12
C SER A 19 7.21 -0.42 0.40
N LEU A 20 7.36 0.76 0.99
CA LEU A 20 7.20 0.91 2.42
C LEU A 20 5.70 0.89 2.76
N LEU A 21 4.97 1.77 2.09
CA LEU A 21 3.54 1.85 2.32
C LEU A 21 2.96 0.45 2.47
N SER A 22 3.34 -0.42 1.56
CA SER A 22 2.87 -1.79 1.57
C SER A 22 2.85 -2.32 3.01
N GLU A 23 4.01 -2.27 3.64
CA GLU A 23 4.14 -2.74 5.02
C GLU A 23 3.23 -1.91 5.93
N LYS A 24 3.09 -0.65 5.59
CA LYS A 24 2.26 0.25 6.37
C LYS A 24 0.81 -0.24 6.34
N ILE A 25 0.42 -0.76 5.18
CA ILE A 25 -0.94 -1.26 5.02
C ILE A 25 -1.04 -2.65 5.67
N LYS A 26 -0.15 -3.53 5.25
CA LYS A 26 -0.12 -4.88 5.78
C LYS A 26 -0.19 -4.83 7.32
N GLU A 27 0.51 -3.86 7.87
CA GLU A 27 0.52 -3.68 9.31
C GLU A 27 -0.86 -3.27 9.82
N PHE A 28 -1.48 -2.36 9.09
CA PHE A 28 -2.80 -1.88 9.46
C PHE A 28 -3.79 -3.04 9.58
N LEU A 29 -3.50 -4.09 8.83
CA LEU A 29 -4.35 -5.28 8.85
C LEU A 29 -4.10 -6.07 10.13
N GLN A 30 -2.84 -6.27 10.43
CA GLN A 30 -2.45 -7.00 11.62
C GLN A 30 -2.92 -6.26 12.88
N GLU A 31 -3.36 -5.02 12.67
CA GLU A 31 -3.83 -4.21 13.77
C GLU A 31 -5.36 -4.34 13.91
N LYS A 32 -6.04 -4.16 12.80
CA LYS A 32 -7.49 -4.25 12.78
C LYS A 32 -7.90 -5.73 12.71
N LYS A 33 -6.97 -6.54 12.24
CA LYS A 33 -7.23 -7.96 12.11
C LYS A 33 -8.48 -8.18 11.26
N MET A 34 -8.36 -7.84 9.99
CA MET A 34 -9.46 -8.00 9.07
C MET A 34 -9.26 -9.20 8.14
N GLN A 35 -10.28 -9.49 7.36
CA GLN A 35 -10.22 -10.60 6.42
C GLN A 35 -10.51 -10.12 5.00
N SER A 36 -10.89 -8.86 4.91
CA SER A 36 -11.21 -8.27 3.62
C SER A 36 -11.36 -6.75 3.75
N PHE A 37 -10.79 -6.04 2.80
CA PHE A 37 -10.85 -4.59 2.80
C PHE A 37 -10.47 -4.02 1.44
N TYR A 38 -10.72 -2.73 1.27
CA TYR A 38 -10.41 -2.06 0.02
C TYR A 38 -9.30 -1.03 0.22
N GLN A 39 -8.60 -0.75 -0.88
CA GLN A 39 -7.50 0.21 -0.84
C GLN A 39 -8.03 1.59 -0.43
N GLN A 40 -9.23 1.90 -0.90
CA GLN A 40 -9.85 3.18 -0.59
C GLN A 40 -10.09 3.29 0.91
N GLU A 41 -10.31 2.15 1.54
CA GLU A 41 -10.56 2.12 2.98
C GLU A 41 -9.29 2.51 3.74
N LEU A 42 -8.17 2.42 3.04
CA LEU A 42 -6.89 2.76 3.64
C LEU A 42 -6.49 4.17 3.22
N GLU A 43 -7.06 4.60 2.10
CA GLU A 43 -6.78 5.93 1.58
C GLU A 43 -7.26 7.00 2.56
N THR A 44 -8.27 6.63 3.33
CA THR A 44 -8.84 7.56 4.31
C THR A 44 -8.12 7.41 5.65
N VAL A 45 -7.10 6.56 5.66
CA VAL A 45 -6.34 6.32 6.86
C VAL A 45 -5.16 7.30 6.91
N GLU A 46 -5.03 7.95 8.07
CA GLU A 46 -3.96 8.91 8.26
C GLU A 46 -2.60 8.20 8.25
N SER A 47 -2.45 7.28 9.19
CA SER A 47 -1.20 6.54 9.31
C SER A 47 -0.65 6.23 7.92
N LEU A 48 -1.52 5.71 7.07
CA LEU A 48 -1.12 5.36 5.71
C LEU A 48 -0.84 6.65 4.93
N GLN A 49 -1.90 7.41 4.70
CA GLN A 49 -1.77 8.67 3.97
C GLN A 49 -0.48 9.38 4.36
N SER A 50 -0.29 9.53 5.66
CA SER A 50 0.90 10.20 6.18
C SER A 50 2.12 9.77 5.37
N LEU A 51 2.05 8.55 4.84
CA LEU A 51 3.15 8.01 4.05
C LEU A 51 2.82 8.15 2.57
N ALA A 52 1.61 7.71 2.23
CA ALA A 52 1.17 7.78 0.84
C ALA A 52 1.12 9.25 0.40
N SER A 53 1.36 10.13 1.36
CA SER A 53 1.36 11.56 1.08
C SER A 53 2.76 12.13 1.26
N ARG A 54 3.63 11.32 1.86
CA ARG A 54 5.00 11.74 2.09
C ARG A 54 5.65 12.20 0.79
N PRO A 55 6.75 12.99 0.94
CA PRO A 55 7.46 13.51 -0.21
C PRO A 55 8.30 12.41 -0.87
N VAL A 56 8.86 12.76 -2.02
CA VAL A 56 9.68 11.82 -2.77
C VAL A 56 10.71 12.59 -3.60
N THR A 57 10.98 12.06 -4.78
CA THR A 57 11.94 12.69 -5.68
C THR A 57 11.76 12.17 -7.10
N HIS A 58 10.53 12.27 -7.58
CA HIS A 58 10.21 11.81 -8.92
C HIS A 58 9.87 13.01 -9.82
N SER A 59 9.52 12.71 -11.05
CA SER A 59 9.17 13.75 -12.00
C SER A 59 8.05 13.27 -12.91
N THR A 60 6.83 13.61 -12.53
CA THR A 60 5.66 13.22 -13.31
C THR A 60 4.58 14.30 -13.22
N GLY A 61 3.38 13.93 -13.65
CA GLY A 61 2.26 14.85 -13.63
C GLY A 61 1.04 14.20 -12.99
N SER A 62 -0.14 14.63 -13.44
CA SER A 62 -1.38 14.10 -12.92
C SER A 62 -2.33 13.78 -14.08
N ASP A 63 -2.63 14.81 -14.86
CA ASP A 63 -3.53 14.65 -16.00
C ASP A 63 -4.91 14.24 -15.50
N GLN A 64 -5.91 14.98 -15.95
CA GLN A 64 -7.28 14.71 -15.56
C GLN A 64 -7.71 13.33 -16.06
N VAL A 65 -7.43 12.33 -15.24
CA VAL A 65 -7.78 10.96 -15.59
C VAL A 65 -7.66 10.08 -14.35
N GLU A 66 -8.59 9.14 -14.23
CA GLU A 66 -8.59 8.22 -13.11
C GLU A 66 -8.90 8.98 -11.81
N LEU A 67 -10.14 9.43 -11.70
CA LEU A 67 -10.56 10.17 -10.53
C LEU A 67 -9.88 11.54 -10.51
N LYS A 68 -10.71 12.57 -10.41
CA LYS A 68 -10.21 13.94 -10.38
C LYS A 68 -9.11 14.05 -9.33
N ASP A 69 -8.54 15.25 -9.23
CA ASP A 69 -7.48 15.49 -8.26
C ASP A 69 -6.92 16.90 -8.48
N SER A 70 -7.47 17.84 -7.72
CA SER A 70 -7.03 19.23 -7.82
C SER A 70 -5.83 19.46 -6.91
N GLY A 71 -6.08 19.38 -5.61
CA GLY A 71 -5.03 19.58 -4.63
C GLY A 71 -4.06 18.40 -4.61
N THR A 72 -4.33 17.48 -3.70
CA THR A 72 -3.49 16.30 -3.56
C THR A 72 -4.30 15.14 -2.96
N SER A 73 -4.37 14.06 -3.73
CA SER A 73 -5.11 12.89 -3.28
C SER A 73 -4.88 11.74 -4.28
N GLY A 74 -5.22 12.00 -5.53
CA GLY A 74 -5.07 11.00 -6.57
C GLY A 74 -3.71 10.32 -6.48
N VAL A 75 -2.72 11.10 -6.08
CA VAL A 75 -1.36 10.59 -5.96
C VAL A 75 -1.34 9.45 -4.95
N ALA A 76 -1.63 9.80 -3.70
CA ALA A 76 -1.65 8.81 -2.64
C ALA A 76 -2.48 7.60 -3.08
N GLN A 77 -3.57 7.89 -3.77
CA GLN A 77 -4.45 6.84 -4.26
C GLN A 77 -3.64 5.83 -5.10
N ARG A 78 -2.50 6.29 -5.58
CA ARG A 78 -1.65 5.45 -6.40
C ARG A 78 -0.64 4.71 -5.52
N VAL A 79 -0.12 5.43 -4.52
CA VAL A 79 0.84 4.84 -3.62
C VAL A 79 0.16 3.77 -2.77
N PHE A 80 -1.11 4.01 -2.46
CA PHE A 80 -1.88 3.07 -1.66
C PHE A 80 -2.15 1.79 -2.45
N LYS A 81 -2.73 1.95 -3.62
CA LYS A 81 -3.04 0.82 -4.47
C LYS A 81 -1.75 0.08 -4.84
N ASN A 82 -0.74 0.88 -5.16
CA ASN A 82 0.56 0.33 -5.53
C ASN A 82 1.15 -0.43 -4.35
N ALA A 83 0.68 -0.08 -3.16
CA ALA A 83 1.14 -0.73 -1.95
C ALA A 83 0.59 -2.16 -1.89
N LEU A 84 -0.72 -2.27 -2.09
CA LEU A 84 -1.37 -3.56 -2.06
C LEU A 84 -0.69 -4.49 -3.07
N GLN A 85 -0.55 -4.00 -4.28
CA GLN A 85 0.08 -4.77 -5.34
C GLN A 85 1.26 -5.57 -4.77
N LEU A 86 2.17 -4.86 -4.14
CA LEU A 86 3.34 -5.48 -3.54
C LEU A 86 2.89 -6.52 -2.52
N LEU A 87 1.89 -6.15 -1.74
CA LEU A 87 1.37 -7.03 -0.72
C LEU A 87 0.91 -8.35 -1.37
N GLN A 88 0.24 -8.21 -2.51
CA GLN A 88 -0.25 -9.36 -3.24
C GLN A 88 0.92 -10.21 -3.74
N GLU A 89 2.08 -9.57 -3.80
CA GLU A 89 3.28 -10.25 -4.27
C GLU A 89 3.98 -10.94 -3.10
N LYS A 90 3.77 -10.39 -1.91
CA LYS A 90 4.38 -10.95 -0.71
C LYS A 90 3.47 -12.05 -0.15
N GLY A 91 2.17 -11.89 -0.40
CA GLY A 91 1.20 -12.87 0.07
C GLY A 91 0.44 -12.34 1.28
N LEU A 92 0.51 -11.02 1.46
CA LEU A 92 -0.17 -10.38 2.57
C LEU A 92 -1.66 -10.25 2.24
N VAL A 93 -1.93 -10.02 0.97
CA VAL A 93 -3.31 -9.88 0.51
C VAL A 93 -3.45 -10.54 -0.85
N PHE A 94 -4.69 -10.53 -1.34
CA PHE A 94 -4.99 -11.12 -2.64
C PHE A 94 -6.33 -10.62 -3.17
N GLN A 95 -6.41 -10.54 -4.50
CA GLN A 95 -7.63 -10.09 -5.14
C GLN A 95 -8.18 -11.19 -6.05
N ARG A 96 -9.42 -11.58 -5.77
CA ARG A 96 -10.08 -12.61 -6.55
C ARG A 96 -10.79 -12.00 -7.75
N ASP A 97 -10.02 -11.26 -8.54
CA ASP A 97 -10.56 -10.62 -9.73
C ASP A 97 -9.59 -9.52 -10.19
N SER A 98 -9.19 -8.69 -9.24
CA SER A 98 -8.28 -7.60 -9.53
C SER A 98 -8.83 -6.75 -10.68
N GLY A 99 -8.20 -5.60 -10.87
CA GLY A 99 -8.63 -4.68 -11.92
C GLY A 99 -8.73 -3.25 -11.39
N SER A 100 -7.75 -2.88 -10.59
CA SER A 100 -7.73 -1.54 -10.01
C SER A 100 -9.15 -1.12 -9.63
N ASP A 101 -9.95 -2.11 -9.27
CA ASP A 101 -11.33 -1.86 -8.88
C ASP A 101 -11.92 -3.12 -8.25
N LYS A 102 -11.14 -3.74 -7.39
CA LYS A 102 -11.56 -4.96 -6.72
C LYS A 102 -11.21 -4.87 -5.24
N LEU A 103 -11.71 -5.84 -4.48
CA LEU A 103 -11.45 -5.89 -3.05
C LEU A 103 -10.09 -6.51 -2.81
N TYR A 104 -9.50 -6.15 -1.68
CA TYR A 104 -8.19 -6.67 -1.32
C TYR A 104 -8.29 -7.60 -0.11
N TYR A 105 -8.46 -8.89 -0.39
CA TYR A 105 -8.57 -9.88 0.65
C TYR A 105 -7.23 -10.11 1.34
N VAL A 106 -7.20 -9.77 2.63
CA VAL A 106 -5.98 -9.93 3.42
C VAL A 106 -5.83 -11.40 3.83
N THR A 107 -4.58 -11.81 4.00
CA THR A 107 -4.29 -13.18 4.39
C THR A 107 -4.98 -13.51 5.72
N THR A 108 -5.49 -14.73 5.79
CA THR A 108 -6.17 -15.19 6.99
C THR A 108 -6.52 -16.67 6.88
N LYS A 109 -7.07 -17.02 5.72
CA LYS A 109 -7.46 -18.41 5.47
C LYS A 109 -7.59 -18.63 3.97
N ASP A 110 -6.45 -18.66 3.29
CA ASP A 110 -6.44 -18.85 1.86
C ASP A 110 -5.24 -19.74 1.49
N LYS A 111 -5.46 -21.04 1.60
CA LYS A 111 -4.41 -22.00 1.28
C LYS A 111 -4.97 -23.02 0.28
N ASP A 112 -4.13 -24.01 -0.03
CA ASP A 112 -4.52 -25.06 -0.96
C ASP A 112 -5.87 -25.64 -0.54
N LEU A 113 -6.01 -25.80 0.77
CA LEU A 113 -7.24 -26.35 1.32
C LEU A 113 -7.35 -27.82 0.93
N GLN A 114 -7.94 -28.60 1.83
CA GLN A 114 -8.12 -30.02 1.59
C GLN A 114 -9.59 -30.33 1.30
N SER A 115 -9.81 -31.56 0.85
CA SER A 115 -11.17 -32.00 0.52
C SER A 115 -12.15 -31.44 1.56
N GLY A 116 -13.33 -31.08 1.06
CA GLY A 116 -14.37 -30.54 1.93
C GLY A 116 -15.51 -29.93 1.11
N PRO A 117 -16.63 -29.63 1.82
CA PRO A 117 -17.78 -29.04 1.16
C PRO A 117 -17.54 -27.56 0.84
N SER A 118 -16.86 -27.34 -0.28
CA SER A 118 -16.56 -25.99 -0.70
C SER A 118 -15.95 -26.00 -2.11
N SER A 119 -15.80 -24.82 -2.67
CA SER A 119 -15.24 -24.69 -4.00
C SER A 119 -14.55 -23.33 -4.15
N GLY A 120 -13.49 -23.32 -4.94
CA GLY A 120 -12.74 -22.09 -5.17
C GLY A 120 -11.57 -22.34 -6.12
N GLY A 1 42.79 -8.99 1.61
CA GLY A 1 42.21 -7.82 1.00
C GLY A 1 40.75 -7.64 1.43
N SER A 2 40.22 -6.47 1.14
CA SER A 2 38.84 -6.16 1.48
C SER A 2 38.41 -4.86 0.81
N SER A 3 37.16 -4.86 0.36
CA SER A 3 36.60 -3.68 -0.31
C SER A 3 35.45 -3.12 0.51
N GLY A 4 35.09 -1.88 0.20
CA GLY A 4 34.01 -1.21 0.89
C GLY A 4 34.30 0.28 1.08
N SER A 5 33.24 1.03 1.31
CA SER A 5 33.38 2.47 1.51
C SER A 5 32.39 2.94 2.58
N SER A 6 31.11 2.71 2.30
CA SER A 6 30.05 3.11 3.22
C SER A 6 30.00 4.64 3.32
N GLY A 7 28.80 5.13 3.59
CA GLY A 7 28.59 6.56 3.71
C GLY A 7 28.11 7.16 2.39
N ASN A 8 26.83 7.45 2.33
CA ASN A 8 26.23 8.02 1.13
C ASN A 8 24.73 8.22 1.35
N LYS A 9 24.15 9.08 0.52
CA LYS A 9 22.73 9.37 0.62
C LYS A 9 21.94 8.12 0.23
N ASP A 10 20.62 8.21 0.42
CA ASP A 10 19.75 7.10 0.10
C ASP A 10 18.65 7.58 -0.84
N ASN A 11 17.88 8.56 -0.36
CA ASN A 11 16.81 9.12 -1.15
C ASN A 11 15.66 8.10 -1.24
N LEU A 12 14.54 8.56 -1.77
CA LEU A 12 13.37 7.71 -1.92
C LEU A 12 12.76 7.92 -3.29
N ASP A 13 11.71 7.15 -3.57
CA ASP A 13 11.04 7.25 -4.85
C ASP A 13 9.65 6.62 -4.73
N LEU A 14 8.73 7.11 -5.57
CA LEU A 14 7.37 6.60 -5.56
C LEU A 14 7.40 5.08 -5.36
N ALA A 15 8.43 4.46 -5.91
CA ALA A 15 8.59 3.01 -5.79
C ALA A 15 9.12 2.68 -4.40
N GLY A 16 10.18 3.38 -4.03
CA GLY A 16 10.80 3.16 -2.72
C GLY A 16 9.81 3.44 -1.59
N LEU A 17 9.28 4.65 -1.59
CA LEU A 17 8.33 5.05 -0.57
C LEU A 17 7.17 4.05 -0.54
N THR A 18 6.77 3.61 -1.72
CA THR A 18 5.69 2.65 -1.84
C THR A 18 6.04 1.35 -1.11
N SER A 19 7.13 0.74 -1.56
CA SER A 19 7.59 -0.50 -0.96
C SER A 19 7.39 -0.46 0.56
N LEU A 20 7.58 0.73 1.11
CA LEU A 20 7.42 0.93 2.54
C LEU A 20 5.94 0.84 2.91
N LEU A 21 5.15 1.66 2.23
CA LEU A 21 3.72 1.69 2.47
C LEU A 21 3.20 0.26 2.65
N SER A 22 3.57 -0.59 1.71
CA SER A 22 3.16 -1.98 1.75
C SER A 22 3.11 -2.47 3.20
N GLU A 23 4.26 -2.38 3.86
CA GLU A 23 4.36 -2.80 5.25
C GLU A 23 3.38 -2.00 6.12
N LYS A 24 3.24 -0.74 5.77
CA LYS A 24 2.35 0.15 6.51
C LYS A 24 0.91 -0.34 6.37
N ILE A 25 0.49 -0.47 5.11
CA ILE A 25 -0.86 -0.92 4.82
C ILE A 25 -1.06 -2.31 5.43
N LYS A 26 -0.11 -3.19 5.15
CA LYS A 26 -0.17 -4.55 5.66
C LYS A 26 -0.31 -4.52 7.18
N GLU A 27 0.42 -3.58 7.79
CA GLU A 27 0.40 -3.44 9.23
C GLU A 27 -1.03 -3.09 9.70
N PHE A 28 -1.66 -2.21 8.95
CA PHE A 28 -3.02 -1.79 9.28
C PHE A 28 -3.96 -2.99 9.34
N LEU A 29 -3.71 -3.94 8.46
CA LEU A 29 -4.53 -5.14 8.40
C LEU A 29 -4.42 -5.89 9.74
N GLN A 30 -3.19 -6.07 10.19
CA GLN A 30 -2.94 -6.76 11.44
C GLN A 30 -3.41 -5.90 12.62
N GLU A 31 -3.64 -4.64 12.33
CA GLU A 31 -4.08 -3.70 13.35
C GLU A 31 -5.60 -3.80 13.53
N LYS A 32 -6.30 -3.86 12.41
CA LYS A 32 -7.75 -3.96 12.44
C LYS A 32 -8.16 -5.44 12.43
N LYS A 33 -7.26 -6.26 11.94
CA LYS A 33 -7.51 -7.70 11.87
C LYS A 33 -8.76 -7.96 11.04
N MET A 34 -8.63 -7.67 9.75
CA MET A 34 -9.74 -7.86 8.82
C MET A 34 -9.46 -9.02 7.87
N GLN A 35 -10.44 -9.29 7.02
CA GLN A 35 -10.32 -10.37 6.05
C GLN A 35 -10.54 -9.84 4.64
N SER A 36 -10.91 -8.58 4.57
CA SER A 36 -11.17 -7.93 3.28
C SER A 36 -11.30 -6.42 3.47
N PHE A 37 -10.78 -5.70 2.49
CA PHE A 37 -10.81 -4.25 2.53
C PHE A 37 -10.54 -3.65 1.16
N TYR A 38 -10.93 -2.39 0.99
CA TYR A 38 -10.72 -1.70 -0.27
C TYR A 38 -9.65 -0.61 -0.12
N GLN A 39 -9.01 -0.31 -1.24
CA GLN A 39 -7.96 0.70 -1.26
C GLN A 39 -8.46 1.99 -0.60
N GLN A 40 -9.75 2.24 -0.77
CA GLN A 40 -10.36 3.43 -0.20
C GLN A 40 -10.44 3.31 1.33
N GLU A 41 -10.80 2.11 1.77
CA GLU A 41 -10.91 1.85 3.20
C GLU A 41 -9.59 2.17 3.90
N LEU A 42 -8.54 2.25 3.10
CA LEU A 42 -7.22 2.56 3.63
C LEU A 42 -6.87 4.01 3.33
N GLU A 43 -7.58 4.58 2.35
CA GLU A 43 -7.36 5.94 1.95
C GLU A 43 -7.78 6.91 3.07
N THR A 44 -8.38 6.33 4.10
CA THR A 44 -8.83 7.11 5.23
C THR A 44 -7.94 6.86 6.45
N VAL A 45 -6.98 5.97 6.27
CA VAL A 45 -6.06 5.62 7.34
C VAL A 45 -4.90 6.63 7.34
N GLU A 46 -5.06 7.66 8.16
CA GLU A 46 -4.04 8.69 8.27
C GLU A 46 -2.66 8.05 8.41
N SER A 47 -2.52 7.25 9.45
CA SER A 47 -1.25 6.58 9.71
C SER A 47 -0.66 6.05 8.41
N LEU A 48 -1.55 5.75 7.47
CA LEU A 48 -1.14 5.23 6.18
C LEU A 48 -0.92 6.40 5.21
N GLN A 49 -2.01 7.14 4.98
CA GLN A 49 -1.95 8.28 4.08
C GLN A 49 -0.68 9.09 4.34
N SER A 50 -0.43 9.34 5.62
CA SER A 50 0.74 10.11 6.01
C SER A 50 1.96 9.63 5.22
N LEU A 51 1.91 8.38 4.80
CA LEU A 51 3.00 7.80 4.04
C LEU A 51 2.66 7.83 2.55
N ALA A 52 1.44 7.37 2.25
CA ALA A 52 0.98 7.34 0.87
C ALA A 52 0.92 8.77 0.33
N SER A 53 1.11 9.73 1.23
CA SER A 53 1.08 11.13 0.86
C SER A 53 2.48 11.74 1.02
N ARG A 54 3.30 11.06 1.79
CA ARG A 54 4.66 11.53 2.03
C ARG A 54 5.28 12.05 0.73
N PRO A 55 6.34 12.88 0.90
CA PRO A 55 7.03 13.46 -0.25
C PRO A 55 7.91 12.40 -0.93
N VAL A 56 8.40 12.77 -2.11
CA VAL A 56 9.26 11.88 -2.86
C VAL A 56 9.36 12.37 -4.31
N THR A 57 10.49 12.08 -4.93
CA THR A 57 10.71 12.49 -6.31
C THR A 57 10.05 11.50 -7.26
N HIS A 58 9.13 12.02 -8.07
CA HIS A 58 8.43 11.19 -9.03
C HIS A 58 7.51 12.07 -9.88
N SER A 59 6.97 11.47 -10.93
CA SER A 59 6.07 12.18 -11.82
C SER A 59 4.82 12.63 -11.07
N THR A 60 3.91 13.26 -11.81
CA THR A 60 2.67 13.74 -11.23
C THR A 60 1.47 13.17 -11.98
N GLY A 61 0.31 13.29 -11.36
CA GLY A 61 -0.92 12.79 -11.96
C GLY A 61 -2.15 13.44 -11.32
N SER A 62 -3.29 12.84 -11.57
CA SER A 62 -4.54 13.34 -11.03
C SER A 62 -5.59 12.24 -11.01
N ASP A 63 -6.72 12.54 -10.37
CA ASP A 63 -7.80 11.57 -10.27
C ASP A 63 -9.10 12.31 -9.92
N GLN A 64 -10.21 11.75 -10.37
CA GLN A 64 -11.50 12.34 -10.11
C GLN A 64 -11.82 12.27 -8.61
N VAL A 65 -11.20 13.17 -7.87
CA VAL A 65 -11.40 13.22 -6.42
C VAL A 65 -11.07 14.63 -5.92
N GLU A 66 -11.98 15.16 -5.12
CA GLU A 66 -11.80 16.49 -4.57
C GLU A 66 -11.99 16.47 -3.05
N LEU A 67 -11.22 15.61 -2.40
CA LEU A 67 -11.31 15.47 -0.96
C LEU A 67 -11.25 16.86 -0.32
N LYS A 68 -10.12 17.52 -0.52
CA LYS A 68 -9.94 18.86 0.04
C LYS A 68 -9.49 19.80 -1.08
N ASP A 69 -10.28 19.84 -2.13
CA ASP A 69 -9.98 20.71 -3.27
C ASP A 69 -8.52 20.50 -3.68
N SER A 70 -8.32 19.53 -4.56
CA SER A 70 -6.99 19.21 -5.04
C SER A 70 -5.98 19.29 -3.89
N GLY A 71 -5.79 18.16 -3.23
CA GLY A 71 -4.86 18.10 -2.11
C GLY A 71 -4.14 16.74 -2.07
N THR A 72 -3.25 16.55 -3.03
CA THR A 72 -2.50 15.31 -3.12
C THR A 72 -3.40 14.12 -2.77
N SER A 73 -4.05 13.60 -3.79
CA SER A 73 -4.93 12.45 -3.61
C SER A 73 -4.63 11.38 -4.65
N GLY A 74 -4.80 11.76 -5.91
CA GLY A 74 -4.56 10.85 -7.01
C GLY A 74 -3.22 10.14 -6.84
N VAL A 75 -2.24 10.90 -6.38
CA VAL A 75 -0.91 10.36 -6.18
C VAL A 75 -0.97 9.24 -5.13
N ALA A 76 -1.37 9.62 -3.93
CA ALA A 76 -1.49 8.67 -2.84
C ALA A 76 -2.30 7.46 -3.31
N GLN A 77 -3.24 7.72 -4.19
CA GLN A 77 -4.09 6.67 -4.72
C GLN A 77 -3.25 5.65 -5.50
N ARG A 78 -2.04 6.08 -5.85
CA ARG A 78 -1.13 5.21 -6.58
C ARG A 78 -0.20 4.48 -5.62
N VAL A 79 0.08 5.13 -4.50
CA VAL A 79 0.94 4.54 -3.49
C VAL A 79 0.16 3.49 -2.69
N PHE A 80 -1.13 3.75 -2.53
CA PHE A 80 -1.99 2.84 -1.80
C PHE A 80 -2.34 1.62 -2.64
N LYS A 81 -2.39 1.83 -3.96
CA LYS A 81 -2.70 0.75 -4.88
C LYS A 81 -1.42 -0.01 -5.22
N ASN A 82 -0.34 0.75 -5.35
CA ASN A 82 0.95 0.16 -5.69
C ASN A 82 1.48 -0.62 -4.48
N ALA A 83 1.37 0.01 -3.32
CA ALA A 83 1.83 -0.61 -2.09
C ALA A 83 1.09 -1.93 -1.88
N LEU A 84 -0.21 -1.89 -2.15
CA LEU A 84 -1.04 -3.07 -2.00
C LEU A 84 -0.56 -4.16 -2.97
N GLN A 85 -0.07 -3.71 -4.11
CA GLN A 85 0.42 -4.62 -5.12
C GLN A 85 1.51 -5.52 -4.54
N LEU A 86 2.55 -4.87 -4.04
CA LEU A 86 3.67 -5.60 -3.46
C LEU A 86 3.14 -6.64 -2.47
N LEU A 87 2.15 -6.22 -1.70
CA LEU A 87 1.55 -7.10 -0.70
C LEU A 87 1.09 -8.39 -1.40
N GLN A 88 0.47 -8.22 -2.55
CA GLN A 88 -0.02 -9.35 -3.31
C GLN A 88 1.15 -10.21 -3.81
N GLU A 89 2.31 -9.58 -3.86
CA GLU A 89 3.51 -10.27 -4.30
C GLU A 89 4.18 -10.99 -3.13
N LYS A 90 4.01 -10.42 -1.95
CA LYS A 90 4.59 -11.01 -0.75
C LYS A 90 3.66 -12.09 -0.22
N GLY A 91 2.36 -11.90 -0.48
CA GLY A 91 1.36 -12.85 -0.03
C GLY A 91 0.58 -12.31 1.18
N LEU A 92 0.71 -11.01 1.38
CA LEU A 92 0.02 -10.35 2.48
C LEU A 92 -1.46 -10.20 2.14
N VAL A 93 -1.72 -10.02 0.85
CA VAL A 93 -3.09 -9.86 0.39
C VAL A 93 -3.23 -10.50 -1.00
N PHE A 94 -4.47 -10.56 -1.47
CA PHE A 94 -4.75 -11.14 -2.77
C PHE A 94 -6.14 -10.74 -3.27
N GLN A 95 -6.25 -10.58 -4.58
CA GLN A 95 -7.51 -10.19 -5.18
C GLN A 95 -8.01 -11.30 -6.11
N ARG A 96 -9.30 -11.57 -6.02
CA ARG A 96 -9.91 -12.60 -6.85
C ARG A 96 -10.54 -11.97 -8.09
N ASP A 97 -11.29 -10.89 -7.85
CA ASP A 97 -11.95 -10.19 -8.93
C ASP A 97 -10.91 -9.45 -9.77
N SER A 98 -9.77 -9.21 -9.16
CA SER A 98 -8.69 -8.50 -9.84
C SER A 98 -9.18 -7.15 -10.35
N GLY A 99 -8.23 -6.31 -10.73
CA GLY A 99 -8.56 -4.99 -11.23
C GLY A 99 -8.21 -3.91 -10.21
N SER A 100 -7.87 -2.73 -10.73
CA SER A 100 -7.51 -1.61 -9.87
C SER A 100 -8.75 -1.13 -9.11
N ASP A 101 -8.52 -0.75 -7.86
CA ASP A 101 -9.60 -0.26 -7.02
C ASP A 101 -10.62 -1.39 -6.79
N LYS A 102 -10.10 -2.51 -6.32
CA LYS A 102 -10.95 -3.67 -6.06
C LYS A 102 -10.77 -4.10 -4.59
N LEU A 103 -11.56 -5.09 -4.21
CA LEU A 103 -11.50 -5.60 -2.84
C LEU A 103 -10.24 -6.47 -2.69
N TYR A 104 -9.43 -6.10 -1.70
CA TYR A 104 -8.21 -6.84 -1.44
C TYR A 104 -8.37 -7.75 -0.23
N TYR A 105 -8.30 -9.05 -0.49
CA TYR A 105 -8.44 -10.03 0.57
C TYR A 105 -7.13 -10.20 1.34
N VAL A 106 -7.21 -10.01 2.65
CA VAL A 106 -6.03 -10.14 3.50
C VAL A 106 -5.59 -11.59 3.52
N THR A 107 -4.36 -11.80 3.97
CA THR A 107 -3.79 -13.14 4.04
C THR A 107 -4.10 -13.76 5.40
N THR A 108 -3.50 -14.93 5.63
CA THR A 108 -3.70 -15.64 6.87
C THR A 108 -3.78 -14.66 8.04
N LYS A 109 -2.71 -13.91 8.22
CA LYS A 109 -2.64 -12.93 9.29
C LYS A 109 -2.58 -13.65 10.64
N ASP A 110 -1.37 -14.07 10.99
CA ASP A 110 -1.17 -14.78 12.25
C ASP A 110 -1.93 -14.06 13.36
N LYS A 111 -3.05 -14.65 13.74
CA LYS A 111 -3.88 -14.08 14.80
C LYS A 111 -3.41 -14.60 16.15
N ASP A 112 -4.10 -14.18 17.19
CA ASP A 112 -3.76 -14.59 18.54
C ASP A 112 -4.93 -14.28 19.47
N LEU A 113 -4.89 -14.89 20.65
CA LEU A 113 -5.93 -14.68 21.64
C LEU A 113 -6.33 -13.21 21.66
N GLN A 114 -7.54 -12.94 21.18
CA GLN A 114 -8.04 -11.58 21.14
C GLN A 114 -9.47 -11.57 20.60
N SER A 115 -10.18 -10.48 20.92
CA SER A 115 -11.55 -10.33 20.47
C SER A 115 -11.66 -10.67 18.99
N GLY A 116 -10.97 -9.87 18.18
CA GLY A 116 -10.98 -10.06 16.74
C GLY A 116 -12.40 -9.97 16.19
N PRO A 117 -12.77 -8.74 15.77
CA PRO A 117 -14.10 -8.51 15.22
C PRO A 117 -14.21 -9.05 13.79
N SER A 118 -15.42 -9.02 13.27
CA SER A 118 -15.68 -9.51 11.93
C SER A 118 -17.11 -9.17 11.50
N SER A 119 -17.32 -9.17 10.20
CA SER A 119 -18.63 -8.87 9.66
C SER A 119 -18.82 -9.59 8.32
N GLY A 120 -20.08 -9.83 7.98
CA GLY A 120 -20.42 -10.51 6.74
C GLY A 120 -19.87 -9.74 5.54
N GLY A 1 34.77 13.47 27.53
CA GLY A 1 34.77 13.00 26.15
C GLY A 1 33.37 12.61 25.71
N SER A 2 33.18 12.56 24.40
CA SER A 2 31.89 12.21 23.84
C SER A 2 31.95 12.24 22.31
N SER A 3 31.11 11.44 21.69
CA SER A 3 31.07 11.36 20.24
C SER A 3 29.79 10.64 19.79
N GLY A 4 29.56 10.67 18.49
CA GLY A 4 28.39 10.02 17.92
C GLY A 4 28.63 9.64 16.46
N SER A 5 27.55 9.23 15.81
CA SER A 5 27.63 8.83 14.41
C SER A 5 26.23 8.48 13.89
N SER A 6 25.98 8.92 12.66
CA SER A 6 24.69 8.67 12.04
C SER A 6 24.63 9.33 10.66
N GLY A 7 23.75 8.82 9.82
CA GLY A 7 23.59 9.35 8.48
C GLY A 7 22.60 8.52 7.67
N ASN A 8 22.31 9.01 6.47
CA ASN A 8 21.38 8.32 5.59
C ASN A 8 22.00 8.21 4.19
N LYS A 9 21.36 7.39 3.37
CA LYS A 9 21.84 7.18 2.01
C LYS A 9 20.72 6.57 1.17
N ASP A 10 20.99 6.43 -0.12
CA ASP A 10 20.01 5.86 -1.03
C ASP A 10 18.74 6.71 -1.01
N ASN A 11 18.49 7.39 -2.12
CA ASN A 11 17.31 8.23 -2.24
C ASN A 11 16.05 7.35 -2.25
N LEU A 12 14.91 8.02 -2.25
CA LEU A 12 13.64 7.31 -2.26
C LEU A 12 12.91 7.62 -3.57
N ASP A 13 11.74 7.00 -3.71
CA ASP A 13 10.93 7.19 -4.90
C ASP A 13 9.53 6.63 -4.65
N LEU A 14 8.58 7.16 -5.41
CA LEU A 14 7.19 6.73 -5.28
C LEU A 14 7.16 5.22 -5.02
N ALA A 15 8.03 4.51 -5.73
CA ALA A 15 8.11 3.07 -5.59
C ALA A 15 8.85 2.72 -4.30
N GLY A 16 9.98 3.39 -4.12
CA GLY A 16 10.81 3.16 -2.94
C GLY A 16 10.00 3.41 -1.66
N LEU A 17 9.44 4.61 -1.59
CA LEU A 17 8.65 5.01 -0.43
C LEU A 17 7.42 4.09 -0.34
N THR A 18 6.99 3.62 -1.49
CA THR A 18 5.83 2.75 -1.54
C THR A 18 6.13 1.41 -0.87
N SER A 19 7.25 0.81 -1.28
CA SER A 19 7.66 -0.47 -0.72
C SER A 19 7.37 -0.50 0.77
N LEU A 20 7.57 0.64 1.41
CA LEU A 20 7.33 0.76 2.84
C LEU A 20 5.82 0.76 3.11
N LEU A 21 5.14 1.70 2.45
CA LEU A 21 3.70 1.82 2.61
C LEU A 21 3.07 0.43 2.60
N SER A 22 3.55 -0.40 1.68
CA SER A 22 3.05 -1.75 1.56
C SER A 22 2.79 -2.35 2.94
N GLU A 23 3.84 -2.34 3.75
CA GLU A 23 3.74 -2.88 5.10
C GLU A 23 2.73 -2.06 5.92
N LYS A 24 2.73 -0.76 5.68
CA LYS A 24 1.82 0.13 6.39
C LYS A 24 0.39 -0.36 6.20
N ILE A 25 0.09 -0.80 4.98
CA ILE A 25 -1.23 -1.30 4.67
C ILE A 25 -1.43 -2.66 5.32
N LYS A 26 -0.48 -3.54 5.09
CA LYS A 26 -0.54 -4.88 5.66
C LYS A 26 -0.66 -4.78 7.18
N GLU A 27 0.05 -3.82 7.74
CA GLU A 27 0.02 -3.61 9.18
C GLU A 27 -1.36 -3.16 9.62
N PHE A 28 -1.92 -2.23 8.85
CA PHE A 28 -3.24 -1.70 9.16
C PHE A 28 -4.25 -2.84 9.38
N LEU A 29 -4.06 -3.90 8.61
CA LEU A 29 -4.95 -5.05 8.71
C LEU A 29 -4.75 -5.72 10.07
N GLN A 30 -3.49 -5.90 10.44
CA GLN A 30 -3.16 -6.52 11.71
C GLN A 30 -3.67 -5.65 12.87
N GLU A 31 -4.02 -4.42 12.53
CA GLU A 31 -4.52 -3.50 13.54
C GLU A 31 -6.05 -3.53 13.59
N LYS A 32 -6.64 -3.45 12.40
CA LYS A 32 -8.09 -3.48 12.30
C LYS A 32 -8.58 -4.92 12.41
N LYS A 33 -7.65 -5.84 12.23
CA LYS A 33 -7.97 -7.26 12.30
C LYS A 33 -9.06 -7.58 11.27
N MET A 34 -8.68 -7.45 10.00
CA MET A 34 -9.61 -7.72 8.92
C MET A 34 -8.99 -8.67 7.90
N GLN A 35 -9.84 -9.51 7.33
CA GLN A 35 -9.38 -10.47 6.33
C GLN A 35 -9.83 -10.03 4.93
N SER A 36 -10.35 -8.82 4.86
CA SER A 36 -10.82 -8.28 3.60
C SER A 36 -11.07 -6.78 3.73
N PHE A 37 -10.63 -6.04 2.72
CA PHE A 37 -10.80 -4.60 2.71
C PHE A 37 -10.51 -4.01 1.32
N TYR A 38 -10.57 -2.70 1.25
CA TYR A 38 -10.32 -2.01 0.00
C TYR A 38 -9.26 -0.91 0.17
N GLN A 39 -8.50 -0.69 -0.88
CA GLN A 39 -7.46 0.33 -0.86
C GLN A 39 -8.06 1.68 -0.44
N GLN A 40 -9.34 1.81 -0.67
CA GLN A 40 -10.04 3.05 -0.32
C GLN A 40 -10.26 3.12 1.20
N GLU A 41 -10.04 1.99 1.84
CA GLU A 41 -10.20 1.91 3.29
C GLU A 41 -8.94 2.40 3.99
N LEU A 42 -7.87 2.51 3.21
CA LEU A 42 -6.59 2.96 3.74
C LEU A 42 -6.32 4.39 3.26
N GLU A 43 -6.99 4.75 2.19
CA GLU A 43 -6.83 6.08 1.61
C GLU A 43 -7.34 7.14 2.58
N THR A 44 -8.31 6.73 3.40
CA THR A 44 -8.90 7.63 4.38
C THR A 44 -8.19 7.49 5.72
N VAL A 45 -7.23 6.57 5.77
CA VAL A 45 -6.48 6.32 6.98
C VAL A 45 -5.26 7.24 7.01
N GLU A 46 -5.32 8.25 7.87
CA GLU A 46 -4.24 9.20 8.01
C GLU A 46 -2.91 8.46 8.13
N SER A 47 -2.85 7.56 9.09
CA SER A 47 -1.64 6.79 9.32
C SER A 47 -0.99 6.43 7.98
N LEU A 48 -1.80 5.86 7.10
CA LEU A 48 -1.31 5.48 5.79
C LEU A 48 -0.95 6.73 4.98
N GLN A 49 -1.97 7.52 4.68
CA GLN A 49 -1.78 8.73 3.93
C GLN A 49 -0.47 9.43 4.35
N SER A 50 -0.31 9.56 5.66
CA SER A 50 0.87 10.18 6.21
C SER A 50 2.11 9.70 5.46
N LEU A 51 2.02 8.49 4.94
CA LEU A 51 3.12 7.90 4.20
C LEU A 51 2.86 8.03 2.70
N ALA A 52 1.67 7.62 2.30
CA ALA A 52 1.28 7.70 0.90
C ALA A 52 1.29 9.16 0.45
N SER A 53 1.46 10.04 1.42
CA SER A 53 1.50 11.46 1.13
C SER A 53 2.91 12.00 1.30
N ARG A 54 3.69 11.29 2.09
CA ARG A 54 5.08 11.67 2.33
C ARG A 54 5.72 12.20 1.04
N PRO A 55 6.81 12.98 1.22
CA PRO A 55 7.52 13.54 0.08
C PRO A 55 8.36 12.46 -0.62
N VAL A 56 8.81 12.81 -1.82
CA VAL A 56 9.62 11.89 -2.61
C VAL A 56 9.72 12.42 -4.05
N THR A 57 10.83 12.07 -4.68
CA THR A 57 11.07 12.51 -6.05
C THR A 57 10.48 11.49 -7.03
N HIS A 58 9.22 11.70 -7.37
CA HIS A 58 8.52 10.82 -8.29
C HIS A 58 8.11 11.60 -9.54
N SER A 59 7.64 10.87 -10.54
CA SER A 59 7.21 11.48 -11.78
C SER A 59 6.01 10.72 -12.35
N THR A 60 4.82 11.24 -12.04
CA THR A 60 3.60 10.63 -12.50
C THR A 60 2.41 11.58 -12.31
N GLY A 61 1.30 11.21 -12.90
CA GLY A 61 0.09 12.02 -12.80
C GLY A 61 -1.15 11.20 -13.15
N SER A 62 -2.26 11.57 -12.53
CA SER A 62 -3.52 10.88 -12.76
C SER A 62 -4.61 11.44 -11.84
N ASP A 63 -5.82 10.95 -12.03
CA ASP A 63 -6.95 11.39 -11.24
C ASP A 63 -8.25 10.90 -11.88
N GLN A 64 -8.97 10.09 -11.12
CA GLN A 64 -10.23 9.55 -11.59
C GLN A 64 -11.37 10.53 -11.33
N VAL A 65 -10.98 11.75 -10.98
CA VAL A 65 -11.97 12.79 -10.70
C VAL A 65 -13.16 12.17 -9.96
N GLU A 66 -12.88 11.69 -8.76
CA GLU A 66 -13.91 11.07 -7.95
C GLU A 66 -13.45 11.00 -6.48
N LEU A 67 -13.44 12.16 -5.84
CA LEU A 67 -13.02 12.23 -4.45
C LEU A 67 -13.40 13.60 -3.88
N LYS A 68 -13.79 13.59 -2.61
CA LYS A 68 -14.18 14.82 -1.94
C LYS A 68 -12.97 15.73 -1.80
N ASP A 69 -13.24 17.01 -1.62
CA ASP A 69 -12.18 17.99 -1.46
C ASP A 69 -11.24 17.92 -2.67
N SER A 70 -10.41 18.94 -2.80
CA SER A 70 -9.45 19.00 -3.89
C SER A 70 -8.05 19.23 -3.35
N GLY A 71 -7.07 19.06 -4.24
CA GLY A 71 -5.68 19.23 -3.86
C GLY A 71 -4.93 17.90 -3.89
N THR A 72 -3.77 17.89 -3.23
CA THR A 72 -2.95 16.69 -3.18
C THR A 72 -3.70 15.58 -2.45
N SER A 73 -3.56 14.37 -2.99
CA SER A 73 -4.21 13.21 -2.40
C SER A 73 -4.16 12.04 -3.38
N GLY A 74 -4.57 12.31 -4.60
CA GLY A 74 -4.58 11.28 -5.63
C GLY A 74 -3.25 10.51 -5.66
N VAL A 75 -2.17 11.28 -5.67
CA VAL A 75 -0.84 10.68 -5.68
C VAL A 75 -0.80 9.50 -4.71
N ALA A 76 -1.40 9.71 -3.55
CA ALA A 76 -1.43 8.68 -2.53
C ALA A 76 -2.18 7.46 -3.07
N GLN A 77 -3.29 7.74 -3.73
CA GLN A 77 -4.10 6.68 -4.30
C GLN A 77 -3.24 5.75 -5.17
N ARG A 78 -2.10 6.28 -5.59
CA ARG A 78 -1.18 5.52 -6.41
C ARG A 78 -0.20 4.74 -5.54
N VAL A 79 0.13 5.33 -4.40
CA VAL A 79 1.05 4.70 -3.47
C VAL A 79 0.33 3.60 -2.70
N PHE A 80 -0.92 3.87 -2.38
CA PHE A 80 -1.73 2.91 -1.65
C PHE A 80 -1.95 1.64 -2.47
N LYS A 81 -2.36 1.84 -3.71
CA LYS A 81 -2.61 0.72 -4.61
C LYS A 81 -1.30 0.01 -4.91
N ASN A 82 -0.27 0.81 -5.17
CA ASN A 82 1.04 0.28 -5.47
C ASN A 82 1.54 -0.55 -4.28
N ALA A 83 1.35 0.01 -3.09
CA ALA A 83 1.77 -0.66 -1.87
C ALA A 83 1.16 -2.06 -1.83
N LEU A 84 -0.13 -2.12 -2.11
CA LEU A 84 -0.85 -3.38 -2.11
C LEU A 84 -0.18 -4.34 -3.10
N GLN A 85 0.02 -3.85 -4.30
CA GLN A 85 0.65 -4.64 -5.35
C GLN A 85 1.76 -5.50 -4.76
N LEU A 86 2.70 -4.83 -4.11
CA LEU A 86 3.83 -5.53 -3.49
C LEU A 86 3.29 -6.62 -2.56
N LEU A 87 2.32 -6.23 -1.74
CA LEU A 87 1.73 -7.15 -0.79
C LEU A 87 1.34 -8.44 -1.52
N GLN A 88 0.73 -8.27 -2.68
CA GLN A 88 0.30 -9.41 -3.49
C GLN A 88 1.52 -10.21 -3.94
N GLU A 89 2.65 -9.53 -4.01
CA GLU A 89 3.89 -10.17 -4.44
C GLU A 89 4.51 -10.95 -3.27
N LYS A 90 4.34 -10.39 -2.08
CA LYS A 90 4.88 -11.01 -0.88
C LYS A 90 3.94 -12.15 -0.44
N GLY A 91 2.67 -11.99 -0.77
CA GLY A 91 1.68 -12.98 -0.42
C GLY A 91 0.84 -12.53 0.78
N LEU A 92 0.90 -11.24 1.05
CA LEU A 92 0.16 -10.67 2.16
C LEU A 92 -1.32 -10.56 1.78
N VAL A 93 -1.56 -10.23 0.51
CA VAL A 93 -2.91 -10.10 0.02
C VAL A 93 -2.99 -10.71 -1.39
N PHE A 94 -4.21 -10.71 -1.92
CA PHE A 94 -4.43 -11.25 -3.25
C PHE A 94 -5.78 -10.78 -3.81
N GLN A 95 -5.80 -10.59 -5.13
CA GLN A 95 -7.01 -10.14 -5.79
C GLN A 95 -7.62 -11.29 -6.61
N ARG A 96 -8.90 -11.53 -6.36
CA ARG A 96 -9.62 -12.59 -7.06
C ARG A 96 -10.47 -11.99 -8.18
N ASP A 97 -11.48 -11.23 -7.77
CA ASP A 97 -12.37 -10.60 -8.73
C ASP A 97 -11.55 -9.83 -9.76
N SER A 98 -10.35 -9.46 -9.35
CA SER A 98 -9.46 -8.72 -10.23
C SER A 98 -10.10 -7.37 -10.61
N GLY A 99 -9.28 -6.35 -10.67
CA GLY A 99 -9.75 -5.02 -11.03
C GLY A 99 -9.20 -3.97 -10.06
N SER A 100 -9.21 -2.72 -10.53
CA SER A 100 -8.72 -1.62 -9.72
C SER A 100 -9.53 -1.53 -8.42
N ASP A 101 -10.76 -1.06 -8.56
CA ASP A 101 -11.63 -0.92 -7.41
C ASP A 101 -12.22 -2.28 -7.05
N LYS A 102 -11.39 -3.10 -6.43
CA LYS A 102 -11.80 -4.44 -6.02
C LYS A 102 -11.38 -4.68 -4.58
N LEU A 103 -11.98 -5.70 -3.98
CA LEU A 103 -11.67 -6.05 -2.61
C LEU A 103 -10.33 -6.77 -2.56
N TYR A 104 -9.45 -6.26 -1.69
CA TYR A 104 -8.12 -6.84 -1.54
C TYR A 104 -8.09 -7.83 -0.38
N TYR A 105 -8.09 -9.12 -0.74
CA TYR A 105 -8.06 -10.17 0.26
C TYR A 105 -6.67 -10.28 0.90
N VAL A 106 -6.66 -10.24 2.23
CA VAL A 106 -5.42 -10.33 2.97
C VAL A 106 -5.26 -11.75 3.51
N THR A 107 -4.02 -12.18 3.59
CA THR A 107 -3.72 -13.52 4.10
C THR A 107 -4.64 -13.86 5.27
N THR A 108 -5.02 -15.12 5.35
CA THR A 108 -5.89 -15.59 6.40
C THR A 108 -5.49 -14.96 7.74
N LYS A 109 -4.18 -14.98 7.99
CA LYS A 109 -3.66 -14.42 9.23
C LYS A 109 -4.46 -14.96 10.41
N ASP A 110 -3.95 -16.05 10.97
CA ASP A 110 -4.62 -16.68 12.11
C ASP A 110 -5.13 -15.59 13.05
N LYS A 111 -6.43 -15.31 12.94
CA LYS A 111 -7.06 -14.30 13.77
C LYS A 111 -8.11 -14.96 14.64
N ASP A 112 -8.93 -14.12 15.28
CA ASP A 112 -9.98 -14.61 16.15
C ASP A 112 -11.23 -14.90 15.31
N LEU A 113 -11.40 -16.16 14.99
CA LEU A 113 -12.55 -16.58 14.19
C LEU A 113 -12.42 -16.03 12.78
N GLN A 114 -13.41 -16.33 11.95
CA GLN A 114 -13.41 -15.86 10.57
C GLN A 114 -14.85 -15.61 10.10
N SER A 115 -15.22 -14.35 10.06
CA SER A 115 -16.55 -13.95 9.63
C SER A 115 -16.88 -14.62 8.30
N GLY A 116 -18.07 -14.33 7.80
CA GLY A 116 -18.52 -14.89 6.54
C GLY A 116 -18.78 -13.78 5.51
N PRO A 117 -18.58 -14.14 4.22
CA PRO A 117 -18.78 -13.20 3.13
C PRO A 117 -20.28 -12.98 2.88
N SER A 118 -20.57 -11.88 2.20
CA SER A 118 -21.96 -11.55 1.87
C SER A 118 -21.99 -10.45 0.82
N SER A 119 -22.56 -10.80 -0.33
CA SER A 119 -22.67 -9.85 -1.43
C SER A 119 -23.57 -8.68 -1.03
N GLY A 120 -23.23 -7.51 -1.53
CA GLY A 120 -24.00 -6.31 -1.23
C GLY A 120 -24.01 -6.02 0.27
N GLY A 1 29.93 -19.17 13.53
CA GLY A 1 29.13 -18.22 12.79
C GLY A 1 29.94 -16.96 12.46
N SER A 2 29.49 -16.26 11.42
CA SER A 2 30.17 -15.05 10.99
C SER A 2 29.16 -14.10 10.34
N SER A 3 29.62 -12.89 10.09
CA SER A 3 28.77 -11.88 9.47
C SER A 3 29.58 -10.61 9.20
N GLY A 4 28.99 -9.71 8.43
CA GLY A 4 29.63 -8.46 8.10
C GLY A 4 28.66 -7.50 7.41
N SER A 5 28.97 -7.19 6.16
CA SER A 5 28.13 -6.31 5.38
C SER A 5 28.19 -4.88 5.96
N SER A 6 28.02 -3.91 5.08
CA SER A 6 28.05 -2.52 5.49
C SER A 6 27.76 -1.61 4.29
N GLY A 7 27.22 -0.45 4.60
CA GLY A 7 26.88 0.51 3.56
C GLY A 7 26.01 1.65 4.12
N ASN A 8 25.74 2.62 3.27
CA ASN A 8 24.92 3.75 3.66
C ASN A 8 24.32 4.41 2.41
N LYS A 9 23.11 3.99 2.10
CA LYS A 9 22.41 4.53 0.94
C LYS A 9 20.99 3.96 0.89
N ASP A 10 20.14 4.64 0.14
CA ASP A 10 18.76 4.21 0.00
C ASP A 10 18.10 5.00 -1.13
N ASN A 11 18.01 6.29 -0.93
CA ASN A 11 17.40 7.16 -1.93
C ASN A 11 15.95 6.72 -2.18
N LEU A 12 15.07 7.15 -1.29
CA LEU A 12 13.67 6.81 -1.40
C LEU A 12 13.18 7.13 -2.81
N ASP A 13 11.89 6.88 -3.04
CA ASP A 13 11.29 7.14 -4.33
C ASP A 13 9.85 6.64 -4.34
N LEU A 14 9.06 7.20 -5.24
CA LEU A 14 7.67 6.81 -5.36
C LEU A 14 7.54 5.29 -5.21
N ALA A 15 8.60 4.60 -5.60
CA ALA A 15 8.63 3.16 -5.51
C ALA A 15 9.27 2.74 -4.19
N GLY A 16 10.30 3.48 -3.79
CA GLY A 16 11.00 3.20 -2.56
C GLY A 16 10.10 3.44 -1.35
N LEU A 17 9.50 4.62 -1.32
CA LEU A 17 8.62 4.98 -0.23
C LEU A 17 7.37 4.10 -0.28
N THR A 18 6.97 3.74 -1.49
CA THR A 18 5.81 2.90 -1.68
C THR A 18 6.00 1.54 -0.98
N SER A 19 7.09 0.87 -1.36
CA SER A 19 7.40 -0.42 -0.78
C SER A 19 7.09 -0.42 0.72
N LEU A 20 7.53 0.65 1.37
CA LEU A 20 7.30 0.78 2.80
C LEU A 20 5.80 0.82 3.07
N LEU A 21 5.12 1.69 2.34
CA LEU A 21 3.67 1.83 2.50
C LEU A 21 3.03 0.44 2.51
N SER A 22 3.48 -0.38 1.57
CA SER A 22 2.95 -1.73 1.46
C SER A 22 2.81 -2.36 2.85
N GLU A 23 3.89 -2.28 3.63
CA GLU A 23 3.90 -2.82 4.97
C GLU A 23 2.91 -2.06 5.86
N LYS A 24 2.73 -0.79 5.53
CA LYS A 24 1.83 0.06 6.29
C LYS A 24 0.40 -0.44 6.10
N ILE A 25 0.08 -0.78 4.87
CA ILE A 25 -1.24 -1.27 4.54
C ILE A 25 -1.40 -2.70 5.08
N LYS A 26 -0.38 -3.50 4.85
CA LYS A 26 -0.39 -4.88 5.31
C LYS A 26 -0.56 -4.91 6.83
N GLU A 27 0.10 -3.96 7.49
CA GLU A 27 0.04 -3.86 8.93
C GLU A 27 -1.36 -3.41 9.37
N PHE A 28 -1.86 -2.40 8.67
CA PHE A 28 -3.17 -1.87 8.98
C PHE A 28 -4.18 -2.99 9.24
N LEU A 29 -4.07 -4.03 8.43
CA LEU A 29 -4.95 -5.19 8.56
C LEU A 29 -4.78 -5.81 9.94
N GLN A 30 -3.52 -5.98 10.32
CA GLN A 30 -3.21 -6.56 11.62
C GLN A 30 -3.65 -5.62 12.75
N GLU A 31 -3.92 -4.38 12.37
CA GLU A 31 -4.34 -3.38 13.33
C GLU A 31 -5.87 -3.36 13.44
N LYS A 32 -6.51 -3.34 12.29
CA LYS A 32 -7.96 -3.33 12.24
C LYS A 32 -8.49 -4.75 12.43
N LYS A 33 -7.59 -5.71 12.24
CA LYS A 33 -7.95 -7.11 12.39
C LYS A 33 -9.09 -7.45 11.41
N MET A 34 -8.77 -7.34 10.13
CA MET A 34 -9.75 -7.63 9.09
C MET A 34 -9.21 -8.64 8.09
N GLN A 35 -10.09 -9.51 7.63
CA GLN A 35 -9.72 -10.53 6.66
C GLN A 35 -10.05 -10.06 5.24
N SER A 36 -10.57 -8.85 5.17
CA SER A 36 -10.93 -8.28 3.87
C SER A 36 -11.15 -6.77 4.02
N PHE A 37 -10.70 -6.04 3.00
CA PHE A 37 -10.85 -4.59 3.00
C PHE A 37 -10.60 -4.02 1.61
N TYR A 38 -10.71 -2.69 1.52
CA TYR A 38 -10.50 -2.01 0.26
C TYR A 38 -9.43 -0.91 0.40
N GLN A 39 -8.72 -0.68 -0.69
CA GLN A 39 -7.68 0.33 -0.70
C GLN A 39 -8.24 1.67 -0.22
N GLN A 40 -9.54 1.83 -0.40
CA GLN A 40 -10.21 3.06 0.02
C GLN A 40 -10.33 3.10 1.54
N GLU A 41 -10.10 1.96 2.16
CA GLU A 41 -10.18 1.86 3.60
C GLU A 41 -8.87 2.33 4.24
N LEU A 42 -7.86 2.50 3.40
CA LEU A 42 -6.56 2.94 3.86
C LEU A 42 -6.31 4.37 3.39
N GLU A 43 -7.04 4.76 2.35
CA GLU A 43 -6.91 6.09 1.79
C GLU A 43 -7.36 7.14 2.80
N THR A 44 -8.31 6.73 3.65
CA THR A 44 -8.84 7.62 4.66
C THR A 44 -8.08 7.44 5.98
N VAL A 45 -7.14 6.49 5.96
CA VAL A 45 -6.35 6.21 7.14
C VAL A 45 -5.12 7.13 7.16
N GLU A 46 -5.25 8.22 7.90
CA GLU A 46 -4.16 9.18 8.00
C GLU A 46 -2.82 8.45 8.12
N SER A 47 -2.78 7.49 9.03
CA SER A 47 -1.57 6.71 9.25
C SER A 47 -0.91 6.37 7.90
N LEU A 48 -1.73 5.83 7.01
CA LEU A 48 -1.25 5.45 5.70
C LEU A 48 -0.93 6.71 4.89
N GLN A 49 -1.97 7.49 4.63
CA GLN A 49 -1.81 8.72 3.87
C GLN A 49 -0.52 9.44 4.29
N SER A 50 -0.35 9.56 5.60
CA SER A 50 0.82 10.23 6.15
C SER A 50 2.08 9.73 5.42
N LEU A 51 2.00 8.52 4.92
CA LEU A 51 3.12 7.92 4.20
C LEU A 51 2.87 8.04 2.70
N ALA A 52 1.66 7.67 2.30
CA ALA A 52 1.28 7.73 0.90
C ALA A 52 1.25 9.19 0.45
N SER A 53 1.50 10.08 1.39
CA SER A 53 1.50 11.51 1.11
C SER A 53 2.91 12.07 1.28
N ARG A 54 3.76 11.27 1.91
CA ARG A 54 5.13 11.68 2.16
C ARG A 54 5.78 12.17 0.85
N PRO A 55 6.86 12.97 1.01
CA PRO A 55 7.57 13.50 -0.14
C PRO A 55 8.43 12.42 -0.79
N VAL A 56 8.92 12.75 -1.98
CA VAL A 56 9.76 11.82 -2.74
C VAL A 56 10.72 12.61 -3.62
N THR A 57 10.96 12.06 -4.80
CA THR A 57 11.86 12.71 -5.75
C THR A 57 11.06 13.36 -6.88
N HIS A 58 9.81 13.67 -6.58
CA HIS A 58 8.93 14.30 -7.56
C HIS A 58 9.40 15.73 -7.81
N SER A 59 9.10 16.22 -9.00
CA SER A 59 9.48 17.57 -9.38
C SER A 59 8.90 17.91 -10.76
N THR A 60 7.59 17.89 -10.83
CA THR A 60 6.91 18.19 -12.09
C THR A 60 5.49 18.70 -11.80
N GLY A 61 4.66 17.79 -11.31
CA GLY A 61 3.28 18.13 -11.00
C GLY A 61 2.38 17.97 -12.23
N SER A 62 1.40 17.08 -12.10
CA SER A 62 0.47 16.82 -13.18
C SER A 62 -0.68 15.95 -12.69
N ASP A 63 -1.66 16.61 -12.09
CA ASP A 63 -2.82 15.91 -11.58
C ASP A 63 -3.79 16.91 -10.94
N GLN A 64 -4.27 17.83 -11.77
CA GLN A 64 -5.18 18.84 -11.30
C GLN A 64 -6.63 18.41 -11.55
N VAL A 65 -7.29 18.03 -10.45
CA VAL A 65 -8.67 17.59 -10.53
C VAL A 65 -9.58 18.65 -9.94
N GLU A 66 -10.84 18.29 -9.75
CA GLU A 66 -11.82 19.21 -9.19
C GLU A 66 -11.99 18.94 -7.70
N LEU A 67 -10.93 19.16 -6.96
CA LEU A 67 -10.95 18.95 -5.52
C LEU A 67 -11.34 20.24 -4.82
N LYS A 68 -11.13 20.26 -3.51
CA LYS A 68 -11.46 21.44 -2.72
C LYS A 68 -10.64 22.63 -3.22
N ASP A 69 -9.34 22.54 -3.02
CA ASP A 69 -8.44 23.60 -3.46
C ASP A 69 -7.01 23.25 -3.03
N SER A 70 -6.34 22.52 -3.91
CA SER A 70 -4.97 22.12 -3.65
C SER A 70 -4.38 21.44 -4.88
N GLY A 71 -3.05 21.48 -4.97
CA GLY A 71 -2.35 20.88 -6.09
C GLY A 71 -1.76 19.52 -5.71
N THR A 72 -2.62 18.67 -5.15
CA THR A 72 -2.19 17.35 -4.74
C THR A 72 -3.41 16.44 -4.53
N SER A 73 -3.42 15.34 -5.27
CA SER A 73 -4.51 14.38 -5.18
C SER A 73 -4.27 13.23 -6.15
N GLY A 74 -4.73 12.05 -5.74
CA GLY A 74 -4.58 10.86 -6.57
C GLY A 74 -3.23 10.19 -6.31
N VAL A 75 -2.20 11.02 -6.24
CA VAL A 75 -0.85 10.53 -6.01
C VAL A 75 -0.89 9.46 -4.92
N ALA A 76 -1.29 9.89 -3.74
CA ALA A 76 -1.38 8.99 -2.60
C ALA A 76 -2.18 7.74 -3.00
N GLN A 77 -3.33 7.98 -3.61
CA GLN A 77 -4.18 6.89 -4.05
C GLN A 77 -3.39 5.89 -4.89
N ARG A 78 -2.39 6.41 -5.58
CA ARG A 78 -1.55 5.58 -6.42
C ARG A 78 -0.53 4.83 -5.57
N VAL A 79 -0.10 5.47 -4.50
CA VAL A 79 0.86 4.87 -3.59
C VAL A 79 0.17 3.78 -2.78
N PHE A 80 -1.11 4.00 -2.50
CA PHE A 80 -1.88 3.05 -1.73
C PHE A 80 -2.14 1.77 -2.54
N LYS A 81 -2.33 1.96 -3.83
CA LYS A 81 -2.60 0.84 -4.73
C LYS A 81 -1.27 0.15 -5.06
N ASN A 82 -0.29 0.97 -5.40
CA ASN A 82 1.04 0.45 -5.75
C ASN A 82 1.61 -0.30 -4.56
N ALA A 83 1.22 0.13 -3.36
CA ALA A 83 1.69 -0.49 -2.14
C ALA A 83 1.04 -1.87 -2.00
N LEU A 84 -0.25 -1.92 -2.31
CA LEU A 84 -0.99 -3.16 -2.22
C LEU A 84 -0.40 -4.17 -3.20
N GLN A 85 -0.19 -3.72 -4.42
CA GLN A 85 0.36 -4.57 -5.47
C GLN A 85 1.50 -5.43 -4.89
N LEU A 86 2.46 -4.75 -4.29
CA LEU A 86 3.59 -5.45 -3.71
C LEU A 86 3.09 -6.54 -2.76
N LEU A 87 2.10 -6.17 -1.96
CA LEU A 87 1.53 -7.10 -1.00
C LEU A 87 1.14 -8.39 -1.73
N GLN A 88 0.48 -8.20 -2.87
CA GLN A 88 0.05 -9.34 -3.68
C GLN A 88 1.26 -10.12 -4.19
N GLU A 89 2.40 -9.44 -4.21
CA GLU A 89 3.63 -10.05 -4.68
C GLU A 89 4.32 -10.79 -3.53
N LYS A 90 4.12 -10.27 -2.33
CA LYS A 90 4.72 -10.86 -1.15
C LYS A 90 3.83 -11.99 -0.63
N GLY A 91 2.54 -11.85 -0.89
CA GLY A 91 1.57 -12.84 -0.46
C GLY A 91 0.80 -12.37 0.77
N LEU A 92 0.87 -11.07 1.00
CA LEU A 92 0.17 -10.47 2.13
C LEU A 92 -1.31 -10.34 1.80
N VAL A 93 -1.59 -10.09 0.53
CA VAL A 93 -2.96 -9.94 0.07
C VAL A 93 -3.11 -10.59 -1.30
N PHE A 94 -4.34 -10.66 -1.77
CA PHE A 94 -4.63 -11.24 -3.07
C PHE A 94 -6.02 -10.83 -3.56
N GLN A 95 -6.13 -10.73 -4.88
CA GLN A 95 -7.39 -10.34 -5.48
C GLN A 95 -7.94 -11.48 -6.34
N ARG A 96 -9.11 -11.96 -5.96
CA ARG A 96 -9.75 -13.05 -6.68
C ARG A 96 -10.93 -12.52 -7.50
N ASP A 97 -10.58 -11.87 -8.61
CA ASP A 97 -11.59 -11.32 -9.49
C ASP A 97 -10.91 -10.54 -10.62
N SER A 98 -9.82 -9.89 -10.26
CA SER A 98 -9.06 -9.10 -11.22
C SER A 98 -9.77 -7.78 -11.48
N GLY A 99 -9.09 -6.69 -11.11
CA GLY A 99 -9.64 -5.37 -11.30
C GLY A 99 -8.91 -4.34 -10.43
N SER A 100 -9.34 -3.10 -10.54
CA SER A 100 -8.74 -2.02 -9.78
C SER A 100 -9.52 -1.80 -8.49
N ASP A 101 -10.79 -1.47 -8.66
CA ASP A 101 -11.66 -1.23 -7.51
C ASP A 101 -12.28 -2.55 -7.06
N LYS A 102 -11.49 -3.33 -6.33
CA LYS A 102 -11.95 -4.61 -5.83
C LYS A 102 -11.52 -4.78 -4.38
N LEU A 103 -12.12 -5.76 -3.72
CA LEU A 103 -11.80 -6.03 -2.33
C LEU A 103 -10.44 -6.75 -2.25
N TYR A 104 -9.57 -6.18 -1.43
CA TYR A 104 -8.24 -6.74 -1.26
C TYR A 104 -8.22 -7.72 -0.07
N TYR A 105 -8.18 -9.00 -0.43
CA TYR A 105 -8.16 -10.04 0.59
C TYR A 105 -6.78 -10.15 1.23
N VAL A 106 -6.78 -10.19 2.57
CA VAL A 106 -5.54 -10.29 3.31
C VAL A 106 -5.13 -11.76 3.43
N THR A 107 -3.86 -11.96 3.75
CA THR A 107 -3.34 -13.31 3.90
C THR A 107 -3.40 -13.75 5.36
N THR A 108 -3.96 -14.94 5.56
CA THR A 108 -4.09 -15.48 6.90
C THR A 108 -2.70 -15.72 7.52
N LYS A 109 -2.58 -15.31 8.77
CA LYS A 109 -1.32 -15.46 9.48
C LYS A 109 -1.29 -16.84 10.15
N ASP A 110 -1.11 -17.86 9.32
CA ASP A 110 -1.07 -19.23 9.82
C ASP A 110 0.13 -19.38 10.77
N LYS A 111 -0.18 -19.39 12.06
CA LYS A 111 0.85 -19.51 13.07
C LYS A 111 2.08 -18.68 12.68
N ASP A 112 2.04 -17.42 13.08
CA ASP A 112 3.13 -16.51 12.77
C ASP A 112 3.06 -15.30 13.70
N LEU A 113 4.19 -15.02 14.34
CA LEU A 113 4.27 -13.90 15.25
C LEU A 113 3.27 -14.11 16.40
N GLN A 114 2.03 -13.71 16.14
CA GLN A 114 0.98 -13.85 17.14
C GLN A 114 0.10 -15.05 16.81
N SER A 115 -0.65 -15.49 17.81
CA SER A 115 -1.53 -16.64 17.66
C SER A 115 -2.55 -16.68 18.79
N GLY A 116 -3.60 -17.46 18.58
CA GLY A 116 -4.64 -17.60 19.58
C GLY A 116 -6.03 -17.51 18.94
N PRO A 117 -7.06 -17.86 19.74
CA PRO A 117 -8.43 -17.83 19.27
C PRO A 117 -8.94 -16.39 19.17
N SER A 118 -9.83 -16.18 18.21
CA SER A 118 -10.41 -14.85 18.00
C SER A 118 -11.87 -14.85 18.42
N SER A 119 -12.65 -15.70 17.78
CA SER A 119 -14.07 -15.81 18.07
C SER A 119 -14.27 -16.05 19.56
N GLY A 120 -15.28 -15.39 20.11
CA GLY A 120 -15.59 -15.54 21.53
C GLY A 120 -17.11 -15.56 21.75
N GLY A 1 34.58 -14.05 8.11
CA GLY A 1 34.94 -13.19 9.23
C GLY A 1 34.70 -11.72 8.89
N SER A 2 34.28 -10.97 9.89
CA SER A 2 34.01 -9.56 9.70
C SER A 2 32.85 -9.36 8.73
N SER A 3 32.08 -8.31 8.96
CA SER A 3 30.95 -8.00 8.11
C SER A 3 30.99 -6.53 7.71
N GLY A 4 30.18 -6.20 6.70
CA GLY A 4 30.11 -4.84 6.21
C GLY A 4 31.18 -4.58 5.14
N SER A 5 30.88 -3.64 4.26
CA SER A 5 31.80 -3.30 3.20
C SER A 5 31.94 -1.78 3.09
N SER A 6 30.84 -1.15 2.73
CA SER A 6 30.81 0.30 2.60
C SER A 6 29.37 0.80 2.50
N GLY A 7 29.20 2.08 2.75
CA GLY A 7 27.89 2.69 2.70
C GLY A 7 27.81 3.74 1.58
N ASN A 8 26.60 4.26 1.38
CA ASN A 8 26.38 5.26 0.36
C ASN A 8 24.93 5.72 0.41
N LYS A 9 24.65 6.80 -0.32
CA LYS A 9 23.30 7.35 -0.37
C LYS A 9 22.30 6.22 -0.65
N ASP A 10 21.03 6.56 -0.53
CA ASP A 10 19.98 5.59 -0.77
C ASP A 10 18.80 6.28 -1.44
N ASN A 11 18.38 7.39 -0.83
CA ASN A 11 17.25 8.15 -1.37
C ASN A 11 16.01 7.27 -1.40
N LEU A 12 14.90 7.87 -1.81
CA LEU A 12 13.65 7.15 -1.89
C LEU A 12 13.06 7.31 -3.29
N ASP A 13 11.85 6.78 -3.46
CA ASP A 13 11.18 6.86 -4.75
C ASP A 13 9.77 6.29 -4.62
N LEU A 14 8.90 6.74 -5.51
CA LEU A 14 7.52 6.29 -5.50
C LEU A 14 7.47 4.81 -5.12
N ALA A 15 8.33 4.04 -5.77
CA ALA A 15 8.40 2.61 -5.51
C ALA A 15 8.90 2.37 -4.09
N GLY A 16 10.05 2.94 -3.80
CA GLY A 16 10.66 2.81 -2.48
C GLY A 16 9.67 3.22 -1.40
N LEU A 17 9.24 4.47 -1.47
CA LEU A 17 8.30 5.00 -0.49
C LEU A 17 7.06 4.10 -0.45
N THR A 18 6.68 3.61 -1.62
CA THR A 18 5.52 2.75 -1.73
C THR A 18 5.74 1.46 -0.93
N SER A 19 6.86 0.81 -1.22
CA SER A 19 7.20 -0.43 -0.54
C SER A 19 6.85 -0.32 0.95
N LEU A 20 7.33 0.76 1.56
CA LEU A 20 7.07 0.99 2.97
C LEU A 20 5.56 1.01 3.22
N LEU A 21 4.90 1.91 2.51
CA LEU A 21 3.45 2.04 2.64
C LEU A 21 2.82 0.65 2.72
N SER A 22 3.24 -0.20 1.79
CA SER A 22 2.72 -1.56 1.74
C SER A 22 2.61 -2.13 3.15
N GLU A 23 3.72 -2.05 3.87
CA GLU A 23 3.76 -2.55 5.23
C GLU A 23 2.79 -1.78 6.13
N LYS A 24 2.68 -0.48 5.83
CA LYS A 24 1.78 0.38 6.59
C LYS A 24 0.35 -0.13 6.45
N ILE A 25 -0.01 -0.47 5.22
CA ILE A 25 -1.34 -0.97 4.95
C ILE A 25 -1.48 -2.39 5.50
N LYS A 26 -0.48 -3.21 5.19
CA LYS A 26 -0.48 -4.60 5.64
C LYS A 26 -0.60 -4.62 7.17
N GLU A 27 0.05 -3.65 7.80
CA GLU A 27 0.03 -3.56 9.25
C GLU A 27 -1.38 -3.22 9.73
N PHE A 28 -2.01 -2.30 9.02
CA PHE A 28 -3.36 -1.87 9.37
C PHE A 28 -4.30 -3.06 9.45
N LEU A 29 -3.99 -4.09 8.66
CA LEU A 29 -4.80 -5.29 8.64
C LEU A 29 -4.61 -6.06 9.94
N GLN A 30 -3.36 -6.25 10.31
CA GLN A 30 -3.03 -6.95 11.54
C GLN A 30 -3.55 -6.18 12.76
N GLU A 31 -3.95 -4.95 12.51
CA GLU A 31 -4.46 -4.09 13.56
C GLU A 31 -5.99 -4.19 13.63
N LYS A 32 -6.61 -4.10 12.46
CA LYS A 32 -8.05 -4.17 12.38
C LYS A 32 -8.48 -5.64 12.35
N LYS A 33 -7.50 -6.51 12.19
CA LYS A 33 -7.76 -7.94 12.15
C LYS A 33 -8.91 -8.21 11.19
N MET A 34 -8.68 -7.86 9.92
CA MET A 34 -9.68 -8.07 8.90
C MET A 34 -9.24 -9.14 7.89
N GLN A 35 -10.21 -9.70 7.21
CA GLN A 35 -9.94 -10.73 6.22
C GLN A 35 -10.19 -10.20 4.81
N SER A 36 -10.62 -8.94 4.75
CA SER A 36 -10.90 -8.30 3.48
C SER A 36 -11.04 -6.80 3.67
N PHE A 37 -10.71 -6.06 2.62
CA PHE A 37 -10.79 -4.61 2.66
C PHE A 37 -10.48 -4.00 1.30
N TYR A 38 -10.45 -2.68 1.27
CA TYR A 38 -10.17 -1.96 0.03
C TYR A 38 -9.07 -0.92 0.25
N GLN A 39 -8.27 -0.73 -0.80
CA GLN A 39 -7.18 0.23 -0.73
C GLN A 39 -7.71 1.60 -0.30
N GLN A 40 -8.97 1.85 -0.63
CA GLN A 40 -9.60 3.11 -0.28
C GLN A 40 -9.88 3.16 1.23
N GLU A 41 -9.77 2.00 1.86
CA GLU A 41 -10.00 1.90 3.29
C GLU A 41 -8.74 2.29 4.06
N LEU A 42 -7.65 2.42 3.32
CA LEU A 42 -6.37 2.78 3.92
C LEU A 42 -6.09 4.26 3.65
N GLU A 43 -6.70 4.76 2.58
CA GLU A 43 -6.53 6.15 2.20
C GLU A 43 -7.14 7.07 3.26
N THR A 44 -8.08 6.53 4.00
CA THR A 44 -8.75 7.28 5.05
C THR A 44 -7.90 7.29 6.32
N VAL A 45 -6.96 6.36 6.37
CA VAL A 45 -6.08 6.25 7.53
C VAL A 45 -4.96 7.29 7.41
N GLU A 46 -5.01 8.27 8.29
CA GLU A 46 -4.00 9.32 8.29
C GLU A 46 -2.60 8.71 8.34
N SER A 47 -2.34 8.01 9.44
CA SER A 47 -1.04 7.37 9.63
C SER A 47 -0.54 6.80 8.30
N LEU A 48 -1.50 6.42 7.46
CA LEU A 48 -1.17 5.86 6.16
C LEU A 48 -0.94 6.99 5.16
N GLN A 49 -1.96 7.82 5.03
CA GLN A 49 -1.89 8.95 4.11
C GLN A 49 -0.58 9.70 4.30
N SER A 50 -0.23 9.92 5.56
CA SER A 50 1.00 10.62 5.89
C SER A 50 2.19 9.96 5.18
N LEU A 51 1.99 8.71 4.81
CA LEU A 51 3.03 7.95 4.14
C LEU A 51 2.77 7.98 2.62
N ALA A 52 1.57 7.56 2.26
CA ALA A 52 1.19 7.52 0.86
C ALA A 52 1.13 8.95 0.31
N SER A 53 1.33 9.90 1.22
CA SER A 53 1.29 11.31 0.85
C SER A 53 2.70 11.91 0.98
N ARG A 54 3.56 11.18 1.66
CA ARG A 54 4.93 11.63 1.86
C ARG A 54 5.53 12.09 0.53
N PRO A 55 6.59 12.94 0.64
CA PRO A 55 7.26 13.46 -0.54
C PRO A 55 8.14 12.40 -1.17
N VAL A 56 8.62 12.71 -2.37
CA VAL A 56 9.48 11.78 -3.09
C VAL A 56 9.61 12.24 -4.55
N THR A 57 10.75 11.94 -5.14
CA THR A 57 11.00 12.31 -6.51
C THR A 57 9.80 11.97 -7.40
N HIS A 58 9.01 12.99 -7.67
CA HIS A 58 7.82 12.80 -8.50
C HIS A 58 7.94 13.65 -9.77
N SER A 59 6.99 13.45 -10.67
CA SER A 59 6.99 14.17 -11.92
C SER A 59 5.57 14.18 -12.53
N THR A 60 5.30 15.21 -13.30
CA THR A 60 4.00 15.34 -13.93
C THR A 60 3.53 13.99 -14.49
N GLY A 61 2.23 13.77 -14.39
CA GLY A 61 1.65 12.52 -14.87
C GLY A 61 0.21 12.73 -15.32
N SER A 62 -0.59 11.67 -15.18
CA SER A 62 -1.99 11.73 -15.57
C SER A 62 -2.87 11.81 -14.33
N ASP A 63 -2.72 10.82 -13.46
CA ASP A 63 -3.50 10.76 -12.24
C ASP A 63 -4.96 11.05 -12.55
N GLN A 64 -5.52 10.24 -13.43
CA GLN A 64 -6.91 10.40 -13.83
C GLN A 64 -7.81 9.49 -12.98
N VAL A 65 -8.53 10.11 -12.07
CA VAL A 65 -9.43 9.37 -11.20
C VAL A 65 -10.87 9.75 -11.53
N GLU A 66 -11.78 9.28 -10.68
CA GLU A 66 -13.19 9.56 -10.87
C GLU A 66 -13.88 9.77 -9.51
N LEU A 67 -13.13 10.37 -8.60
CA LEU A 67 -13.66 10.64 -7.27
C LEU A 67 -14.09 12.10 -7.19
N LYS A 68 -13.12 12.96 -6.95
CA LYS A 68 -13.39 14.38 -6.84
C LYS A 68 -12.39 15.16 -7.71
N ASP A 69 -12.54 16.48 -7.71
CA ASP A 69 -11.67 17.34 -8.49
C ASP A 69 -11.10 18.44 -7.58
N SER A 70 -9.78 18.52 -7.56
CA SER A 70 -9.10 19.51 -6.75
C SER A 70 -7.59 19.45 -6.99
N GLY A 71 -7.03 18.29 -6.67
CA GLY A 71 -5.60 18.08 -6.85
C GLY A 71 -4.99 17.43 -5.61
N THR A 72 -5.55 16.26 -5.26
CA THR A 72 -5.07 15.52 -4.11
C THR A 72 -5.76 14.16 -4.02
N SER A 73 -5.18 13.29 -3.20
CA SER A 73 -5.73 11.96 -3.02
C SER A 73 -5.32 11.07 -4.19
N GLY A 74 -5.70 11.49 -5.39
CA GLY A 74 -5.37 10.73 -6.59
C GLY A 74 -3.89 10.37 -6.62
N VAL A 75 -3.09 11.20 -5.95
CA VAL A 75 -1.66 10.97 -5.89
C VAL A 75 -1.38 9.76 -4.99
N ALA A 76 -1.86 9.85 -3.77
CA ALA A 76 -1.67 8.78 -2.81
C ALA A 76 -2.30 7.50 -3.34
N GLN A 77 -3.28 7.68 -4.23
CA GLN A 77 -3.97 6.55 -4.83
C GLN A 77 -3.01 5.72 -5.67
N ARG A 78 -1.99 6.39 -6.19
CA ARG A 78 -1.00 5.73 -7.00
C ARG A 78 0.04 5.01 -6.13
N VAL A 79 0.20 5.54 -4.92
CA VAL A 79 1.13 4.97 -3.98
C VAL A 79 0.44 3.87 -3.16
N PHE A 80 -0.83 4.11 -2.88
CA PHE A 80 -1.63 3.16 -2.12
C PHE A 80 -1.90 1.89 -2.93
N LYS A 81 -2.42 2.10 -4.14
CA LYS A 81 -2.73 0.99 -5.02
C LYS A 81 -1.47 0.14 -5.22
N ASN A 82 -0.35 0.82 -5.33
CA ASN A 82 0.92 0.13 -5.52
C ASN A 82 1.28 -0.65 -4.26
N ALA A 83 1.01 -0.02 -3.12
CA ALA A 83 1.29 -0.64 -1.83
C ALA A 83 0.67 -2.04 -1.80
N LEU A 84 -0.64 -2.07 -1.99
CA LEU A 84 -1.36 -3.33 -1.99
C LEU A 84 -0.66 -4.32 -2.93
N GLN A 85 -0.42 -3.87 -4.14
CA GLN A 85 0.25 -4.70 -5.13
C GLN A 85 1.39 -5.47 -4.50
N LEU A 86 2.35 -4.72 -3.99
CA LEU A 86 3.51 -5.33 -3.34
C LEU A 86 3.04 -6.44 -2.40
N LEU A 87 2.10 -6.09 -1.55
CA LEU A 87 1.56 -7.05 -0.59
C LEU A 87 1.24 -8.35 -1.31
N GLN A 88 0.65 -8.21 -2.49
CA GLN A 88 0.29 -9.37 -3.30
C GLN A 88 1.54 -10.12 -3.75
N GLU A 89 2.62 -9.36 -3.90
CA GLU A 89 3.89 -9.93 -4.33
C GLU A 89 4.54 -10.69 -3.18
N LYS A 90 4.20 -10.28 -1.97
CA LYS A 90 4.75 -10.90 -0.77
C LYS A 90 3.85 -12.07 -0.36
N GLY A 91 2.57 -11.93 -0.67
CA GLY A 91 1.60 -12.96 -0.32
C GLY A 91 0.72 -12.52 0.86
N LEU A 92 0.86 -11.25 1.22
CA LEU A 92 0.09 -10.70 2.32
C LEU A 92 -1.38 -10.65 1.92
N VAL A 93 -1.63 -10.14 0.72
CA VAL A 93 -2.99 -10.03 0.22
C VAL A 93 -3.05 -10.59 -1.20
N PHE A 94 -4.25 -10.57 -1.76
CA PHE A 94 -4.46 -11.07 -3.11
C PHE A 94 -5.79 -10.59 -3.67
N GLN A 95 -5.87 -10.57 -4.99
CA GLN A 95 -7.08 -10.14 -5.67
C GLN A 95 -7.62 -11.27 -6.55
N ARG A 96 -8.93 -11.48 -6.44
CA ARG A 96 -9.59 -12.52 -7.21
C ARG A 96 -10.46 -11.89 -8.30
N ASP A 97 -11.32 -10.98 -7.89
CA ASP A 97 -12.21 -10.32 -8.82
C ASP A 97 -11.37 -9.60 -9.89
N SER A 98 -10.13 -9.34 -9.53
CA SER A 98 -9.22 -8.67 -10.45
C SER A 98 -9.75 -7.27 -10.77
N GLY A 99 -8.86 -6.29 -10.67
CA GLY A 99 -9.23 -4.91 -10.95
C GLY A 99 -8.65 -3.96 -9.89
N SER A 100 -8.27 -2.79 -10.34
CA SER A 100 -7.70 -1.79 -9.44
C SER A 100 -8.66 -1.53 -8.29
N ASP A 101 -9.87 -1.11 -8.65
CA ASP A 101 -10.89 -0.82 -7.65
C ASP A 101 -11.61 -2.11 -7.28
N LYS A 102 -10.87 -3.00 -6.63
CA LYS A 102 -11.43 -4.27 -6.21
C LYS A 102 -11.11 -4.52 -4.74
N LEU A 103 -11.76 -5.52 -4.18
CA LEU A 103 -11.55 -5.87 -2.78
C LEU A 103 -10.24 -6.65 -2.65
N TYR A 104 -9.37 -6.14 -1.78
CA TYR A 104 -8.08 -6.77 -1.55
C TYR A 104 -8.17 -7.78 -0.40
N TYR A 105 -8.05 -9.05 -0.75
CA TYR A 105 -8.11 -10.11 0.23
C TYR A 105 -6.75 -10.29 0.93
N VAL A 106 -6.80 -10.26 2.26
CA VAL A 106 -5.59 -10.41 3.04
C VAL A 106 -5.46 -11.87 3.47
N THR A 107 -4.21 -12.31 3.57
CA THR A 107 -3.91 -13.68 3.96
C THR A 107 -4.85 -14.11 5.09
N THR A 108 -5.07 -15.42 5.17
CA THR A 108 -5.94 -15.98 6.19
C THR A 108 -5.51 -17.42 6.53
N LYS A 109 -5.26 -18.18 5.47
CA LYS A 109 -4.85 -19.56 5.64
C LYS A 109 -3.68 -19.86 4.71
N ASP A 110 -2.55 -19.24 5.02
CA ASP A 110 -1.35 -19.44 4.21
C ASP A 110 -0.12 -19.10 5.05
N LYS A 111 1.01 -19.65 4.63
CA LYS A 111 2.26 -19.42 5.33
C LYS A 111 2.33 -17.96 5.78
N ASP A 112 1.98 -17.74 7.04
CA ASP A 112 2.01 -16.40 7.60
C ASP A 112 1.94 -16.49 9.13
N LEU A 113 1.04 -17.35 9.60
CA LEU A 113 0.87 -17.54 11.03
C LEU A 113 0.26 -16.27 11.63
N GLN A 114 -0.94 -15.95 11.18
CA GLN A 114 -1.64 -14.78 11.67
C GLN A 114 -2.81 -15.18 12.56
N SER A 115 -3.43 -14.18 13.17
CA SER A 115 -4.55 -14.42 14.05
C SER A 115 -5.81 -13.75 13.50
N GLY A 116 -6.65 -14.56 12.87
CA GLY A 116 -7.88 -14.06 12.29
C GLY A 116 -8.40 -15.01 11.22
N PRO A 117 -9.60 -15.61 11.50
CA PRO A 117 -10.20 -16.54 10.57
C PRO A 117 -10.84 -15.80 9.39
N SER A 118 -11.51 -16.56 8.55
CA SER A 118 -12.16 -15.99 7.38
C SER A 118 -13.57 -16.55 7.24
N SER A 119 -13.65 -17.81 6.87
CA SER A 119 -14.93 -18.47 6.70
C SER A 119 -14.78 -19.98 6.93
N GLY A 120 -14.03 -20.61 6.03
CA GLY A 120 -13.81 -22.04 6.13
C GLY A 120 -15.05 -22.82 5.69
N GLY A 1 12.56 -9.88 -4.22
CA GLY A 1 13.23 -9.24 -5.35
C GLY A 1 13.97 -7.98 -4.90
N SER A 2 14.99 -7.63 -5.66
CA SER A 2 15.78 -6.45 -5.36
C SER A 2 16.47 -6.63 -4.00
N SER A 3 17.68 -6.08 -3.91
CA SER A 3 18.44 -6.16 -2.68
C SER A 3 19.74 -5.36 -2.82
N GLY A 4 20.17 -4.79 -1.70
CA GLY A 4 21.38 -3.99 -1.68
C GLY A 4 21.34 -2.97 -0.54
N SER A 5 21.72 -1.74 -0.88
CA SER A 5 21.73 -0.66 0.09
C SER A 5 22.70 -1.01 1.24
N SER A 6 23.13 0.03 1.94
CA SER A 6 24.04 -0.15 3.05
C SER A 6 23.35 0.24 4.36
N GLY A 7 22.88 1.48 4.39
CA GLY A 7 22.21 2.00 5.57
C GLY A 7 22.88 3.28 6.07
N ASN A 8 22.72 4.34 5.30
CA ASN A 8 23.30 5.62 5.66
C ASN A 8 22.65 6.72 4.83
N LYS A 9 22.66 6.52 3.52
CA LYS A 9 22.07 7.48 2.60
C LYS A 9 21.46 6.75 1.41
N ASP A 10 20.16 6.94 1.23
CA ASP A 10 19.45 6.30 0.14
C ASP A 10 18.15 7.06 -0.12
N ASN A 11 18.05 7.61 -1.33
CA ASN A 11 16.87 8.36 -1.72
C ASN A 11 15.66 7.41 -1.75
N LEU A 12 14.52 7.99 -2.08
CA LEU A 12 13.28 7.21 -2.15
C LEU A 12 12.67 7.37 -3.55
N ASP A 13 11.56 6.67 -3.75
CA ASP A 13 10.86 6.73 -5.03
C ASP A 13 9.44 6.20 -4.85
N LEU A 14 8.55 6.71 -5.68
CA LEU A 14 7.15 6.31 -5.62
C LEU A 14 7.08 4.80 -5.35
N ALA A 15 8.07 4.08 -5.87
CA ALA A 15 8.13 2.64 -5.68
C ALA A 15 8.79 2.34 -4.34
N GLY A 16 9.92 2.98 -4.10
CA GLY A 16 10.65 2.78 -2.86
C GLY A 16 9.78 3.12 -1.65
N LEU A 17 9.25 4.33 -1.67
CA LEU A 17 8.39 4.78 -0.58
C LEU A 17 7.15 3.90 -0.50
N THR A 18 6.78 3.35 -1.65
CA THR A 18 5.62 2.48 -1.73
C THR A 18 5.86 1.19 -0.95
N SER A 19 6.95 0.52 -1.32
CA SER A 19 7.30 -0.73 -0.67
C SER A 19 7.08 -0.62 0.84
N LEU A 20 7.56 0.49 1.39
CA LEU A 20 7.42 0.73 2.82
C LEU A 20 5.93 0.80 3.18
N LEU A 21 5.23 1.67 2.48
CA LEU A 21 3.81 1.85 2.73
C LEU A 21 3.13 0.47 2.74
N SER A 22 3.46 -0.32 1.74
CA SER A 22 2.89 -1.66 1.62
C SER A 22 2.81 -2.30 3.01
N GLU A 23 3.94 -2.34 3.67
CA GLU A 23 4.01 -2.94 5.00
C GLU A 23 3.07 -2.20 5.96
N LYS A 24 3.03 -0.89 5.79
CA LYS A 24 2.18 -0.06 6.63
C LYS A 24 0.73 -0.53 6.51
N ILE A 25 0.35 -0.88 5.29
CA ILE A 25 -0.99 -1.36 5.03
C ILE A 25 -1.16 -2.77 5.60
N LYS A 26 -0.23 -3.63 5.22
CA LYS A 26 -0.26 -5.01 5.68
C LYS A 26 -0.28 -5.03 7.21
N GLU A 27 0.43 -4.08 7.80
CA GLU A 27 0.49 -3.98 9.25
C GLU A 27 -0.85 -3.48 9.80
N PHE A 28 -1.49 -2.60 9.04
CA PHE A 28 -2.77 -2.06 9.45
C PHE A 28 -3.83 -3.16 9.56
N LEU A 29 -3.76 -4.10 8.63
CA LEU A 29 -4.70 -5.21 8.63
C LEU A 29 -4.60 -5.96 9.95
N GLN A 30 -3.37 -6.35 10.28
CA GLN A 30 -3.13 -7.09 11.50
C GLN A 30 -3.44 -6.20 12.72
N GLU A 31 -3.62 -4.91 12.45
CA GLU A 31 -3.91 -3.96 13.51
C GLU A 31 -5.43 -3.83 13.69
N LYS A 32 -6.14 -3.84 12.57
CA LYS A 32 -7.59 -3.73 12.60
C LYS A 32 -8.19 -5.13 12.69
N LYS A 33 -7.37 -6.13 12.43
CA LYS A 33 -7.82 -7.50 12.49
C LYS A 33 -8.99 -7.69 11.53
N MET A 34 -8.69 -7.53 10.25
CA MET A 34 -9.72 -7.68 9.23
C MET A 34 -9.28 -8.69 8.16
N GLN A 35 -10.27 -9.24 7.47
CA GLN A 35 -10.01 -10.22 6.44
C GLN A 35 -10.46 -9.68 5.07
N SER A 36 -10.79 -8.41 5.05
CA SER A 36 -11.24 -7.76 3.84
C SER A 36 -11.23 -6.24 4.00
N PHE A 37 -10.92 -5.55 2.92
CA PHE A 37 -10.87 -4.09 2.94
C PHE A 37 -10.54 -3.54 1.55
N TYR A 38 -10.80 -2.25 1.39
CA TYR A 38 -10.54 -1.60 0.12
C TYR A 38 -9.45 -0.54 0.27
N GLN A 39 -8.90 -0.13 -0.87
CA GLN A 39 -7.85 0.88 -0.87
C GLN A 39 -8.36 2.20 -0.30
N GLN A 40 -9.68 2.39 -0.43
CA GLN A 40 -10.31 3.59 0.07
C GLN A 40 -10.39 3.57 1.60
N GLU A 41 -10.78 2.40 2.11
CA GLU A 41 -10.90 2.23 3.54
C GLU A 41 -9.58 2.56 4.24
N LEU A 42 -8.51 2.56 3.45
CA LEU A 42 -7.20 2.86 3.97
C LEU A 42 -6.81 4.29 3.57
N GLU A 43 -7.51 4.81 2.59
CA GLU A 43 -7.26 6.16 2.11
C GLU A 43 -7.65 7.17 3.18
N THR A 44 -8.30 6.68 4.23
CA THR A 44 -8.73 7.54 5.31
C THR A 44 -7.83 7.35 6.53
N VAL A 45 -6.87 6.44 6.39
CA VAL A 45 -5.95 6.15 7.46
C VAL A 45 -4.76 7.12 7.40
N GLU A 46 -4.75 8.05 8.34
CA GLU A 46 -3.70 9.04 8.39
C GLU A 46 -2.33 8.36 8.42
N SER A 47 -2.09 7.61 9.48
CA SER A 47 -0.83 6.90 9.63
C SER A 47 -0.37 6.37 8.28
N LEU A 48 -1.34 6.04 7.44
CA LEU A 48 -1.04 5.52 6.12
C LEU A 48 -0.80 6.68 5.15
N GLN A 49 -1.82 7.51 5.01
CA GLN A 49 -1.73 8.66 4.13
C GLN A 49 -0.42 9.41 4.37
N SER A 50 -0.13 9.64 5.63
CA SER A 50 1.09 10.35 6.01
C SER A 50 2.29 9.73 5.29
N LEU A 51 2.13 8.47 4.91
CA LEU A 51 3.19 7.75 4.22
C LEU A 51 2.92 7.78 2.71
N ALA A 52 1.73 7.32 2.34
CA ALA A 52 1.34 7.28 0.95
C ALA A 52 1.25 8.71 0.41
N SER A 53 1.42 9.66 1.31
CA SER A 53 1.37 11.07 0.95
C SER A 53 2.76 11.68 0.98
N ARG A 54 3.65 11.01 1.71
CA ARG A 54 5.02 11.46 1.84
C ARG A 54 5.54 11.94 0.48
N PRO A 55 6.59 12.81 0.55
CA PRO A 55 7.19 13.35 -0.67
C PRO A 55 8.06 12.30 -1.36
N VAL A 56 8.47 12.63 -2.58
CA VAL A 56 9.30 11.73 -3.36
C VAL A 56 9.32 12.20 -4.82
N THR A 57 10.44 11.91 -5.48
CA THR A 57 10.59 12.30 -6.87
C THR A 57 9.58 11.55 -7.74
N HIS A 58 8.37 12.08 -7.77
CA HIS A 58 7.31 11.48 -8.57
C HIS A 58 7.67 11.55 -10.05
N SER A 59 6.86 10.89 -10.86
CA SER A 59 7.07 10.86 -12.29
C SER A 59 5.81 10.38 -13.00
N THR A 60 5.47 9.13 -12.76
CA THR A 60 4.29 8.53 -13.36
C THR A 60 4.07 9.11 -14.76
N GLY A 61 2.79 9.31 -15.09
CA GLY A 61 2.44 9.86 -16.38
C GLY A 61 2.15 8.75 -17.39
N SER A 62 0.97 8.14 -17.24
CA SER A 62 0.57 7.07 -18.13
C SER A 62 -0.93 6.77 -17.95
N ASP A 63 -1.69 7.07 -19.00
CA ASP A 63 -3.12 6.84 -18.96
C ASP A 63 -3.75 7.72 -17.87
N GLN A 64 -4.70 8.54 -18.28
CA GLN A 64 -5.39 9.42 -17.36
C GLN A 64 -6.47 8.66 -16.59
N VAL A 65 -6.06 7.54 -16.01
CA VAL A 65 -6.98 6.71 -15.25
C VAL A 65 -7.91 7.61 -14.42
N GLU A 66 -9.09 7.84 -14.98
CA GLU A 66 -10.08 8.68 -14.30
C GLU A 66 -10.70 7.93 -13.13
N LEU A 67 -9.84 7.55 -12.18
CA LEU A 67 -10.30 6.82 -11.01
C LEU A 67 -10.15 7.72 -9.78
N LYS A 68 -11.06 8.67 -9.66
CA LYS A 68 -11.04 9.59 -8.52
C LYS A 68 -9.70 10.35 -8.52
N ASP A 69 -9.78 11.63 -8.85
CA ASP A 69 -8.59 12.47 -8.88
C ASP A 69 -8.99 13.91 -8.59
N SER A 70 -8.34 14.48 -7.58
CA SER A 70 -8.61 15.86 -7.20
C SER A 70 -7.50 16.37 -6.28
N GLY A 71 -6.45 16.90 -6.92
CA GLY A 71 -5.33 17.43 -6.18
C GLY A 71 -4.78 16.39 -5.20
N THR A 72 -4.99 16.67 -3.92
CA THR A 72 -4.52 15.77 -2.87
C THR A 72 -5.30 14.47 -2.91
N SER A 73 -4.87 13.52 -2.08
CA SER A 73 -5.51 12.23 -2.00
C SER A 73 -5.18 11.40 -3.25
N GLY A 74 -5.64 11.91 -4.39
CA GLY A 74 -5.40 11.23 -5.65
C GLY A 74 -3.93 10.81 -5.78
N VAL A 75 -3.07 11.54 -5.08
CA VAL A 75 -1.65 11.25 -5.11
C VAL A 75 -1.39 9.95 -4.35
N ALA A 76 -1.86 9.91 -3.11
CA ALA A 76 -1.68 8.73 -2.28
C ALA A 76 -2.39 7.54 -2.92
N GLN A 77 -3.41 7.86 -3.71
CA GLN A 77 -4.18 6.83 -4.38
C GLN A 77 -3.27 6.00 -5.29
N ARG A 78 -2.14 6.60 -5.64
CA ARG A 78 -1.18 5.93 -6.51
C ARG A 78 -0.19 5.11 -5.67
N VAL A 79 0.11 5.65 -4.49
CA VAL A 79 1.04 4.99 -3.59
C VAL A 79 0.30 3.89 -2.82
N PHE A 80 -0.96 4.14 -2.56
CA PHE A 80 -1.79 3.18 -1.84
C PHE A 80 -2.05 1.93 -2.69
N LYS A 81 -2.40 2.17 -3.95
CA LYS A 81 -2.68 1.09 -4.86
C LYS A 81 -1.40 0.29 -5.11
N ASN A 82 -0.30 1.02 -5.22
CA ASN A 82 0.99 0.39 -5.44
C ASN A 82 1.41 -0.38 -4.19
N ALA A 83 1.25 0.26 -3.06
CA ALA A 83 1.60 -0.35 -1.78
C ALA A 83 0.90 -1.70 -1.66
N LEU A 84 -0.37 -1.71 -2.04
CA LEU A 84 -1.16 -2.92 -1.98
C LEU A 84 -0.56 -3.97 -2.91
N GLN A 85 0.00 -3.48 -4.01
CA GLN A 85 0.62 -4.36 -5.00
C GLN A 85 1.70 -5.21 -4.33
N LEU A 86 2.65 -4.53 -3.70
CA LEU A 86 3.74 -5.21 -3.03
C LEU A 86 3.17 -6.31 -2.13
N LEU A 87 2.11 -5.96 -1.41
CA LEU A 87 1.47 -6.90 -0.51
C LEU A 87 1.10 -8.16 -1.28
N GLN A 88 0.43 -7.97 -2.39
CA GLN A 88 0.02 -9.09 -3.22
C GLN A 88 1.24 -9.91 -3.65
N GLU A 89 2.39 -9.29 -3.55
CA GLU A 89 3.64 -9.95 -3.91
C GLU A 89 4.28 -10.59 -2.68
N LYS A 90 4.03 -9.98 -1.54
CA LYS A 90 4.57 -10.47 -0.28
C LYS A 90 3.67 -11.59 0.24
N GLY A 91 2.49 -11.69 -0.34
CA GLY A 91 1.53 -12.72 0.06
C GLY A 91 0.57 -12.19 1.12
N LEU A 92 0.66 -10.89 1.37
CA LEU A 92 -0.19 -10.24 2.34
C LEU A 92 -1.65 -10.33 1.88
N VAL A 93 -1.89 -9.83 0.68
CA VAL A 93 -3.22 -9.84 0.12
C VAL A 93 -3.19 -10.54 -1.24
N PHE A 94 -4.37 -10.62 -1.86
CA PHE A 94 -4.48 -11.27 -3.15
C PHE A 94 -5.77 -10.85 -3.86
N GLN A 95 -5.67 -10.73 -5.19
CA GLN A 95 -6.82 -10.34 -5.98
C GLN A 95 -7.39 -11.55 -6.73
N ARG A 96 -8.67 -11.77 -6.53
CA ARG A 96 -9.34 -12.90 -7.18
C ARG A 96 -9.74 -12.52 -8.60
N ASP A 97 -10.42 -11.38 -8.71
CA ASP A 97 -10.87 -10.89 -10.00
C ASP A 97 -9.97 -9.73 -10.45
N SER A 98 -9.20 -10.00 -11.49
CA SER A 98 -8.29 -9.00 -12.03
C SER A 98 -9.03 -7.68 -12.23
N GLY A 99 -8.39 -6.60 -11.81
CA GLY A 99 -8.99 -5.28 -11.94
C GLY A 99 -8.50 -4.35 -10.83
N SER A 100 -8.11 -3.15 -11.24
CA SER A 100 -7.62 -2.16 -10.29
C SER A 100 -8.80 -1.45 -9.62
N ASP A 101 -9.66 -2.25 -9.01
CA ASP A 101 -10.82 -1.71 -8.33
C ASP A 101 -11.64 -2.87 -7.74
N LYS A 102 -10.94 -3.73 -7.03
CA LYS A 102 -11.59 -4.88 -6.42
C LYS A 102 -11.23 -4.93 -4.92
N LEU A 103 -12.09 -5.58 -4.16
CA LEU A 103 -11.87 -5.71 -2.73
C LEU A 103 -10.57 -6.48 -2.48
N TYR A 104 -9.67 -5.82 -1.76
CA TYR A 104 -8.39 -6.44 -1.45
C TYR A 104 -8.50 -7.35 -0.23
N TYR A 105 -8.49 -8.65 -0.50
CA TYR A 105 -8.58 -9.64 0.56
C TYR A 105 -7.21 -9.92 1.18
N VAL A 106 -7.19 -9.98 2.50
CA VAL A 106 -5.95 -10.24 3.21
C VAL A 106 -5.68 -11.75 3.21
N THR A 107 -4.44 -12.09 3.55
CA THR A 107 -4.04 -13.49 3.59
C THR A 107 -4.64 -14.18 4.80
N THR A 108 -4.58 -13.50 5.94
CA THR A 108 -5.11 -14.05 7.17
C THR A 108 -5.23 -12.94 8.24
N LYS A 109 -6.22 -13.10 9.09
CA LYS A 109 -6.45 -12.13 10.15
C LYS A 109 -7.81 -12.41 10.80
N ASP A 110 -8.01 -13.67 11.17
CA ASP A 110 -9.25 -14.08 11.80
C ASP A 110 -9.31 -13.52 13.23
N LYS A 111 -10.49 -13.60 13.82
CA LYS A 111 -10.68 -13.11 15.17
C LYS A 111 -10.57 -11.58 15.18
N ASP A 112 -11.19 -10.98 16.18
CA ASP A 112 -11.17 -9.54 16.32
C ASP A 112 -11.80 -8.90 15.07
N LEU A 113 -13.09 -9.15 14.91
CA LEU A 113 -13.80 -8.61 13.76
C LEU A 113 -15.26 -9.09 13.81
N GLN A 114 -16.15 -8.22 13.36
CA GLN A 114 -17.57 -8.54 13.36
C GLN A 114 -18.30 -7.73 12.27
N SER A 115 -18.63 -8.42 11.19
CA SER A 115 -19.31 -7.77 10.08
C SER A 115 -19.91 -8.83 9.15
N GLY A 116 -19.02 -9.62 8.57
CA GLY A 116 -19.44 -10.67 7.66
C GLY A 116 -19.05 -10.35 6.21
N PRO A 117 -18.22 -11.25 5.63
CA PRO A 117 -17.75 -11.06 4.26
C PRO A 117 -18.87 -11.38 3.27
N SER A 118 -19.38 -12.60 3.36
CA SER A 118 -20.44 -13.05 2.47
C SER A 118 -21.04 -14.35 2.99
N SER A 119 -22.17 -14.72 2.40
CA SER A 119 -22.85 -15.94 2.79
C SER A 119 -21.99 -17.16 2.46
N GLY A 120 -21.51 -17.81 3.52
CA GLY A 120 -20.67 -18.97 3.35
C GLY A 120 -19.57 -19.01 4.40
N GLY A 1 34.48 -6.06 14.05
CA GLY A 1 33.93 -6.02 12.71
C GLY A 1 33.74 -4.58 12.24
N SER A 2 33.39 -4.45 10.97
CA SER A 2 33.18 -3.14 10.38
C SER A 2 32.76 -3.27 8.92
N SER A 3 31.86 -2.40 8.50
CA SER A 3 31.38 -2.41 7.14
C SER A 3 30.45 -1.22 6.89
N GLY A 4 30.58 -0.65 5.70
CA GLY A 4 29.77 0.51 5.34
C GLY A 4 30.32 1.79 5.97
N SER A 5 30.74 2.70 5.11
CA SER A 5 31.28 3.97 5.57
C SER A 5 31.57 4.89 4.38
N SER A 6 31.82 6.14 4.69
CA SER A 6 32.09 7.13 3.66
C SER A 6 31.14 6.94 2.48
N GLY A 7 30.00 7.60 2.57
CA GLY A 7 29.00 7.51 1.52
C GLY A 7 27.61 7.83 2.06
N ASN A 8 26.94 8.76 1.36
CA ASN A 8 25.61 9.16 1.76
C ASN A 8 24.79 9.51 0.51
N LYS A 9 23.98 8.55 0.10
CA LYS A 9 23.14 8.73 -1.07
C LYS A 9 22.20 7.54 -1.22
N ASP A 10 20.90 7.84 -1.20
CA ASP A 10 19.90 6.80 -1.33
C ASP A 10 18.65 7.38 -2.00
N ASN A 11 18.02 8.32 -1.30
CA ASN A 11 16.82 8.96 -1.81
C ASN A 11 15.69 7.94 -1.87
N LEU A 12 14.49 8.45 -2.15
CA LEU A 12 13.32 7.59 -2.23
C LEU A 12 12.66 7.79 -3.59
N ASP A 13 11.55 7.08 -3.77
CA ASP A 13 10.81 7.17 -5.03
C ASP A 13 9.41 6.56 -4.83
N LEU A 14 8.47 7.03 -5.64
CA LEU A 14 7.11 6.54 -5.56
C LEU A 14 7.12 5.04 -5.28
N ALA A 15 8.09 4.37 -5.89
CA ALA A 15 8.23 2.93 -5.72
C ALA A 15 8.84 2.65 -4.34
N GLY A 16 9.94 3.33 -4.06
CA GLY A 16 10.62 3.16 -2.80
C GLY A 16 9.69 3.46 -1.62
N LEU A 17 9.14 4.67 -1.64
CA LEU A 17 8.23 5.10 -0.59
C LEU A 17 7.05 4.13 -0.53
N THR A 18 6.72 3.57 -1.69
CA THR A 18 5.61 2.64 -1.77
C THR A 18 5.93 1.36 -1.00
N SER A 19 7.03 0.74 -1.37
CA SER A 19 7.45 -0.49 -0.71
C SER A 19 7.16 -0.41 0.78
N LEU A 20 7.38 0.77 1.33
CA LEU A 20 7.15 0.99 2.75
C LEU A 20 5.65 0.96 3.04
N LEU A 21 4.94 1.87 2.36
CA LEU A 21 3.50 1.95 2.53
C LEU A 21 2.91 0.54 2.59
N SER A 22 3.38 -0.30 1.67
CA SER A 22 2.91 -1.67 1.61
C SER A 22 2.85 -2.27 3.02
N GLU A 23 3.93 -2.09 3.75
CA GLU A 23 4.02 -2.61 5.11
C GLU A 23 3.05 -1.86 6.02
N LYS A 24 2.77 -0.62 5.64
CA LYS A 24 1.87 0.21 6.42
C LYS A 24 0.43 -0.31 6.23
N ILE A 25 0.13 -0.68 5.01
CA ILE A 25 -1.20 -1.19 4.69
C ILE A 25 -1.33 -2.62 5.21
N LYS A 26 -0.28 -3.41 4.95
CA LYS A 26 -0.27 -4.79 5.39
C LYS A 26 -0.40 -4.85 6.92
N GLU A 27 0.28 -3.91 7.57
CA GLU A 27 0.24 -3.84 9.03
C GLU A 27 -1.15 -3.45 9.51
N PHE A 28 -1.72 -2.44 8.84
CA PHE A 28 -3.04 -1.96 9.18
C PHE A 28 -4.02 -3.12 9.32
N LEU A 29 -3.82 -4.13 8.49
CA LEU A 29 -4.68 -5.30 8.50
C LEU A 29 -4.59 -5.98 9.86
N GLN A 30 -3.35 -6.17 10.31
CA GLN A 30 -3.12 -6.81 11.60
C GLN A 30 -3.52 -5.87 12.73
N GLU A 31 -3.74 -4.61 12.38
CA GLU A 31 -4.13 -3.62 13.36
C GLU A 31 -5.65 -3.55 13.48
N LYS A 32 -6.30 -3.66 12.33
CA LYS A 32 -7.75 -3.62 12.29
C LYS A 32 -8.30 -5.04 12.46
N LYS A 33 -7.41 -6.01 12.32
CA LYS A 33 -7.79 -7.40 12.45
C LYS A 33 -8.94 -7.71 11.48
N MET A 34 -8.67 -7.48 10.20
CA MET A 34 -9.66 -7.73 9.18
C MET A 34 -9.18 -8.82 8.21
N GLN A 35 -10.15 -9.41 7.52
CA GLN A 35 -9.85 -10.46 6.56
C GLN A 35 -10.17 -9.99 5.14
N SER A 36 -10.59 -8.74 5.05
CA SER A 36 -10.93 -8.17 3.77
C SER A 36 -11.07 -6.65 3.89
N PHE A 37 -10.74 -5.96 2.81
CA PHE A 37 -10.82 -4.51 2.79
C PHE A 37 -10.44 -3.96 1.41
N TYR A 38 -10.45 -2.64 1.32
CA TYR A 38 -10.11 -1.98 0.07
C TYR A 38 -9.04 -0.90 0.29
N GLN A 39 -8.21 -0.74 -0.74
CA GLN A 39 -7.14 0.25 -0.66
C GLN A 39 -7.70 1.62 -0.28
N GLN A 40 -9.01 1.77 -0.47
CA GLN A 40 -9.67 3.02 -0.16
C GLN A 40 -9.95 3.10 1.35
N GLU A 41 -9.82 1.95 2.00
CA GLU A 41 -10.05 1.88 3.43
C GLU A 41 -8.80 2.31 4.20
N LEU A 42 -7.72 2.45 3.46
CA LEU A 42 -6.45 2.86 4.06
C LEU A 42 -6.15 4.30 3.67
N GLU A 43 -6.77 4.74 2.58
CA GLU A 43 -6.58 6.09 2.11
C GLU A 43 -7.15 7.10 3.12
N THR A 44 -7.99 6.59 3.99
CA THR A 44 -8.60 7.42 5.02
C THR A 44 -7.83 7.31 6.32
N VAL A 45 -6.92 6.36 6.36
CA VAL A 45 -6.10 6.14 7.55
C VAL A 45 -4.96 7.15 7.56
N GLU A 46 -5.19 8.25 8.28
CA GLU A 46 -4.18 9.29 8.39
C GLU A 46 -2.81 8.68 8.67
N SER A 47 -2.77 7.85 9.70
CA SER A 47 -1.52 7.20 10.08
C SER A 47 -0.85 6.59 8.84
N LEU A 48 -1.67 6.32 7.84
CA LEU A 48 -1.17 5.74 6.61
C LEU A 48 -0.90 6.85 5.59
N GLN A 49 -1.95 7.62 5.31
CA GLN A 49 -1.85 8.71 4.37
C GLN A 49 -0.55 9.49 4.60
N SER A 50 -0.26 9.72 5.89
CA SER A 50 0.94 10.45 6.25
C SER A 50 2.14 9.94 5.46
N LEU A 51 2.02 8.70 5.02
CA LEU A 51 3.09 8.07 4.25
C LEU A 51 2.75 8.16 2.76
N ALA A 52 1.52 7.77 2.43
CA ALA A 52 1.07 7.81 1.05
C ALA A 52 1.03 9.25 0.56
N SER A 53 1.26 10.17 1.50
CA SER A 53 1.26 11.59 1.18
C SER A 53 2.69 12.13 1.25
N ARG A 54 3.53 11.41 1.96
CA ARG A 54 4.92 11.82 2.12
C ARG A 54 5.49 12.27 0.77
N PRO A 55 6.60 13.06 0.84
CA PRO A 55 7.24 13.56 -0.36
C PRO A 55 8.04 12.45 -1.06
N VAL A 56 8.45 12.74 -2.27
CA VAL A 56 9.23 11.80 -3.05
C VAL A 56 9.25 12.23 -4.52
N THR A 57 10.32 11.85 -5.20
CA THR A 57 10.47 12.21 -6.60
C THR A 57 10.10 11.02 -7.49
N HIS A 58 9.52 11.36 -8.64
CA HIS A 58 9.10 10.33 -9.59
C HIS A 58 8.70 10.99 -10.91
N SER A 59 8.22 10.17 -11.82
CA SER A 59 7.79 10.66 -13.13
C SER A 59 6.92 9.60 -13.81
N THR A 60 5.61 9.73 -13.60
CA THR A 60 4.66 8.80 -14.20
C THR A 60 3.33 9.49 -14.44
N GLY A 61 2.41 8.75 -15.03
CA GLY A 61 1.09 9.27 -15.32
C GLY A 61 0.03 8.58 -14.46
N SER A 62 -1.17 8.47 -15.03
CA SER A 62 -2.28 7.83 -14.33
C SER A 62 -3.43 7.57 -15.31
N ASP A 63 -4.46 6.92 -14.79
CA ASP A 63 -5.62 6.60 -15.59
C ASP A 63 -6.69 7.67 -15.37
N GLN A 64 -7.73 7.60 -16.21
CA GLN A 64 -8.83 8.55 -16.12
C GLN A 64 -10.06 7.87 -15.52
N VAL A 65 -9.85 7.20 -14.40
CA VAL A 65 -10.94 6.52 -13.72
C VAL A 65 -11.10 7.08 -12.31
N GLU A 66 -11.30 8.39 -12.26
CA GLU A 66 -11.47 9.07 -10.97
C GLU A 66 -12.64 10.05 -11.06
N LEU A 67 -13.68 9.75 -10.29
CA LEU A 67 -14.87 10.59 -10.26
C LEU A 67 -14.93 11.32 -8.93
N LYS A 68 -13.83 11.99 -8.60
CA LYS A 68 -13.74 12.73 -7.35
C LYS A 68 -12.80 13.92 -7.53
N ASP A 69 -12.78 14.78 -6.52
CA ASP A 69 -11.93 15.96 -6.56
C ASP A 69 -10.46 15.53 -6.54
N SER A 70 -9.59 16.48 -6.84
CA SER A 70 -8.17 16.21 -6.87
C SER A 70 -7.42 17.25 -6.02
N GLY A 71 -6.21 16.90 -5.64
CA GLY A 71 -5.39 17.79 -4.84
C GLY A 71 -4.73 17.03 -3.67
N THR A 72 -3.44 16.79 -3.82
CA THR A 72 -2.69 16.08 -2.80
C THR A 72 -3.51 14.92 -2.25
N SER A 73 -3.86 14.00 -3.14
CA SER A 73 -4.64 12.84 -2.76
C SER A 73 -4.50 11.74 -3.82
N GLY A 74 -4.63 12.14 -5.07
CA GLY A 74 -4.52 11.20 -6.17
C GLY A 74 -3.17 10.50 -6.15
N VAL A 75 -2.17 11.21 -5.65
CA VAL A 75 -0.83 10.65 -5.57
C VAL A 75 -0.82 9.47 -4.61
N ALA A 76 -1.28 9.73 -3.39
CA ALA A 76 -1.34 8.69 -2.38
C ALA A 76 -2.04 7.46 -2.95
N GLN A 77 -2.98 7.72 -3.84
CA GLN A 77 -3.74 6.66 -4.47
C GLN A 77 -2.81 5.77 -5.31
N ARG A 78 -1.70 6.36 -5.71
CA ARG A 78 -0.72 5.64 -6.52
C ARG A 78 0.24 4.86 -5.62
N VAL A 79 0.46 5.40 -4.44
CA VAL A 79 1.36 4.76 -3.48
C VAL A 79 0.60 3.63 -2.77
N PHE A 80 -0.64 3.93 -2.41
CA PHE A 80 -1.48 2.96 -1.72
C PHE A 80 -1.78 1.77 -2.63
N LYS A 81 -2.42 2.07 -3.75
CA LYS A 81 -2.78 1.02 -4.70
C LYS A 81 -1.55 0.15 -4.98
N ASN A 82 -0.40 0.80 -5.01
CA ASN A 82 0.85 0.10 -5.26
C ASN A 82 1.16 -0.84 -4.10
N ALA A 83 1.00 -0.30 -2.89
CA ALA A 83 1.26 -1.07 -1.69
C ALA A 83 0.56 -2.43 -1.81
N LEU A 84 -0.74 -2.37 -2.02
CA LEU A 84 -1.53 -3.58 -2.16
C LEU A 84 -0.87 -4.51 -3.17
N GLN A 85 -0.55 -3.94 -4.32
CA GLN A 85 0.09 -4.71 -5.38
C GLN A 85 1.24 -5.55 -4.82
N LEU A 86 2.18 -4.84 -4.20
CA LEU A 86 3.34 -5.50 -3.61
C LEU A 86 2.87 -6.56 -2.60
N LEU A 87 1.94 -6.13 -1.75
CA LEU A 87 1.40 -7.03 -0.74
C LEU A 87 1.05 -8.37 -1.39
N GLN A 88 0.31 -8.27 -2.48
CA GLN A 88 -0.10 -9.47 -3.20
C GLN A 88 1.11 -10.29 -3.62
N GLU A 89 2.15 -9.58 -4.04
CA GLU A 89 3.38 -10.22 -4.47
C GLU A 89 4.04 -10.95 -3.29
N LYS A 90 3.86 -10.38 -2.11
CA LYS A 90 4.42 -10.96 -0.90
C LYS A 90 3.48 -12.05 -0.38
N GLY A 91 2.21 -11.90 -0.69
CA GLY A 91 1.21 -12.86 -0.27
C GLY A 91 0.41 -12.32 0.92
N LEU A 92 0.57 -11.03 1.17
CA LEU A 92 -0.12 -10.39 2.27
C LEU A 92 -1.62 -10.33 1.95
N VAL A 93 -1.91 -10.00 0.70
CA VAL A 93 -3.29 -9.90 0.25
C VAL A 93 -3.42 -10.59 -1.11
N PHE A 94 -4.66 -10.61 -1.61
CA PHE A 94 -4.93 -11.22 -2.90
C PHE A 94 -6.27 -10.73 -3.46
N GLN A 95 -6.33 -10.67 -4.78
CA GLN A 95 -7.53 -10.22 -5.46
C GLN A 95 -8.23 -11.40 -6.14
N ARG A 96 -9.55 -11.41 -6.05
CA ARG A 96 -10.34 -12.46 -6.65
C ARG A 96 -11.12 -11.92 -7.86
N ASP A 97 -10.46 -11.05 -8.61
CA ASP A 97 -11.07 -10.46 -9.79
C ASP A 97 -10.10 -9.46 -10.40
N SER A 98 -9.56 -9.84 -11.56
CA SER A 98 -8.63 -8.98 -12.26
C SER A 98 -9.23 -7.59 -12.47
N GLY A 99 -8.71 -6.64 -11.72
CA GLY A 99 -9.19 -5.27 -11.81
C GLY A 99 -8.24 -4.31 -11.10
N SER A 100 -8.49 -3.02 -11.30
CA SER A 100 -7.67 -1.99 -10.67
C SER A 100 -8.31 -1.54 -9.36
N ASP A 101 -9.59 -1.82 -9.23
CA ASP A 101 -10.32 -1.45 -8.03
C ASP A 101 -11.17 -2.64 -7.57
N LYS A 102 -10.56 -3.47 -6.73
CA LYS A 102 -11.25 -4.64 -6.21
C LYS A 102 -10.96 -4.77 -4.71
N LEU A 103 -11.56 -5.78 -4.11
CA LEU A 103 -11.38 -6.03 -2.69
C LEU A 103 -10.05 -6.76 -2.47
N TYR A 104 -9.21 -6.15 -1.66
CA TYR A 104 -7.91 -6.72 -1.36
C TYR A 104 -7.98 -7.64 -0.14
N TYR A 105 -8.23 -8.91 -0.40
CA TYR A 105 -8.33 -9.89 0.67
C TYR A 105 -6.96 -10.17 1.29
N VAL A 106 -6.85 -9.84 2.56
CA VAL A 106 -5.60 -10.05 3.28
C VAL A 106 -5.44 -11.54 3.60
N THR A 107 -4.19 -11.94 3.79
CA THR A 107 -3.90 -13.33 4.11
C THR A 107 -4.73 -13.80 5.29
N THR A 108 -5.08 -15.07 5.27
CA THR A 108 -5.88 -15.66 6.33
C THR A 108 -5.09 -16.76 7.05
N LYS A 109 -5.61 -17.17 8.20
CA LYS A 109 -4.97 -18.21 8.99
C LYS A 109 -4.42 -19.29 8.05
N ASP A 110 -3.22 -19.75 8.37
CA ASP A 110 -2.58 -20.78 7.58
C ASP A 110 -1.91 -20.13 6.36
N LYS A 111 -0.63 -19.80 6.54
CA LYS A 111 0.13 -19.17 5.47
C LYS A 111 0.60 -20.25 4.50
N ASP A 112 1.45 -19.83 3.57
CA ASP A 112 1.98 -20.74 2.57
C ASP A 112 3.30 -20.18 2.02
N LEU A 113 4.06 -21.06 1.38
CA LEU A 113 5.34 -20.67 0.81
C LEU A 113 5.14 -19.42 -0.04
N GLN A 114 5.58 -18.29 0.50
CA GLN A 114 5.47 -17.02 -0.21
C GLN A 114 6.07 -15.89 0.62
N SER A 115 7.04 -15.22 0.02
CA SER A 115 7.71 -14.12 0.70
C SER A 115 8.78 -13.52 -0.22
N GLY A 116 9.34 -12.40 0.22
CA GLY A 116 10.37 -11.73 -0.54
C GLY A 116 11.19 -10.78 0.34
N PRO A 117 12.22 -10.17 -0.27
CA PRO A 117 13.09 -9.25 0.45
C PRO A 117 12.40 -7.91 0.69
N SER A 118 12.60 -7.37 1.88
CA SER A 118 12.00 -6.10 2.24
C SER A 118 12.36 -5.74 3.68
N SER A 119 12.02 -6.64 4.59
CA SER A 119 12.32 -6.43 6.00
C SER A 119 12.65 -7.76 6.67
N GLY A 120 13.66 -8.43 6.13
CA GLY A 120 14.08 -9.71 6.68
C GLY A 120 15.47 -10.10 6.17
N GLY A 1 31.29 -12.65 11.17
CA GLY A 1 32.26 -11.59 11.00
C GLY A 1 31.73 -10.50 10.07
N SER A 2 31.65 -9.30 10.61
CA SER A 2 31.17 -8.16 9.83
C SER A 2 31.60 -6.86 10.49
N SER A 3 31.87 -5.86 9.65
CA SER A 3 32.30 -4.56 10.14
C SER A 3 32.53 -3.62 8.96
N GLY A 4 32.29 -2.34 9.21
CA GLY A 4 32.46 -1.33 8.19
C GLY A 4 31.36 -0.27 8.27
N SER A 5 31.48 0.74 7.41
CA SER A 5 30.50 1.81 7.37
C SER A 5 29.09 1.24 7.33
N SER A 6 28.12 2.12 7.38
CA SER A 6 26.72 1.72 7.35
C SER A 6 26.00 2.40 6.18
N GLY A 7 26.41 2.02 4.97
CA GLY A 7 25.81 2.59 3.77
C GLY A 7 25.76 4.11 3.85
N ASN A 8 24.99 4.69 2.94
CA ASN A 8 24.85 6.14 2.90
C ASN A 8 23.85 6.51 1.80
N LYS A 9 22.97 7.44 2.14
CA LYS A 9 21.96 7.89 1.20
C LYS A 9 21.06 6.71 0.81
N ASP A 10 19.77 6.98 0.75
CA ASP A 10 18.80 5.96 0.39
C ASP A 10 17.79 6.54 -0.60
N ASN A 11 17.32 7.74 -0.28
CA ASN A 11 16.35 8.41 -1.14
C ASN A 11 15.10 7.54 -1.28
N LEU A 12 13.99 8.19 -1.59
CA LEU A 12 12.74 7.49 -1.76
C LEU A 12 12.25 7.66 -3.20
N ASP A 13 11.11 7.04 -3.48
CA ASP A 13 10.53 7.10 -4.81
C ASP A 13 9.23 6.31 -4.84
N LEU A 14 8.37 6.68 -5.77
CA LEU A 14 7.08 6.01 -5.91
C LEU A 14 7.25 4.53 -5.60
N ALA A 15 8.42 4.01 -5.95
CA ALA A 15 8.71 2.60 -5.72
C ALA A 15 9.07 2.40 -4.24
N GLY A 16 10.07 3.16 -3.81
CA GLY A 16 10.53 3.08 -2.44
C GLY A 16 9.40 3.43 -1.45
N LEU A 17 8.68 4.49 -1.80
CA LEU A 17 7.57 4.94 -0.96
C LEU A 17 6.53 3.82 -0.87
N THR A 18 6.49 2.99 -1.90
CA THR A 18 5.55 1.89 -1.94
C THR A 18 6.03 0.74 -1.05
N SER A 19 7.24 0.30 -1.32
CA SER A 19 7.84 -0.79 -0.54
C SER A 19 7.55 -0.58 0.94
N LEU A 20 7.65 0.67 1.36
CA LEU A 20 7.43 1.02 2.76
C LEU A 20 5.93 0.89 3.06
N LEU A 21 5.14 1.75 2.42
CA LEU A 21 3.71 1.73 2.61
C LEU A 21 3.21 0.29 2.67
N SER A 22 3.59 -0.47 1.64
CA SER A 22 3.19 -1.86 1.55
C SER A 22 3.22 -2.50 2.95
N GLU A 23 4.18 -2.06 3.75
CA GLU A 23 4.34 -2.57 5.10
C GLU A 23 3.34 -1.89 6.04
N LYS A 24 3.22 -0.58 5.88
CA LYS A 24 2.31 0.20 6.71
C LYS A 24 0.89 -0.34 6.53
N ILE A 25 0.49 -0.46 5.27
CA ILE A 25 -0.84 -0.96 4.95
C ILE A 25 -1.04 -2.34 5.58
N LYS A 26 -0.07 -3.21 5.32
CA LYS A 26 -0.11 -4.56 5.85
C LYS A 26 -0.21 -4.50 7.37
N GLU A 27 0.55 -3.58 7.95
CA GLU A 27 0.55 -3.41 9.39
C GLU A 27 -0.85 -3.05 9.89
N PHE A 28 -1.51 -2.19 9.14
CA PHE A 28 -2.86 -1.76 9.50
C PHE A 28 -3.78 -2.97 9.69
N LEU A 29 -3.72 -3.88 8.74
CA LEU A 29 -4.55 -5.07 8.80
C LEU A 29 -4.35 -5.75 10.15
N GLN A 30 -3.09 -5.89 10.54
CA GLN A 30 -2.76 -6.52 11.81
C GLN A 30 -3.29 -5.67 12.97
N GLU A 31 -3.55 -4.41 12.66
CA GLU A 31 -4.05 -3.49 13.67
C GLU A 31 -5.58 -3.54 13.73
N LYS A 32 -6.20 -3.46 12.56
CA LYS A 32 -7.64 -3.50 12.47
C LYS A 32 -8.11 -4.95 12.52
N LYS A 33 -7.16 -5.86 12.32
CA LYS A 33 -7.46 -7.29 12.35
C LYS A 33 -8.67 -7.56 11.46
N MET A 34 -8.49 -7.32 10.17
CA MET A 34 -9.56 -7.54 9.21
C MET A 34 -9.22 -8.70 8.27
N GLN A 35 -10.18 -9.05 7.43
CA GLN A 35 -10.01 -10.13 6.48
C GLN A 35 -10.24 -9.63 5.05
N SER A 36 -10.61 -8.36 4.96
CA SER A 36 -10.87 -7.75 3.66
C SER A 36 -10.92 -6.23 3.80
N PHE A 37 -10.65 -5.56 2.70
CA PHE A 37 -10.66 -4.11 2.68
C PHE A 37 -10.41 -3.57 1.27
N TYR A 38 -10.62 -2.27 1.12
CA TYR A 38 -10.43 -1.62 -0.17
C TYR A 38 -9.32 -0.57 -0.09
N GLN A 39 -8.79 -0.23 -1.25
CA GLN A 39 -7.72 0.77 -1.33
C GLN A 39 -8.21 2.10 -0.78
N GLN A 40 -9.51 2.34 -0.94
CA GLN A 40 -10.11 3.57 -0.46
C GLN A 40 -10.24 3.55 1.06
N GLU A 41 -10.66 2.40 1.56
CA GLU A 41 -10.83 2.22 3.00
C GLU A 41 -9.52 2.50 3.72
N LEU A 42 -8.44 2.52 2.95
CA LEU A 42 -7.12 2.77 3.52
C LEU A 42 -6.75 4.23 3.29
N GLU A 43 -7.37 4.82 2.29
CA GLU A 43 -7.11 6.22 1.95
C GLU A 43 -7.53 7.12 3.11
N THR A 44 -8.32 6.56 4.01
CA THR A 44 -8.80 7.29 5.16
C THR A 44 -7.98 6.93 6.41
N VAL A 45 -7.06 6.01 6.22
CA VAL A 45 -6.20 5.56 7.31
C VAL A 45 -4.98 6.47 7.39
N GLU A 46 -5.11 7.52 8.20
CA GLU A 46 -4.02 8.47 8.37
C GLU A 46 -2.70 7.72 8.59
N SER A 47 -2.72 6.80 9.55
CA SER A 47 -1.53 6.03 9.86
C SER A 47 -0.86 5.56 8.57
N LEU A 48 -1.67 5.41 7.53
CA LEU A 48 -1.16 4.98 6.24
C LEU A 48 -0.86 6.21 5.37
N GLN A 49 -1.89 6.99 5.13
CA GLN A 49 -1.75 8.19 4.33
C GLN A 49 -0.48 8.95 4.73
N SER A 50 -0.34 9.14 6.05
CA SER A 50 0.82 9.84 6.57
C SER A 50 2.10 9.36 5.88
N LEU A 51 2.01 8.15 5.35
CA LEU A 51 3.14 7.55 4.66
C LEU A 51 2.99 7.74 3.15
N ALA A 52 1.97 7.09 2.61
CA ALA A 52 1.70 7.18 1.19
C ALA A 52 1.57 8.66 0.79
N SER A 53 0.95 9.42 1.68
CA SER A 53 0.76 10.84 1.43
C SER A 53 2.11 11.54 1.31
N ARG A 54 3.12 10.92 1.90
CA ARG A 54 4.47 11.47 1.85
C ARG A 54 4.82 11.91 0.43
N PRO A 55 5.75 12.90 0.34
CA PRO A 55 6.17 13.42 -0.94
C PRO A 55 7.10 12.43 -1.65
N VAL A 56 7.40 12.74 -2.90
CA VAL A 56 8.27 11.90 -3.70
C VAL A 56 8.16 12.29 -5.17
N THR A 57 9.24 12.05 -5.90
CA THR A 57 9.28 12.37 -7.31
C THR A 57 7.91 12.12 -7.96
N HIS A 58 7.25 13.21 -8.32
CA HIS A 58 5.95 13.13 -8.94
C HIS A 58 5.78 14.27 -9.95
N SER A 59 4.58 14.36 -10.50
CA SER A 59 4.27 15.39 -11.47
C SER A 59 2.79 15.35 -11.83
N THR A 60 2.25 16.52 -12.16
CA THR A 60 0.85 16.63 -12.52
C THR A 60 0.59 15.91 -13.85
N GLY A 61 -0.54 15.22 -13.90
CA GLY A 61 -0.92 14.48 -15.09
C GLY A 61 -0.15 13.16 -15.19
N SER A 62 -0.84 12.15 -15.69
CA SER A 62 -0.25 10.84 -15.83
C SER A 62 -1.18 9.91 -16.61
N ASP A 63 -2.37 9.71 -16.05
CA ASP A 63 -3.36 8.85 -16.69
C ASP A 63 -4.64 9.65 -16.91
N GLN A 64 -5.22 9.46 -18.09
CA GLN A 64 -6.45 10.16 -18.44
C GLN A 64 -7.59 9.71 -17.51
N VAL A 65 -7.63 10.32 -16.34
CA VAL A 65 -8.66 10.00 -15.37
C VAL A 65 -8.78 11.15 -14.36
N GLU A 66 -10.02 11.50 -14.06
CA GLU A 66 -10.28 12.57 -13.11
C GLU A 66 -11.25 12.10 -12.03
N LEU A 67 -10.68 11.69 -10.90
CA LEU A 67 -11.48 11.22 -9.79
C LEU A 67 -11.79 12.38 -8.85
N LYS A 68 -12.64 12.11 -7.87
CA LYS A 68 -13.02 13.13 -6.91
C LYS A 68 -11.77 13.90 -6.46
N ASP A 69 -12.01 15.12 -6.00
CA ASP A 69 -10.92 15.97 -5.54
C ASP A 69 -9.92 16.16 -6.68
N SER A 70 -9.01 17.11 -6.47
CA SER A 70 -8.00 17.40 -7.46
C SER A 70 -6.72 17.90 -6.78
N GLY A 71 -5.67 18.03 -7.57
CA GLY A 71 -4.40 18.50 -7.06
C GLY A 71 -3.62 17.35 -6.40
N THR A 72 -3.28 17.56 -5.14
CA THR A 72 -2.53 16.57 -4.38
C THR A 72 -3.47 15.44 -3.91
N SER A 73 -4.15 14.85 -4.88
CA SER A 73 -5.08 13.77 -4.59
C SER A 73 -4.99 12.69 -5.66
N GLY A 74 -3.83 12.06 -5.72
CA GLY A 74 -3.60 11.00 -6.69
C GLY A 74 -2.33 10.22 -6.38
N VAL A 75 -1.30 10.97 -5.96
CA VAL A 75 -0.03 10.36 -5.63
C VAL A 75 -0.27 9.17 -4.69
N ALA A 76 -0.75 9.49 -3.50
CA ALA A 76 -1.02 8.46 -2.51
C ALA A 76 -1.81 7.32 -3.16
N GLN A 77 -2.86 7.70 -3.87
CA GLN A 77 -3.71 6.73 -4.54
C GLN A 77 -2.85 5.74 -5.32
N ARG A 78 -1.67 6.21 -5.72
CA ARG A 78 -0.75 5.37 -6.47
C ARG A 78 0.14 4.57 -5.52
N VAL A 79 0.62 5.26 -4.49
CA VAL A 79 1.48 4.62 -3.50
C VAL A 79 0.67 3.58 -2.73
N PHE A 80 -0.60 3.87 -2.56
CA PHE A 80 -1.49 2.98 -1.85
C PHE A 80 -1.82 1.74 -2.69
N LYS A 81 -2.16 2.00 -3.95
CA LYS A 81 -2.50 0.93 -4.86
C LYS A 81 -1.26 0.08 -5.14
N ASN A 82 -0.13 0.76 -5.26
CA ASN A 82 1.13 0.10 -5.53
C ASN A 82 1.58 -0.65 -4.27
N ALA A 83 1.51 0.03 -3.14
CA ALA A 83 1.90 -0.56 -1.88
C ALA A 83 1.16 -1.88 -1.69
N LEU A 84 -0.12 -1.87 -2.03
CA LEU A 84 -0.94 -3.05 -1.90
C LEU A 84 -0.38 -4.16 -2.79
N GLN A 85 0.15 -3.75 -3.94
CA GLN A 85 0.74 -4.69 -4.88
C GLN A 85 1.83 -5.51 -4.20
N LEU A 86 2.79 -4.79 -3.64
CA LEU A 86 3.91 -5.44 -2.95
C LEU A 86 3.37 -6.54 -2.05
N LEU A 87 2.24 -6.25 -1.42
CA LEU A 87 1.62 -7.21 -0.51
C LEU A 87 1.12 -8.41 -1.33
N GLN A 88 0.52 -8.10 -2.46
CA GLN A 88 -0.01 -9.14 -3.33
C GLN A 88 1.13 -9.97 -3.92
N GLU A 89 2.33 -9.42 -3.81
CA GLU A 89 3.52 -10.10 -4.33
C GLU A 89 4.16 -10.94 -3.23
N LYS A 90 3.94 -10.53 -1.99
CA LYS A 90 4.49 -11.24 -0.86
C LYS A 90 3.52 -12.36 -0.44
N GLY A 91 2.25 -12.11 -0.69
CA GLY A 91 1.23 -13.08 -0.34
C GLY A 91 0.41 -12.63 0.86
N LEU A 92 0.61 -11.37 1.23
CA LEU A 92 -0.09 -10.79 2.36
C LEU A 92 -1.56 -10.59 1.98
N VAL A 93 -1.77 -10.05 0.79
CA VAL A 93 -3.12 -9.80 0.30
C VAL A 93 -3.27 -10.41 -1.09
N PHE A 94 -4.49 -10.37 -1.58
CA PHE A 94 -4.80 -10.92 -2.90
C PHE A 94 -6.13 -10.39 -3.43
N GLN A 95 -6.16 -10.15 -4.74
CA GLN A 95 -7.37 -9.66 -5.37
C GLN A 95 -7.98 -10.73 -6.27
N ARG A 96 -9.21 -11.11 -5.93
CA ARG A 96 -9.91 -12.12 -6.69
C ARG A 96 -10.67 -11.49 -7.85
N ASP A 97 -9.95 -10.69 -8.62
CA ASP A 97 -10.54 -10.01 -9.76
C ASP A 97 -9.58 -8.92 -10.25
N SER A 98 -8.87 -9.23 -11.31
CA SER A 98 -7.92 -8.30 -11.88
C SER A 98 -8.62 -6.99 -12.23
N GLY A 99 -8.42 -6.00 -11.37
CA GLY A 99 -9.02 -4.69 -11.57
C GLY A 99 -8.61 -3.72 -10.46
N SER A 100 -8.23 -2.51 -10.88
CA SER A 100 -7.81 -1.49 -9.94
C SER A 100 -9.05 -0.81 -9.33
N ASP A 101 -9.92 -1.64 -8.79
CA ASP A 101 -11.14 -1.13 -8.17
C ASP A 101 -11.94 -2.29 -7.59
N LYS A 102 -11.20 -3.25 -7.05
CA LYS A 102 -11.83 -4.42 -6.44
C LYS A 102 -11.48 -4.46 -4.95
N LEU A 103 -12.02 -5.49 -4.29
CA LEU A 103 -11.78 -5.66 -2.86
C LEU A 103 -10.47 -6.41 -2.66
N TYR A 104 -9.65 -5.89 -1.76
CA TYR A 104 -8.37 -6.52 -1.46
C TYR A 104 -8.49 -7.47 -0.26
N TYR A 105 -8.21 -8.73 -0.54
CA TYR A 105 -8.29 -9.76 0.50
C TYR A 105 -6.93 -9.95 1.17
N VAL A 106 -6.96 -10.03 2.49
CA VAL A 106 -5.74 -10.22 3.26
C VAL A 106 -5.62 -11.70 3.66
N THR A 107 -4.38 -12.15 3.76
CA THR A 107 -4.12 -13.53 4.13
C THR A 107 -4.90 -13.90 5.39
N THR A 108 -5.38 -15.13 5.41
CA THR A 108 -6.15 -15.63 6.55
C THR A 108 -5.51 -16.88 7.12
N LYS A 109 -6.15 -17.43 8.14
CA LYS A 109 -5.65 -18.63 8.79
C LYS A 109 -5.86 -19.82 7.86
N ASP A 110 -4.83 -20.12 7.08
CA ASP A 110 -4.88 -21.24 6.16
C ASP A 110 -5.96 -20.97 5.10
N LYS A 111 -6.03 -21.87 4.13
CA LYS A 111 -7.02 -21.73 3.07
C LYS A 111 -6.70 -20.48 2.24
N ASP A 112 -6.24 -20.72 1.02
CA ASP A 112 -5.90 -19.63 0.12
C ASP A 112 -5.72 -20.17 -1.30
N LEU A 113 -5.96 -19.30 -2.27
CA LEU A 113 -5.84 -19.69 -3.66
C LEU A 113 -4.51 -20.41 -3.87
N GLN A 114 -3.43 -19.64 -3.81
CA GLN A 114 -2.10 -20.20 -3.99
C GLN A 114 -1.04 -19.19 -3.58
N SER A 115 -0.83 -19.08 -2.28
CA SER A 115 0.14 -18.14 -1.75
C SER A 115 1.34 -18.91 -1.17
N GLY A 116 2.46 -18.22 -1.06
CA GLY A 116 3.67 -18.82 -0.53
C GLY A 116 4.87 -17.90 -0.72
N PRO A 117 5.20 -17.14 0.36
CA PRO A 117 6.32 -16.22 0.31
C PRO A 117 7.65 -16.98 0.39
N SER A 118 8.69 -16.31 -0.09
CA SER A 118 10.02 -16.92 -0.08
C SER A 118 10.92 -16.16 0.91
N SER A 119 11.40 -16.90 1.89
CA SER A 119 12.27 -16.33 2.90
C SER A 119 12.78 -17.42 3.84
N GLY A 120 14.09 -17.62 3.82
CA GLY A 120 14.70 -18.63 4.66
C GLY A 120 14.71 -18.19 6.13
N GLY A 1 17.95 -6.26 1.03
CA GLY A 1 19.36 -6.31 0.67
C GLY A 1 19.58 -5.81 -0.76
N SER A 2 20.75 -5.23 -0.97
CA SER A 2 21.09 -4.70 -2.28
C SER A 2 22.49 -4.09 -2.25
N SER A 3 23.02 -3.80 -3.43
CA SER A 3 24.34 -3.21 -3.54
C SER A 3 24.38 -2.26 -4.74
N GLY A 4 25.11 -1.16 -4.56
CA GLY A 4 25.23 -0.17 -5.62
C GLY A 4 25.86 1.11 -5.08
N SER A 5 26.28 1.96 -6.01
CA SER A 5 26.89 3.23 -5.65
C SER A 5 25.80 4.25 -5.33
N SER A 6 26.19 5.25 -4.55
CA SER A 6 25.26 6.31 -4.17
C SER A 6 25.95 7.30 -3.23
N GLY A 7 25.37 8.48 -3.14
CA GLY A 7 25.92 9.53 -2.28
C GLY A 7 24.80 10.38 -1.67
N ASN A 8 24.04 9.76 -0.79
CA ASN A 8 22.95 10.45 -0.13
C ASN A 8 22.49 9.63 1.08
N LYS A 9 21.42 10.09 1.69
CA LYS A 9 20.87 9.42 2.86
C LYS A 9 19.73 8.49 2.43
N ASP A 10 20.10 7.48 1.66
CA ASP A 10 19.12 6.51 1.18
C ASP A 10 17.90 7.27 0.63
N ASN A 11 17.98 7.64 -0.63
CA ASN A 11 16.90 8.36 -1.27
C ASN A 11 15.66 7.47 -1.31
N LEU A 12 14.56 8.04 -1.80
CA LEU A 12 13.32 7.32 -1.90
C LEU A 12 12.72 7.53 -3.29
N ASP A 13 11.58 6.88 -3.52
CA ASP A 13 10.90 6.99 -4.80
C ASP A 13 9.49 6.40 -4.67
N LEU A 14 8.59 6.92 -5.51
CA LEU A 14 7.22 6.46 -5.50
C LEU A 14 7.19 4.94 -5.27
N ALA A 15 8.23 4.28 -5.77
CA ALA A 15 8.34 2.84 -5.64
C ALA A 15 8.92 2.51 -4.26
N GLY A 16 10.02 3.18 -3.94
CA GLY A 16 10.69 2.97 -2.67
C GLY A 16 9.77 3.30 -1.50
N LEU A 17 9.23 4.52 -1.54
CA LEU A 17 8.34 4.97 -0.50
C LEU A 17 7.12 4.04 -0.42
N THR A 18 6.72 3.55 -1.58
CA THR A 18 5.59 2.65 -1.66
C THR A 18 5.90 1.34 -0.94
N SER A 19 7.00 0.73 -1.34
CA SER A 19 7.42 -0.54 -0.75
C SER A 19 7.14 -0.51 0.76
N LEU A 20 7.30 0.66 1.35
CA LEU A 20 7.08 0.83 2.77
C LEU A 20 5.57 0.83 3.04
N LEU A 21 4.89 1.78 2.41
CA LEU A 21 3.45 1.90 2.57
C LEU A 21 2.82 0.50 2.59
N SER A 22 3.19 -0.29 1.60
CA SER A 22 2.68 -1.65 1.49
C SER A 22 2.67 -2.32 2.87
N GLU A 23 3.84 -2.32 3.49
CA GLU A 23 3.98 -2.93 4.80
C GLU A 23 3.07 -2.22 5.81
N LYS A 24 2.90 -0.93 5.60
CA LYS A 24 2.06 -0.13 6.48
C LYS A 24 0.61 -0.62 6.39
N ILE A 25 0.22 -0.98 5.17
CA ILE A 25 -1.13 -1.46 4.94
C ILE A 25 -1.25 -2.89 5.49
N LYS A 26 -0.26 -3.70 5.18
CA LYS A 26 -0.24 -5.08 5.64
C LYS A 26 -0.30 -5.10 7.17
N GLU A 27 0.38 -4.15 7.77
CA GLU A 27 0.41 -4.06 9.22
C GLU A 27 -0.96 -3.64 9.76
N PHE A 28 -1.55 -2.67 9.07
CA PHE A 28 -2.87 -2.19 9.46
C PHE A 28 -3.85 -3.34 9.67
N LEU A 29 -3.91 -4.21 8.67
CA LEU A 29 -4.79 -5.37 8.73
C LEU A 29 -4.64 -6.04 10.09
N GLN A 30 -3.40 -6.22 10.49
CA GLN A 30 -3.11 -6.86 11.77
C GLN A 30 -3.57 -5.97 12.92
N GLU A 31 -3.63 -4.68 12.65
CA GLU A 31 -4.06 -3.71 13.66
C GLU A 31 -5.58 -3.74 13.81
N LYS A 32 -6.25 -3.77 12.66
CA LYS A 32 -7.71 -3.81 12.65
C LYS A 32 -8.18 -5.25 12.84
N LYS A 33 -7.28 -6.18 12.54
CA LYS A 33 -7.59 -7.59 12.68
C LYS A 33 -8.76 -7.94 11.75
N MET A 34 -8.52 -7.77 10.46
CA MET A 34 -9.53 -8.06 9.46
C MET A 34 -9.06 -9.13 8.48
N GLN A 35 -9.96 -9.54 7.61
CA GLN A 35 -9.64 -10.55 6.61
C GLN A 35 -9.94 -10.03 5.21
N SER A 36 -10.39 -8.79 5.15
CA SER A 36 -10.73 -8.17 3.88
C SER A 36 -10.89 -6.66 4.06
N PHE A 37 -10.60 -5.93 3.00
CA PHE A 37 -10.72 -4.48 3.03
C PHE A 37 -10.40 -3.88 1.65
N TYR A 38 -10.83 -2.63 1.48
CA TYR A 38 -10.60 -1.94 0.23
C TYR A 38 -9.62 -0.77 0.43
N GLN A 39 -8.92 -0.44 -0.65
CA GLN A 39 -7.96 0.65 -0.62
C GLN A 39 -8.62 1.92 -0.08
N GLN A 40 -9.86 2.13 -0.50
CA GLN A 40 -10.61 3.30 -0.08
C GLN A 40 -10.77 3.30 1.44
N GLU A 41 -10.94 2.10 1.99
CA GLU A 41 -11.11 1.96 3.42
C GLU A 41 -9.82 2.33 4.15
N LEU A 42 -8.74 2.41 3.38
CA LEU A 42 -7.44 2.76 3.94
C LEU A 42 -7.10 4.20 3.55
N GLU A 43 -7.75 4.66 2.50
CA GLU A 43 -7.52 6.02 2.00
C GLU A 43 -7.91 7.04 3.08
N THR A 44 -8.60 6.55 4.09
CA THR A 44 -9.04 7.41 5.19
C THR A 44 -8.12 7.22 6.40
N VAL A 45 -7.19 6.30 6.26
CA VAL A 45 -6.25 6.02 7.34
C VAL A 45 -5.07 6.99 7.25
N GLU A 46 -5.02 7.90 8.20
CA GLU A 46 -3.95 8.89 8.23
C GLU A 46 -2.59 8.19 8.27
N SER A 47 -2.40 7.38 9.29
CA SER A 47 -1.16 6.65 9.45
C SER A 47 -0.66 6.18 8.08
N LEU A 48 -1.59 5.82 7.23
CA LEU A 48 -1.27 5.34 5.90
C LEU A 48 -1.04 6.55 4.98
N GLN A 49 -2.08 7.36 4.85
CA GLN A 49 -2.02 8.54 4.01
C GLN A 49 -0.72 9.30 4.27
N SER A 50 -0.43 9.52 5.55
CA SER A 50 0.76 10.23 5.94
C SER A 50 1.99 9.63 5.24
N LEU A 51 1.85 8.36 4.85
CA LEU A 51 2.91 7.66 4.17
C LEU A 51 2.68 7.70 2.66
N ALA A 52 1.49 7.23 2.27
CA ALA A 52 1.13 7.20 0.87
C ALA A 52 1.04 8.63 0.34
N SER A 53 1.15 9.58 1.27
CA SER A 53 1.09 10.98 0.91
C SER A 53 2.49 11.62 1.02
N ARG A 54 3.34 10.95 1.79
CA ARG A 54 4.69 11.43 1.99
C ARG A 54 5.28 11.96 0.68
N PRO A 55 6.31 12.83 0.82
CA PRO A 55 6.95 13.40 -0.35
C PRO A 55 7.87 12.38 -1.03
N VAL A 56 8.33 12.74 -2.22
CA VAL A 56 9.21 11.87 -2.98
C VAL A 56 9.31 12.38 -4.42
N THR A 57 10.45 12.13 -5.03
CA THR A 57 10.69 12.56 -6.39
C THR A 57 10.33 11.44 -7.38
N HIS A 58 9.46 11.78 -8.32
CA HIS A 58 9.02 10.82 -9.31
C HIS A 58 8.27 11.55 -10.44
N SER A 59 7.30 12.35 -10.04
CA SER A 59 6.51 13.11 -10.99
C SER A 59 5.81 12.15 -11.97
N THR A 60 4.49 12.15 -11.90
CA THR A 60 3.70 11.29 -12.77
C THR A 60 4.12 11.48 -14.23
N GLY A 61 3.55 10.66 -15.09
CA GLY A 61 3.85 10.72 -16.50
C GLY A 61 2.64 11.21 -17.31
N SER A 62 1.63 10.36 -17.36
CA SER A 62 0.41 10.70 -18.09
C SER A 62 -0.75 9.85 -17.57
N ASP A 63 -0.52 8.55 -17.50
CA ASP A 63 -1.53 7.63 -17.02
C ASP A 63 -2.71 7.62 -18.01
N GLN A 64 -3.48 8.70 -17.97
CA GLN A 64 -4.63 8.82 -18.85
C GLN A 64 -5.85 8.14 -18.23
N VAL A 65 -6.15 8.53 -16.99
CA VAL A 65 -7.28 7.96 -16.29
C VAL A 65 -7.99 9.06 -15.51
N GLU A 66 -9.29 9.19 -15.78
CA GLU A 66 -10.09 10.20 -15.12
C GLU A 66 -10.77 9.62 -13.87
N LEU A 67 -9.94 9.39 -12.85
CA LEU A 67 -10.44 8.82 -11.61
C LEU A 67 -10.57 9.95 -10.57
N LYS A 68 -11.56 9.80 -9.71
CA LYS A 68 -11.80 10.79 -8.66
C LYS A 68 -10.50 11.01 -7.88
N ASP A 69 -9.91 12.19 -8.11
CA ASP A 69 -8.68 12.55 -7.44
C ASP A 69 -8.33 13.99 -7.77
N SER A 70 -7.22 14.44 -7.20
CA SER A 70 -6.76 15.81 -7.42
C SER A 70 -5.26 15.80 -7.76
N GLY A 71 -4.78 16.98 -8.15
CA GLY A 71 -3.38 17.13 -8.50
C GLY A 71 -2.48 16.96 -7.27
N THR A 72 -3.04 17.30 -6.13
CA THR A 72 -2.30 17.21 -4.88
C THR A 72 -3.07 16.35 -3.87
N SER A 73 -3.14 15.06 -4.17
CA SER A 73 -3.84 14.13 -3.30
C SER A 73 -4.07 12.80 -4.04
N GLY A 74 -4.19 12.90 -5.35
CA GLY A 74 -4.41 11.72 -6.17
C GLY A 74 -3.19 10.80 -6.14
N VAL A 75 -2.02 11.42 -6.03
CA VAL A 75 -0.77 10.67 -5.99
C VAL A 75 -0.91 9.52 -5.00
N ALA A 76 -1.39 9.85 -3.81
CA ALA A 76 -1.57 8.86 -2.76
C ALA A 76 -2.31 7.65 -3.34
N GLN A 77 -3.35 7.95 -4.12
CA GLN A 77 -4.15 6.90 -4.73
C GLN A 77 -3.28 6.07 -5.69
N ARG A 78 -2.17 6.66 -6.09
CA ARG A 78 -1.26 5.99 -6.99
C ARG A 78 -0.17 5.23 -6.21
N VAL A 79 -0.07 5.60 -4.93
CA VAL A 79 0.91 4.96 -4.06
C VAL A 79 0.25 3.82 -3.30
N PHE A 80 -1.04 3.99 -3.03
CA PHE A 80 -1.80 2.98 -2.31
C PHE A 80 -1.97 1.72 -3.16
N LYS A 81 -2.33 1.94 -4.43
CA LYS A 81 -2.54 0.84 -5.35
C LYS A 81 -1.20 0.11 -5.57
N ASN A 82 -0.14 0.90 -5.62
CA ASN A 82 1.19 0.35 -5.83
C ASN A 82 1.63 -0.39 -4.56
N ALA A 83 1.26 0.17 -3.43
CA ALA A 83 1.61 -0.43 -2.15
C ALA A 83 0.92 -1.79 -2.02
N LEU A 84 -0.40 -1.77 -2.18
CA LEU A 84 -1.18 -2.98 -2.09
C LEU A 84 -0.64 -4.02 -3.07
N GLN A 85 -0.38 -3.56 -4.30
CA GLN A 85 0.16 -4.44 -5.32
C GLN A 85 1.20 -5.37 -4.74
N LEU A 86 2.25 -4.77 -4.18
CA LEU A 86 3.32 -5.54 -3.58
C LEU A 86 2.74 -6.61 -2.65
N LEU A 87 1.87 -6.15 -1.75
CA LEU A 87 1.23 -7.05 -0.81
C LEU A 87 0.76 -8.30 -1.54
N GLN A 88 0.18 -8.08 -2.72
CA GLN A 88 -0.31 -9.18 -3.52
C GLN A 88 0.84 -10.08 -3.97
N GLU A 89 1.99 -9.46 -4.15
CA GLU A 89 3.18 -10.18 -4.58
C GLU A 89 3.77 -10.96 -3.40
N LYS A 90 3.87 -10.28 -2.27
CA LYS A 90 4.41 -10.89 -1.07
C LYS A 90 3.46 -11.98 -0.58
N GLY A 91 2.19 -11.80 -0.91
CA GLY A 91 1.16 -12.75 -0.51
C GLY A 91 0.44 -12.28 0.75
N LEU A 92 0.47 -10.98 0.97
CA LEU A 92 -0.18 -10.39 2.13
C LEU A 92 -1.66 -10.17 1.82
N VAL A 93 -1.94 -9.96 0.54
CA VAL A 93 -3.31 -9.74 0.10
C VAL A 93 -3.51 -10.38 -1.27
N PHE A 94 -4.75 -10.34 -1.74
CA PHE A 94 -5.09 -10.91 -3.03
C PHE A 94 -6.41 -10.35 -3.55
N GLN A 95 -6.50 -10.23 -4.86
CA GLN A 95 -7.70 -9.72 -5.49
C GLN A 95 -8.62 -10.87 -5.92
N ARG A 96 -9.91 -10.58 -5.95
CA ARG A 96 -10.90 -11.58 -6.33
C ARG A 96 -11.77 -11.04 -7.47
N ASP A 97 -11.12 -10.45 -8.46
CA ASP A 97 -11.81 -9.91 -9.60
C ASP A 97 -10.85 -9.83 -10.79
N SER A 98 -9.89 -8.92 -10.67
CA SER A 98 -8.90 -8.74 -11.72
C SER A 98 -7.90 -7.65 -11.31
N GLY A 99 -7.65 -7.58 -10.01
CA GLY A 99 -6.71 -6.60 -9.48
C GLY A 99 -7.08 -5.19 -9.95
N SER A 100 -6.17 -4.26 -9.71
CA SER A 100 -6.38 -2.88 -10.10
C SER A 100 -7.66 -2.35 -9.46
N ASP A 101 -7.49 -1.43 -8.52
CA ASP A 101 -8.62 -0.84 -7.83
C ASP A 101 -9.60 -1.95 -7.40
N LYS A 102 -9.11 -2.80 -6.51
CA LYS A 102 -9.93 -3.91 -6.03
C LYS A 102 -9.99 -3.85 -4.50
N LEU A 103 -10.67 -4.82 -3.92
CA LEU A 103 -10.82 -4.89 -2.48
C LEU A 103 -9.44 -5.07 -1.84
N TYR A 104 -8.91 -6.28 -1.96
CA TYR A 104 -7.60 -6.59 -1.40
C TYR A 104 -7.74 -7.39 -0.11
N TYR A 105 -8.11 -8.65 -0.27
CA TYR A 105 -8.27 -9.53 0.87
C TYR A 105 -6.92 -9.94 1.46
N VAL A 106 -6.70 -9.52 2.70
CA VAL A 106 -5.45 -9.84 3.38
C VAL A 106 -5.35 -11.34 3.58
N THR A 107 -4.12 -11.83 3.62
CA THR A 107 -3.87 -13.25 3.81
C THR A 107 -4.57 -13.75 5.07
N THR A 108 -4.71 -15.06 5.15
CA THR A 108 -5.36 -15.68 6.30
C THR A 108 -4.89 -15.01 7.59
N LYS A 109 -5.78 -15.01 8.58
CA LYS A 109 -5.48 -14.42 9.87
C LYS A 109 -5.48 -15.51 10.94
N ASP A 110 -4.31 -16.07 11.18
CA ASP A 110 -4.17 -17.12 12.17
C ASP A 110 -4.92 -16.73 13.44
N LYS A 111 -6.09 -17.32 13.61
CA LYS A 111 -6.91 -17.04 14.77
C LYS A 111 -6.78 -18.18 15.78
N ASP A 112 -7.10 -17.86 17.02
CA ASP A 112 -7.02 -18.85 18.09
C ASP A 112 -8.01 -18.48 19.19
N LEU A 113 -8.43 -19.50 19.94
CA LEU A 113 -9.38 -19.29 21.03
C LEU A 113 -9.01 -18.01 21.77
N GLN A 114 -9.84 -17.00 21.57
CA GLN A 114 -9.63 -15.71 22.21
C GLN A 114 -10.87 -14.83 22.06
N SER A 115 -11.87 -15.12 22.89
CA SER A 115 -13.12 -14.36 22.85
C SER A 115 -13.66 -14.31 21.42
N GLY A 116 -14.56 -15.23 21.13
CA GLY A 116 -15.16 -15.30 19.81
C GLY A 116 -14.29 -16.12 18.85
N PRO A 117 -14.55 -17.46 18.85
CA PRO A 117 -13.80 -18.37 17.99
C PRO A 117 -14.26 -18.24 16.53
N SER A 118 -15.54 -18.44 16.34
CA SER A 118 -16.12 -18.35 14.99
C SER A 118 -17.61 -18.68 15.05
N SER A 119 -18.28 -18.43 13.92
CA SER A 119 -19.70 -18.69 13.83
C SER A 119 -20.18 -18.43 12.40
N GLY A 120 -20.09 -19.47 11.58
CA GLY A 120 -20.52 -19.36 10.19
C GLY A 120 -21.97 -19.83 10.02
N GLY A 1 12.09 -10.34 4.47
CA GLY A 1 12.81 -9.16 4.93
C GLY A 1 14.19 -9.07 4.27
N SER A 2 14.27 -8.21 3.27
CA SER A 2 15.52 -8.03 2.55
C SER A 2 15.37 -6.89 1.53
N SER A 3 16.47 -6.19 1.31
CA SER A 3 16.48 -5.08 0.36
C SER A 3 17.87 -4.45 0.30
N GLY A 4 18.30 -3.93 1.45
CA GLY A 4 19.60 -3.29 1.54
C GLY A 4 19.49 -1.79 1.30
N SER A 5 20.33 -1.06 2.01
CA SER A 5 20.34 0.40 1.88
C SER A 5 21.37 1.00 2.85
N SER A 6 21.91 2.14 2.44
CA SER A 6 22.91 2.82 3.25
C SER A 6 23.16 4.22 2.70
N GLY A 7 23.36 5.16 3.62
CA GLY A 7 23.61 6.54 3.24
C GLY A 7 22.61 7.48 3.91
N ASN A 8 23.09 8.68 4.20
CA ASN A 8 22.25 9.68 4.84
C ASN A 8 21.30 10.29 3.79
N LYS A 9 21.89 11.00 2.85
CA LYS A 9 21.12 11.63 1.80
C LYS A 9 20.88 10.63 0.66
N ASP A 10 19.62 10.52 0.26
CA ASP A 10 19.26 9.60 -0.81
C ASP A 10 17.77 9.76 -1.11
N ASN A 11 17.47 10.60 -2.07
CA ASN A 11 16.10 10.84 -2.47
C ASN A 11 15.38 9.50 -2.66
N LEU A 12 14.30 9.33 -1.91
CA LEU A 12 13.52 8.11 -1.98
C LEU A 12 12.98 7.92 -3.40
N ASP A 13 11.77 7.40 -3.48
CA ASP A 13 11.14 7.16 -4.76
C ASP A 13 9.75 6.56 -4.54
N LEU A 14 8.81 6.99 -5.36
CA LEU A 14 7.44 6.50 -5.26
C LEU A 14 7.47 5.00 -4.94
N ALA A 15 8.32 4.29 -5.68
CA ALA A 15 8.45 2.85 -5.49
C ALA A 15 9.10 2.59 -4.14
N GLY A 16 10.17 3.33 -3.87
CA GLY A 16 10.90 3.19 -2.62
C GLY A 16 10.00 3.47 -1.42
N LEU A 17 9.35 4.63 -1.48
CA LEU A 17 8.45 5.04 -0.41
C LEU A 17 7.23 4.12 -0.40
N THR A 18 6.90 3.60 -1.57
CA THR A 18 5.77 2.71 -1.71
C THR A 18 5.98 1.44 -0.88
N SER A 19 7.08 0.76 -1.16
CA SER A 19 7.41 -0.46 -0.46
C SER A 19 7.04 -0.33 1.02
N LEU A 20 7.48 0.76 1.62
CA LEU A 20 7.19 1.01 3.02
C LEU A 20 5.68 1.01 3.24
N LEU A 21 5.01 1.90 2.51
CA LEU A 21 3.57 2.01 2.62
C LEU A 21 2.95 0.61 2.64
N SER A 22 3.43 -0.22 1.72
CA SER A 22 2.93 -1.59 1.62
C SER A 22 2.82 -2.20 3.02
N GLU A 23 3.90 -2.08 3.78
CA GLU A 23 3.95 -2.62 5.12
C GLU A 23 2.95 -1.88 6.02
N LYS A 24 2.76 -0.60 5.72
CA LYS A 24 1.83 0.22 6.48
C LYS A 24 0.41 -0.33 6.30
N ILE A 25 0.09 -0.66 5.07
CA ILE A 25 -1.23 -1.19 4.74
C ILE A 25 -1.36 -2.60 5.31
N LYS A 26 -0.32 -3.39 5.08
CA LYS A 26 -0.31 -4.76 5.55
C LYS A 26 -0.45 -4.77 7.08
N GLU A 27 0.20 -3.81 7.71
CA GLU A 27 0.16 -3.69 9.15
C GLU A 27 -1.26 -3.34 9.61
N PHE A 28 -1.89 -2.44 8.87
CA PHE A 28 -3.24 -2.01 9.19
C PHE A 28 -4.19 -3.21 9.27
N LEU A 29 -3.92 -4.20 8.42
CA LEU A 29 -4.74 -5.39 8.39
C LEU A 29 -4.64 -6.11 9.74
N GLN A 30 -3.41 -6.32 10.17
CA GLN A 30 -3.16 -6.99 11.44
C GLN A 30 -3.67 -6.13 12.60
N GLU A 31 -3.87 -4.86 12.30
CA GLU A 31 -4.36 -3.92 13.31
C GLU A 31 -5.86 -4.06 13.47
N LYS A 32 -6.55 -4.02 12.34
CA LYS A 32 -8.00 -4.14 12.35
C LYS A 32 -8.40 -5.62 12.40
N LYS A 33 -7.47 -6.46 11.95
CA LYS A 33 -7.71 -7.89 11.95
C LYS A 33 -8.92 -8.20 11.08
N MET A 34 -8.77 -7.96 9.79
CA MET A 34 -9.84 -8.21 8.85
C MET A 34 -9.49 -9.36 7.90
N GLN A 35 -10.45 -9.70 7.05
CA GLN A 35 -10.25 -10.77 6.10
C GLN A 35 -10.46 -10.27 4.67
N SER A 36 -10.91 -9.02 4.59
CA SER A 36 -11.16 -8.41 3.29
C SER A 36 -11.39 -6.91 3.46
N PHE A 37 -10.95 -6.15 2.46
CA PHE A 37 -11.11 -4.71 2.49
C PHE A 37 -10.73 -4.09 1.14
N TYR A 38 -10.79 -2.77 1.09
CA TYR A 38 -10.45 -2.05 -0.12
C TYR A 38 -9.36 -0.99 0.14
N GLN A 39 -8.57 -0.74 -0.89
CA GLN A 39 -7.50 0.23 -0.78
C GLN A 39 -8.05 1.57 -0.27
N GLN A 40 -9.35 1.73 -0.42
CA GLN A 40 -10.01 2.96 0.01
C GLN A 40 -10.22 2.94 1.52
N GLU A 41 -10.06 1.77 2.10
CA GLU A 41 -10.24 1.61 3.53
C GLU A 41 -8.94 1.99 4.26
N LEU A 42 -7.88 2.15 3.49
CA LEU A 42 -6.59 2.51 4.05
C LEU A 42 -6.29 3.97 3.70
N GLU A 43 -6.95 4.44 2.65
CA GLU A 43 -6.75 5.81 2.20
C GLU A 43 -7.30 6.79 3.25
N THR A 44 -8.19 6.27 4.08
CA THR A 44 -8.79 7.08 5.13
C THR A 44 -7.89 7.10 6.37
N VAL A 45 -6.99 6.14 6.42
CA VAL A 45 -6.07 6.03 7.54
C VAL A 45 -4.98 7.10 7.42
N GLU A 46 -4.98 8.01 8.39
CA GLU A 46 -4.01 9.08 8.39
C GLU A 46 -2.59 8.52 8.39
N SER A 47 -2.26 7.83 9.48
CA SER A 47 -0.94 7.23 9.61
C SER A 47 -0.48 6.67 8.25
N LEU A 48 -1.45 6.26 7.46
CA LEU A 48 -1.16 5.70 6.15
C LEU A 48 -0.94 6.85 5.16
N GLN A 49 -1.97 7.67 5.00
CA GLN A 49 -1.90 8.80 4.09
C GLN A 49 -0.60 9.57 4.30
N SER A 50 -0.28 9.81 5.57
CA SER A 50 0.93 10.53 5.92
C SER A 50 2.13 9.90 5.22
N LEU A 51 1.96 8.64 4.84
CA LEU A 51 3.02 7.90 4.17
C LEU A 51 2.78 7.93 2.66
N ALA A 52 1.59 7.50 2.27
CA ALA A 52 1.23 7.47 0.87
C ALA A 52 1.11 8.90 0.34
N SER A 53 1.27 9.84 1.26
CA SER A 53 1.18 11.25 0.90
C SER A 53 2.58 11.89 0.96
N ARG A 54 3.49 11.17 1.59
CA ARG A 54 4.86 11.65 1.73
C ARG A 54 5.37 12.16 0.39
N PRO A 55 6.38 13.08 0.47
CA PRO A 55 6.96 13.65 -0.73
C PRO A 55 7.88 12.65 -1.43
N VAL A 56 8.28 13.00 -2.64
CA VAL A 56 9.15 12.14 -3.42
C VAL A 56 9.09 12.57 -4.90
N THR A 57 10.19 12.32 -5.60
CA THR A 57 10.27 12.66 -7.00
C THR A 57 9.69 11.54 -7.87
N HIS A 58 8.90 11.94 -8.84
CA HIS A 58 8.27 10.98 -9.73
C HIS A 58 7.48 11.72 -10.81
N SER A 59 6.77 10.94 -11.61
CA SER A 59 5.96 11.51 -12.68
C SER A 59 4.56 10.89 -12.66
N THR A 60 3.57 11.75 -12.46
CA THR A 60 2.19 11.30 -12.42
C THR A 60 1.36 12.01 -13.50
N GLY A 61 0.94 11.22 -14.48
CA GLY A 61 0.15 11.75 -15.58
C GLY A 61 -1.30 11.26 -15.50
N SER A 62 -2.13 12.08 -14.88
CA SER A 62 -3.53 11.74 -14.73
C SER A 62 -4.34 13.01 -14.44
N ASP A 63 -5.66 12.82 -14.37
CA ASP A 63 -6.55 13.95 -14.11
C ASP A 63 -7.99 13.42 -13.99
N GLN A 64 -8.31 12.47 -14.87
CA GLN A 64 -9.64 11.89 -14.88
C GLN A 64 -10.69 12.96 -14.62
N VAL A 65 -10.55 14.08 -15.31
CA VAL A 65 -11.48 15.19 -15.15
C VAL A 65 -12.89 14.64 -15.00
N GLU A 66 -13.33 14.55 -13.74
CA GLU A 66 -14.66 14.05 -13.45
C GLU A 66 -15.05 14.41 -12.02
N LEU A 67 -15.36 15.68 -11.82
CA LEU A 67 -15.75 16.17 -10.51
C LEU A 67 -14.61 15.94 -9.53
N LYS A 68 -14.83 16.40 -8.31
CA LYS A 68 -13.82 16.26 -7.26
C LYS A 68 -12.60 17.11 -7.62
N ASP A 69 -11.85 17.47 -6.60
CA ASP A 69 -10.65 18.27 -6.79
C ASP A 69 -9.59 17.42 -7.50
N SER A 70 -9.12 16.40 -6.79
CA SER A 70 -8.11 15.52 -7.33
C SER A 70 -6.78 16.26 -7.46
N GLY A 71 -5.83 15.86 -6.62
CA GLY A 71 -4.52 16.48 -6.64
C GLY A 71 -3.48 15.58 -5.95
N THR A 72 -3.11 15.98 -4.74
CA THR A 72 -2.14 15.23 -3.98
C THR A 72 -2.78 13.98 -3.37
N SER A 73 -4.08 14.08 -3.13
CA SER A 73 -4.83 12.97 -2.56
C SER A 73 -4.78 11.76 -3.50
N GLY A 74 -4.76 12.06 -4.79
CA GLY A 74 -4.71 11.02 -5.80
C GLY A 74 -3.34 10.35 -5.83
N VAL A 75 -2.31 11.17 -5.79
CA VAL A 75 -0.95 10.67 -5.81
C VAL A 75 -0.83 9.48 -4.84
N ALA A 76 -1.49 9.63 -3.70
CA ALA A 76 -1.47 8.59 -2.69
C ALA A 76 -2.09 7.31 -3.26
N GLN A 77 -3.18 7.51 -3.99
CA GLN A 77 -3.88 6.38 -4.60
C GLN A 77 -2.91 5.55 -5.44
N ARG A 78 -1.82 6.18 -5.82
CA ARG A 78 -0.81 5.51 -6.63
C ARG A 78 0.18 4.77 -5.73
N VAL A 79 0.41 5.34 -4.56
CA VAL A 79 1.32 4.74 -3.59
C VAL A 79 0.63 3.58 -2.90
N PHE A 80 -0.65 3.75 -2.63
CA PHE A 80 -1.44 2.72 -1.97
C PHE A 80 -1.64 1.51 -2.89
N LYS A 81 -2.05 1.81 -4.12
CA LYS A 81 -2.28 0.76 -5.10
C LYS A 81 -0.97 0.02 -5.39
N ASN A 82 0.11 0.79 -5.40
CA ASN A 82 1.42 0.23 -5.66
C ASN A 82 1.93 -0.47 -4.39
N ALA A 83 1.43 -0.01 -3.25
CA ALA A 83 1.81 -0.57 -1.98
C ALA A 83 1.20 -1.97 -1.84
N LEU A 84 -0.11 -2.02 -2.00
CA LEU A 84 -0.84 -3.29 -1.90
C LEU A 84 -0.24 -4.29 -2.88
N GLN A 85 -0.03 -3.81 -4.11
CA GLN A 85 0.53 -4.66 -5.15
C GLN A 85 1.64 -5.55 -4.57
N LEU A 86 2.63 -4.90 -3.98
CA LEU A 86 3.74 -5.62 -3.40
C LEU A 86 3.21 -6.67 -2.42
N LEU A 87 2.30 -6.24 -1.57
CA LEU A 87 1.70 -7.13 -0.59
C LEU A 87 1.24 -8.41 -1.28
N GLN A 88 0.64 -8.24 -2.45
CA GLN A 88 0.15 -9.37 -3.21
C GLN A 88 1.33 -10.22 -3.69
N GLU A 89 2.48 -9.58 -3.84
CA GLU A 89 3.67 -10.26 -4.29
C GLU A 89 4.31 -11.03 -3.13
N LYS A 90 4.05 -10.55 -1.93
CA LYS A 90 4.58 -11.18 -0.73
C LYS A 90 3.62 -12.27 -0.25
N GLY A 91 2.34 -12.06 -0.55
CA GLY A 91 1.31 -13.00 -0.16
C GLY A 91 0.56 -12.52 1.08
N LEU A 92 0.59 -11.20 1.27
CA LEU A 92 -0.09 -10.61 2.41
C LEU A 92 -1.56 -10.39 2.06
N VAL A 93 -1.80 -9.94 0.84
CA VAL A 93 -3.15 -9.69 0.38
C VAL A 93 -3.30 -10.20 -1.06
N PHE A 94 -4.54 -10.17 -1.54
CA PHE A 94 -4.82 -10.63 -2.88
C PHE A 94 -6.19 -10.13 -3.35
N GLN A 95 -6.32 -9.98 -4.66
CA GLN A 95 -7.57 -9.53 -5.25
C GLN A 95 -8.30 -10.68 -5.92
N ARG A 96 -9.51 -10.94 -5.43
CA ARG A 96 -10.31 -12.02 -5.98
C ARG A 96 -10.90 -11.61 -7.32
N ASP A 97 -11.54 -10.45 -7.33
CA ASP A 97 -12.15 -9.94 -8.55
C ASP A 97 -11.12 -9.08 -9.30
N SER A 98 -10.95 -9.42 -10.57
CA SER A 98 -10.00 -8.70 -11.42
C SER A 98 -10.35 -7.21 -11.43
N GLY A 99 -9.31 -6.40 -11.56
CA GLY A 99 -9.49 -4.95 -11.58
C GLY A 99 -8.60 -4.28 -10.54
N SER A 100 -8.23 -3.03 -10.83
CA SER A 100 -7.39 -2.27 -9.94
C SER A 100 -8.16 -1.94 -8.65
N ASP A 101 -9.20 -1.14 -8.82
CA ASP A 101 -10.02 -0.74 -7.68
C ASP A 101 -10.94 -1.89 -7.30
N LYS A 102 -10.32 -3.00 -6.90
CA LYS A 102 -11.07 -4.19 -6.51
C LYS A 102 -10.84 -4.45 -5.02
N LEU A 103 -11.47 -5.51 -4.54
CA LEU A 103 -11.35 -5.88 -3.14
C LEU A 103 -9.97 -6.48 -2.90
N TYR A 104 -9.35 -6.03 -1.81
CA TYR A 104 -8.03 -6.53 -1.45
C TYR A 104 -8.08 -7.41 -0.20
N TYR A 105 -8.23 -8.71 -0.46
CA TYR A 105 -8.30 -9.67 0.62
C TYR A 105 -6.94 -9.83 1.31
N VAL A 106 -6.98 -9.99 2.62
CA VAL A 106 -5.77 -10.16 3.40
C VAL A 106 -5.59 -11.63 3.75
N THR A 107 -4.34 -12.00 4.00
CA THR A 107 -4.02 -13.37 4.34
C THR A 107 -4.43 -13.68 5.78
N THR A 108 -4.74 -14.94 6.02
CA THR A 108 -5.15 -15.38 7.34
C THR A 108 -6.28 -14.49 7.87
N LYS A 109 -6.78 -14.85 9.04
CA LYS A 109 -7.86 -14.09 9.66
C LYS A 109 -7.36 -13.50 10.98
N ASP A 110 -6.53 -14.27 11.67
CA ASP A 110 -5.98 -13.84 12.94
C ASP A 110 -7.09 -13.22 13.78
N LYS A 111 -7.86 -14.08 14.42
CA LYS A 111 -8.96 -13.63 15.26
C LYS A 111 -9.39 -14.78 16.18
N ASP A 112 -10.59 -14.61 16.74
CA ASP A 112 -11.12 -15.62 17.63
C ASP A 112 -12.62 -15.82 17.35
N LEU A 113 -13.03 -17.07 17.33
CA LEU A 113 -14.41 -17.41 17.07
C LEU A 113 -14.78 -16.98 15.65
N GLN A 114 -15.04 -15.69 15.50
CA GLN A 114 -15.39 -15.14 14.21
C GLN A 114 -16.79 -15.60 13.80
N SER A 115 -17.69 -14.63 13.66
CA SER A 115 -19.06 -14.92 13.28
C SER A 115 -19.09 -15.57 11.90
N GLY A 116 -20.31 -15.86 11.44
CA GLY A 116 -20.49 -16.49 10.14
C GLY A 116 -20.96 -15.46 9.11
N PRO A 117 -20.11 -15.29 8.05
CA PRO A 117 -20.42 -14.35 6.99
C PRO A 117 -21.52 -14.91 6.08
N SER A 118 -21.81 -14.14 5.02
CA SER A 118 -22.84 -14.54 4.08
C SER A 118 -22.44 -14.08 2.67
N SER A 119 -22.11 -15.06 1.84
CA SER A 119 -21.70 -14.77 0.47
C SER A 119 -20.46 -13.89 0.46
N GLY A 120 -19.61 -14.13 -0.53
CA GLY A 120 -18.39 -13.37 -0.67
C GLY A 120 -18.57 -12.19 -1.64
N GLY A 1 26.12 -10.54 -7.54
CA GLY A 1 26.75 -9.74 -6.50
C GLY A 1 27.58 -10.61 -5.56
N SER A 2 28.02 -10.00 -4.48
CA SER A 2 28.83 -10.70 -3.50
C SER A 2 27.97 -11.12 -2.30
N SER A 3 27.37 -10.11 -1.68
CA SER A 3 26.51 -10.35 -0.52
C SER A 3 25.82 -9.05 -0.11
N GLY A 4 24.69 -8.79 -0.77
CA GLY A 4 23.92 -7.59 -0.47
C GLY A 4 24.84 -6.39 -0.27
N SER A 5 24.40 -5.48 0.59
CA SER A 5 25.17 -4.28 0.88
C SER A 5 24.75 -3.70 2.23
N SER A 6 23.46 -3.38 2.33
CA SER A 6 22.93 -2.82 3.54
C SER A 6 23.49 -1.42 3.78
N GLY A 7 22.73 -0.61 4.50
CA GLY A 7 23.14 0.75 4.79
C GLY A 7 22.02 1.74 4.48
N ASN A 8 22.08 2.88 5.15
CA ASN A 8 21.07 3.92 4.97
C ASN A 8 21.68 5.06 4.15
N LYS A 9 21.47 4.99 2.84
CA LYS A 9 22.00 6.01 1.95
C LYS A 9 21.51 5.73 0.53
N ASP A 10 20.29 6.16 0.25
CA ASP A 10 19.70 5.96 -1.06
C ASP A 10 18.43 6.81 -1.18
N ASN A 11 18.30 7.45 -2.33
CA ASN A 11 17.14 8.30 -2.58
C ASN A 11 15.86 7.46 -2.45
N LEU A 12 14.74 8.09 -2.76
CA LEU A 12 13.46 7.41 -2.68
C LEU A 12 12.70 7.61 -4.00
N ASP A 13 11.52 7.03 -4.06
CA ASP A 13 10.69 7.14 -5.25
C ASP A 13 9.29 6.58 -4.95
N LEU A 14 8.33 6.99 -5.77
CA LEU A 14 6.97 6.54 -5.60
C LEU A 14 6.96 5.06 -5.22
N ALA A 15 7.80 4.30 -5.90
CA ALA A 15 7.91 2.87 -5.66
C ALA A 15 8.67 2.64 -4.35
N GLY A 16 9.81 3.31 -4.24
CA GLY A 16 10.63 3.18 -3.05
C GLY A 16 9.81 3.49 -1.79
N LEU A 17 9.26 4.69 -1.74
CA LEU A 17 8.46 5.11 -0.61
C LEU A 17 7.27 4.17 -0.46
N THR A 18 6.78 3.69 -1.59
CA THR A 18 5.64 2.79 -1.59
C THR A 18 6.00 1.48 -0.89
N SER A 19 7.11 0.90 -1.31
CA SER A 19 7.58 -0.35 -0.73
C SER A 19 7.29 -0.36 0.77
N LEU A 20 7.45 0.80 1.39
CA LEU A 20 7.21 0.94 2.81
C LEU A 20 5.70 0.90 3.07
N LEU A 21 4.99 1.80 2.41
CA LEU A 21 3.55 1.88 2.56
C LEU A 21 2.97 0.47 2.63
N SER A 22 3.38 -0.35 1.68
CA SER A 22 2.91 -1.73 1.62
C SER A 22 2.77 -2.29 3.03
N GLU A 23 3.91 -2.35 3.72
CA GLU A 23 3.92 -2.87 5.08
C GLU A 23 2.93 -2.09 5.97
N LYS A 24 2.94 -0.78 5.78
CA LYS A 24 2.05 0.08 6.54
C LYS A 24 0.61 -0.42 6.40
N ILE A 25 0.27 -0.81 5.18
CA ILE A 25 -1.06 -1.32 4.91
C ILE A 25 -1.22 -2.72 5.50
N LYS A 26 -0.32 -3.61 5.08
CA LYS A 26 -0.35 -4.98 5.57
C LYS A 26 -0.39 -4.97 7.09
N GLU A 27 0.31 -4.00 7.67
CA GLU A 27 0.35 -3.87 9.13
C GLU A 27 -1.01 -3.42 9.66
N PHE A 28 -1.62 -2.50 8.92
CA PHE A 28 -2.92 -1.97 9.31
C PHE A 28 -3.95 -3.10 9.45
N LEU A 29 -3.70 -4.17 8.72
CA LEU A 29 -4.60 -5.31 8.74
C LEU A 29 -4.39 -6.09 10.05
N GLN A 30 -3.12 -6.33 10.36
CA GLN A 30 -2.78 -7.06 11.56
C GLN A 30 -3.19 -6.25 12.80
N GLU A 31 -3.55 -5.00 12.56
CA GLU A 31 -3.95 -4.12 13.64
C GLU A 31 -5.47 -4.13 13.79
N LYS A 32 -6.15 -3.98 12.66
CA LYS A 32 -7.60 -3.97 12.65
C LYS A 32 -8.12 -5.41 12.65
N LYS A 33 -7.20 -6.33 12.38
CA LYS A 33 -7.54 -7.74 12.35
C LYS A 33 -8.73 -7.95 11.42
N MET A 34 -8.52 -7.63 10.15
CA MET A 34 -9.57 -7.78 9.16
C MET A 34 -9.20 -8.84 8.12
N GLN A 35 -10.16 -9.17 7.27
CA GLN A 35 -9.94 -10.16 6.24
C GLN A 35 -10.42 -9.62 4.88
N SER A 36 -10.74 -8.34 4.87
CA SER A 36 -11.22 -7.71 3.65
C SER A 36 -11.21 -6.18 3.82
N PHE A 37 -10.87 -5.50 2.74
CA PHE A 37 -10.82 -4.05 2.75
C PHE A 37 -10.45 -3.50 1.38
N TYR A 38 -10.75 -2.22 1.18
CA TYR A 38 -10.46 -1.56 -0.08
C TYR A 38 -9.34 -0.53 0.09
N GLN A 39 -8.70 -0.23 -1.04
CA GLN A 39 -7.62 0.75 -1.03
C GLN A 39 -8.13 2.12 -0.56
N GLN A 40 -9.40 2.36 -0.83
CA GLN A 40 -10.02 3.62 -0.45
C GLN A 40 -10.19 3.68 1.07
N GLU A 41 -10.40 2.51 1.65
CA GLU A 41 -10.59 2.42 3.09
C GLU A 41 -9.28 2.75 3.82
N LEU A 42 -8.19 2.68 3.06
CA LEU A 42 -6.88 2.96 3.61
C LEU A 42 -6.45 4.37 3.20
N GLU A 43 -7.08 4.86 2.14
CA GLU A 43 -6.77 6.19 1.63
C GLU A 43 -7.23 7.25 2.63
N THR A 44 -8.20 6.88 3.45
CA THR A 44 -8.73 7.79 4.45
C THR A 44 -8.07 7.55 5.80
N VAL A 45 -7.06 6.68 5.79
CA VAL A 45 -6.34 6.35 6.99
C VAL A 45 -5.13 7.26 7.13
N GLU A 46 -5.02 7.89 8.30
CA GLU A 46 -3.92 8.79 8.57
C GLU A 46 -2.60 8.04 8.52
N SER A 47 -2.46 7.10 9.44
CA SER A 47 -1.24 6.31 9.53
C SER A 47 -0.69 6.06 8.12
N LEU A 48 -1.55 5.55 7.26
CA LEU A 48 -1.16 5.27 5.89
C LEU A 48 -0.81 6.57 5.18
N GLN A 49 -1.83 7.40 4.99
CA GLN A 49 -1.64 8.69 4.34
C GLN A 49 -0.34 9.33 4.78
N SER A 50 -0.18 9.43 6.09
CA SER A 50 1.02 10.02 6.66
C SER A 50 2.25 9.55 5.89
N LEU A 51 2.13 8.37 5.31
CA LEU A 51 3.23 7.79 4.54
C LEU A 51 2.98 8.04 3.05
N ALA A 52 1.86 7.52 2.56
CA ALA A 52 1.51 7.67 1.17
C ALA A 52 1.51 9.16 0.81
N SER A 53 1.51 9.98 1.85
CA SER A 53 1.52 11.42 1.65
C SER A 53 2.95 11.95 1.61
N ARG A 54 3.87 11.12 2.10
CA ARG A 54 5.27 11.48 2.11
C ARG A 54 5.69 12.05 0.75
N PRO A 55 6.73 12.93 0.78
CA PRO A 55 7.23 13.54 -0.44
C PRO A 55 8.05 12.55 -1.24
N VAL A 56 8.36 12.94 -2.48
CA VAL A 56 9.13 12.09 -3.36
C VAL A 56 9.02 12.62 -4.80
N THR A 57 10.07 12.39 -5.56
CA THR A 57 10.10 12.84 -6.94
C THR A 57 8.75 12.58 -7.62
N HIS A 58 8.11 13.67 -8.03
CA HIS A 58 6.82 13.58 -8.69
C HIS A 58 6.31 14.97 -9.03
N SER A 59 5.16 15.02 -9.69
CA SER A 59 4.58 16.28 -10.08
C SER A 59 3.29 16.03 -10.89
N THR A 60 2.28 16.84 -10.60
CA THR A 60 1.01 16.72 -11.29
C THR A 60 0.39 15.36 -11.00
N GLY A 61 -0.87 15.39 -10.57
CA GLY A 61 -1.59 14.17 -10.27
C GLY A 61 -3.07 14.30 -10.65
N SER A 62 -3.79 13.19 -10.48
CA SER A 62 -5.21 13.17 -10.81
C SER A 62 -5.95 12.26 -9.83
N ASP A 63 -7.17 12.67 -9.51
CA ASP A 63 -7.99 11.90 -8.59
C ASP A 63 -8.88 10.94 -9.39
N GLN A 64 -9.71 11.52 -10.24
CA GLN A 64 -10.61 10.73 -11.06
C GLN A 64 -11.69 10.09 -10.19
N VAL A 65 -12.40 10.95 -9.46
CA VAL A 65 -13.46 10.48 -8.59
C VAL A 65 -14.60 11.49 -8.60
N GLU A 66 -15.79 11.00 -8.96
CA GLU A 66 -16.96 11.84 -9.03
C GLU A 66 -17.48 12.14 -7.62
N LEU A 67 -16.60 12.71 -6.80
CA LEU A 67 -16.95 13.05 -5.44
C LEU A 67 -16.31 14.38 -5.07
N LYS A 68 -16.74 14.92 -3.93
CA LYS A 68 -16.21 16.19 -3.46
C LYS A 68 -14.81 15.98 -2.89
N ASP A 69 -13.83 16.51 -3.60
CA ASP A 69 -12.45 16.39 -3.17
C ASP A 69 -11.54 17.10 -4.18
N SER A 70 -10.40 17.56 -3.68
CA SER A 70 -9.44 18.26 -4.52
C SER A 70 -8.09 18.36 -3.80
N GLY A 71 -7.10 18.81 -4.54
CA GLY A 71 -5.76 18.96 -4.00
C GLY A 71 -5.07 17.60 -3.85
N THR A 72 -3.94 17.62 -3.17
CA THR A 72 -3.19 16.39 -2.95
C THR A 72 -4.09 15.29 -2.39
N SER A 73 -3.96 14.11 -2.97
CA SER A 73 -4.77 12.98 -2.55
C SER A 73 -4.57 11.81 -3.52
N GLY A 74 -4.44 12.15 -4.79
CA GLY A 74 -4.25 11.14 -5.82
C GLY A 74 -2.90 10.44 -5.64
N VAL A 75 -1.85 11.23 -5.56
CA VAL A 75 -0.51 10.70 -5.39
C VAL A 75 -0.57 9.49 -4.44
N ALA A 76 -1.13 9.72 -3.27
CA ALA A 76 -1.24 8.66 -2.27
C ALA A 76 -1.95 7.46 -2.90
N GLN A 77 -3.03 7.76 -3.62
CA GLN A 77 -3.80 6.71 -4.27
C GLN A 77 -2.88 5.83 -5.12
N ARG A 78 -1.78 6.41 -5.56
CA ARG A 78 -0.82 5.69 -6.38
C ARG A 78 0.11 4.87 -5.49
N VAL A 79 0.36 5.39 -4.29
CA VAL A 79 1.23 4.71 -3.35
C VAL A 79 0.43 3.63 -2.61
N PHE A 80 -0.82 3.96 -2.33
CA PHE A 80 -1.69 3.03 -1.63
C PHE A 80 -1.97 1.78 -2.49
N LYS A 81 -2.37 2.04 -3.73
CA LYS A 81 -2.67 0.96 -4.66
C LYS A 81 -1.40 0.15 -4.92
N ASN A 82 -0.31 0.88 -5.11
CA ASN A 82 0.97 0.24 -5.37
C ASN A 82 1.36 -0.63 -4.17
N ALA A 83 1.22 -0.04 -2.99
CA ALA A 83 1.56 -0.74 -1.76
C ALA A 83 0.83 -2.09 -1.73
N LEU A 84 -0.45 -2.04 -2.10
CA LEU A 84 -1.26 -3.23 -2.13
C LEU A 84 -0.64 -4.26 -3.09
N GLN A 85 -0.12 -3.74 -4.18
CA GLN A 85 0.50 -4.59 -5.18
C GLN A 85 1.59 -5.46 -4.54
N LEU A 86 2.55 -4.78 -3.92
CA LEU A 86 3.64 -5.46 -3.26
C LEU A 86 3.08 -6.47 -2.26
N LEU A 87 2.07 -6.04 -1.53
CA LEU A 87 1.43 -6.88 -0.54
C LEU A 87 1.07 -8.22 -1.18
N GLN A 88 0.42 -8.13 -2.34
CA GLN A 88 0.02 -9.33 -3.06
C GLN A 88 1.23 -10.20 -3.39
N GLU A 89 2.38 -9.53 -3.50
CA GLU A 89 3.62 -10.22 -3.82
C GLU A 89 4.23 -10.82 -2.55
N LYS A 90 3.92 -10.18 -1.43
CA LYS A 90 4.43 -10.63 -0.14
C LYS A 90 3.47 -11.67 0.44
N GLY A 91 2.38 -11.89 -0.27
CA GLY A 91 1.39 -12.86 0.16
C GLY A 91 0.46 -12.25 1.21
N LEU A 92 0.53 -10.94 1.34
CA LEU A 92 -0.29 -10.23 2.30
C LEU A 92 -1.76 -10.31 1.87
N VAL A 93 -2.00 -9.90 0.64
CA VAL A 93 -3.36 -9.92 0.10
C VAL A 93 -3.33 -10.64 -1.26
N PHE A 94 -4.52 -10.73 -1.86
CA PHE A 94 -4.66 -11.38 -3.15
C PHE A 94 -5.98 -10.99 -3.82
N GLN A 95 -5.91 -10.84 -5.13
CA GLN A 95 -7.09 -10.47 -5.90
C GLN A 95 -7.68 -11.70 -6.58
N ARG A 96 -9.00 -11.78 -6.53
CA ARG A 96 -9.70 -12.90 -7.14
C ARG A 96 -10.20 -12.52 -8.53
N ASP A 97 -11.07 -11.52 -8.57
CA ASP A 97 -11.62 -11.06 -9.82
C ASP A 97 -10.55 -10.26 -10.58
N SER A 98 -9.54 -9.84 -9.85
CA SER A 98 -8.46 -9.08 -10.44
C SER A 98 -8.99 -7.76 -11.02
N GLY A 99 -8.26 -6.69 -10.74
CA GLY A 99 -8.65 -5.38 -11.23
C GLY A 99 -8.21 -4.28 -10.25
N SER A 100 -8.00 -3.09 -10.80
CA SER A 100 -7.59 -1.96 -9.99
C SER A 100 -8.82 -1.23 -9.44
N ASP A 101 -9.74 -2.02 -8.91
CA ASP A 101 -10.96 -1.46 -8.35
C ASP A 101 -11.81 -2.59 -7.77
N LYS A 102 -11.14 -3.51 -7.09
CA LYS A 102 -11.82 -4.63 -6.48
C LYS A 102 -11.40 -4.76 -5.03
N LEU A 103 -12.25 -5.43 -4.25
CA LEU A 103 -11.97 -5.62 -2.83
C LEU A 103 -10.67 -6.41 -2.68
N TYR A 104 -9.83 -5.93 -1.78
CA TYR A 104 -8.56 -6.57 -1.52
C TYR A 104 -8.66 -7.54 -0.33
N TYR A 105 -8.53 -8.82 -0.65
CA TYR A 105 -8.61 -9.86 0.36
C TYR A 105 -7.25 -10.08 1.02
N VAL A 106 -7.25 -10.07 2.35
CA VAL A 106 -6.02 -10.28 3.10
C VAL A 106 -5.73 -11.77 3.18
N THR A 107 -4.50 -12.08 3.55
CA THR A 107 -4.07 -13.47 3.67
C THR A 107 -4.34 -13.98 5.09
N THR A 108 -3.97 -13.17 6.06
CA THR A 108 -4.17 -13.53 7.46
C THR A 108 -3.41 -14.83 7.78
N LYS A 109 -3.19 -15.04 9.07
CA LYS A 109 -2.49 -16.22 9.54
C LYS A 109 -1.48 -16.66 8.46
N ASP A 110 -0.41 -15.89 8.34
CA ASP A 110 0.62 -16.18 7.37
C ASP A 110 1.80 -15.22 7.57
N LYS A 111 1.46 -13.96 7.84
CA LYS A 111 2.48 -12.95 8.06
C LYS A 111 3.48 -12.98 6.90
N ASP A 112 4.59 -12.29 7.11
CA ASP A 112 5.63 -12.23 6.10
C ASP A 112 6.72 -11.24 6.55
N LEU A 113 7.96 -11.70 6.44
CA LEU A 113 9.10 -10.87 6.83
C LEU A 113 8.98 -10.54 8.32
N GLN A 114 9.98 -9.83 8.81
CA GLN A 114 10.01 -9.43 10.21
C GLN A 114 9.07 -8.27 10.45
N SER A 115 8.19 -8.45 11.43
CA SER A 115 7.22 -7.42 11.78
C SER A 115 7.00 -7.40 13.29
N GLY A 116 6.32 -6.36 13.75
CA GLY A 116 6.04 -6.20 15.16
C GLY A 116 4.53 -6.14 15.41
N PRO A 117 3.96 -7.33 15.78
CA PRO A 117 2.53 -7.42 16.05
C PRO A 117 2.20 -6.80 17.41
N SER A 118 0.92 -6.83 17.73
CA SER A 118 0.45 -6.29 19.00
C SER A 118 -1.05 -6.58 19.17
N SER A 119 -1.81 -6.25 18.13
CA SER A 119 -3.24 -6.47 18.16
C SER A 119 -3.87 -5.67 19.30
N GLY A 120 -4.74 -4.74 18.91
CA GLY A 120 -5.41 -3.90 19.89
C GLY A 120 -6.16 -2.75 19.20
N GLY A 1 32.86 -20.97 4.27
CA GLY A 1 32.67 -19.89 3.31
C GLY A 1 32.52 -18.54 4.02
N SER A 2 33.14 -17.53 3.44
CA SER A 2 33.09 -16.19 4.01
C SER A 2 32.30 -15.26 3.08
N SER A 3 31.90 -14.12 3.63
CA SER A 3 31.14 -13.15 2.87
C SER A 3 30.96 -11.87 3.69
N GLY A 4 30.55 -10.82 3.00
CA GLY A 4 30.33 -9.54 3.65
C GLY A 4 31.56 -8.64 3.52
N SER A 5 31.31 -7.40 3.11
CA SER A 5 32.39 -6.44 2.94
C SER A 5 31.81 -5.08 2.55
N SER A 6 31.41 -4.34 3.57
CA SER A 6 30.83 -3.02 3.35
C SER A 6 29.54 -3.14 2.54
N GLY A 7 28.90 -1.99 2.35
CA GLY A 7 27.65 -1.94 1.60
C GLY A 7 26.60 -1.09 2.32
N ASN A 8 26.23 0.00 1.67
CA ASN A 8 25.24 0.91 2.23
C ASN A 8 24.74 1.84 1.14
N LYS A 9 23.46 1.70 0.82
CA LYS A 9 22.84 2.52 -0.20
C LYS A 9 21.38 2.08 -0.39
N ASP A 10 20.53 3.06 -0.62
CA ASP A 10 19.12 2.80 -0.81
C ASP A 10 18.44 4.04 -1.40
N ASN A 11 17.28 3.82 -2.00
CA ASN A 11 16.53 4.91 -2.60
C ASN A 11 15.04 4.73 -2.29
N LEU A 12 14.29 5.79 -2.50
CA LEU A 12 12.87 5.77 -2.24
C LEU A 12 12.11 5.96 -3.55
N ASP A 13 11.41 7.09 -3.64
CA ASP A 13 10.65 7.40 -4.84
C ASP A 13 9.25 6.77 -4.73
N LEU A 14 8.32 7.33 -5.47
CA LEU A 14 6.96 6.83 -5.47
C LEU A 14 6.98 5.31 -5.37
N ALA A 15 7.97 4.72 -6.00
CA ALA A 15 8.11 3.27 -5.98
C ALA A 15 8.71 2.83 -4.64
N GLY A 16 9.83 3.44 -4.30
CA GLY A 16 10.50 3.12 -3.05
C GLY A 16 9.58 3.35 -1.86
N LEU A 17 9.07 4.57 -1.78
CA LEU A 17 8.17 4.93 -0.69
C LEU A 17 6.97 3.98 -0.69
N THR A 18 6.63 3.51 -1.87
CA THR A 18 5.51 2.60 -2.02
C THR A 18 5.81 1.27 -1.33
N SER A 19 6.87 0.62 -1.78
CA SER A 19 7.29 -0.65 -1.21
C SER A 19 7.18 -0.59 0.31
N LEU A 20 7.37 0.60 0.85
CA LEU A 20 7.30 0.80 2.29
C LEU A 20 5.83 0.84 2.73
N LEU A 21 5.08 1.72 2.07
CA LEU A 21 3.66 1.87 2.38
C LEU A 21 3.03 0.49 2.52
N SER A 22 3.36 -0.39 1.58
CA SER A 22 2.84 -1.74 1.61
C SER A 22 2.89 -2.31 3.02
N GLU A 23 4.06 -2.22 3.62
CA GLU A 23 4.25 -2.71 4.97
C GLU A 23 3.38 -1.93 5.95
N LYS A 24 3.12 -0.68 5.59
CA LYS A 24 2.30 0.18 6.43
C LYS A 24 0.85 -0.29 6.37
N ILE A 25 0.44 -0.70 5.18
CA ILE A 25 -0.92 -1.18 4.98
C ILE A 25 -1.05 -2.58 5.55
N LYS A 26 -0.06 -3.41 5.26
CA LYS A 26 -0.05 -4.78 5.74
C LYS A 26 -0.15 -4.78 7.27
N GLU A 27 0.56 -3.84 7.87
CA GLU A 27 0.56 -3.73 9.32
C GLU A 27 -0.83 -3.37 9.83
N PHE A 28 -1.48 -2.47 9.09
CA PHE A 28 -2.82 -2.03 9.45
C PHE A 28 -3.80 -3.21 9.49
N LEU A 29 -3.56 -4.15 8.59
CA LEU A 29 -4.42 -5.33 8.51
C LEU A 29 -4.33 -6.09 9.83
N GLN A 30 -3.11 -6.29 10.29
CA GLN A 30 -2.89 -7.01 11.54
C GLN A 30 -3.30 -6.14 12.73
N GLU A 31 -3.45 -4.86 12.46
CA GLU A 31 -3.83 -3.91 13.50
C GLU A 31 -5.35 -3.91 13.67
N LYS A 32 -6.05 -3.98 12.54
CA LYS A 32 -7.50 -3.98 12.56
C LYS A 32 -8.00 -5.43 12.56
N LYS A 33 -7.14 -6.32 12.08
CA LYS A 33 -7.48 -7.73 12.01
C LYS A 33 -8.74 -7.91 11.17
N MET A 34 -8.61 -7.63 9.89
CA MET A 34 -9.72 -7.76 8.97
C MET A 34 -9.51 -8.94 8.01
N GLN A 35 -10.53 -9.18 7.19
CA GLN A 35 -10.47 -10.26 6.23
C GLN A 35 -10.76 -9.74 4.82
N SER A 36 -11.04 -8.45 4.75
CA SER A 36 -11.33 -7.82 3.47
C SER A 36 -11.36 -6.29 3.64
N PHE A 37 -10.84 -5.62 2.62
CA PHE A 37 -10.80 -4.17 2.63
C PHE A 37 -10.42 -3.62 1.26
N TYR A 38 -10.67 -2.33 1.08
CA TYR A 38 -10.36 -1.67 -0.18
C TYR A 38 -9.22 -0.66 0.00
N GLN A 39 -8.53 -0.40 -1.10
CA GLN A 39 -7.42 0.54 -1.07
C GLN A 39 -7.86 1.88 -0.49
N GLN A 40 -9.12 2.21 -0.73
CA GLN A 40 -9.68 3.46 -0.25
C GLN A 40 -9.89 3.38 1.27
N GLU A 41 -10.37 2.23 1.72
CA GLU A 41 -10.61 2.02 3.13
C GLU A 41 -9.32 2.28 3.93
N LEU A 42 -8.21 2.25 3.22
CA LEU A 42 -6.92 2.49 3.86
C LEU A 42 -6.48 3.93 3.60
N GLU A 43 -7.08 4.53 2.57
CA GLU A 43 -6.75 5.89 2.23
C GLU A 43 -7.28 6.85 3.30
N THR A 44 -8.05 6.30 4.22
CA THR A 44 -8.60 7.08 5.30
C THR A 44 -7.72 6.99 6.55
N VAL A 45 -6.75 6.09 6.47
CA VAL A 45 -5.82 5.89 7.58
C VAL A 45 -4.74 6.97 7.54
N GLU A 46 -4.92 7.98 8.38
CA GLU A 46 -3.96 9.08 8.44
C GLU A 46 -2.53 8.53 8.51
N SER A 47 -2.29 7.75 9.55
CA SER A 47 -0.98 7.16 9.74
C SER A 47 -0.40 6.70 8.40
N LEU A 48 -1.26 6.09 7.60
CA LEU A 48 -0.85 5.61 6.29
C LEU A 48 -0.67 6.79 5.35
N GLN A 49 -1.73 7.57 5.22
CA GLN A 49 -1.70 8.74 4.36
C GLN A 49 -0.41 9.54 4.58
N SER A 50 -0.05 9.67 5.85
CA SER A 50 1.15 10.41 6.21
C SER A 50 2.34 9.90 5.39
N LEU A 51 2.22 8.65 4.95
CA LEU A 51 3.28 8.03 4.16
C LEU A 51 2.92 8.12 2.68
N ALA A 52 1.67 7.75 2.39
CA ALA A 52 1.19 7.78 1.02
C ALA A 52 1.08 9.23 0.55
N SER A 53 1.37 10.13 1.47
CA SER A 53 1.31 11.56 1.16
C SER A 53 2.72 12.15 1.12
N ARG A 54 3.67 11.36 1.60
CA ARG A 54 5.06 11.79 1.61
C ARG A 54 5.41 12.51 0.31
N PRO A 55 6.41 13.43 0.40
CA PRO A 55 6.84 14.18 -0.76
C PRO A 55 7.68 13.31 -1.69
N VAL A 56 8.37 12.35 -1.10
CA VAL A 56 9.20 11.45 -1.88
C VAL A 56 9.74 12.17 -3.11
N THR A 57 9.08 11.94 -4.24
CA THR A 57 9.48 12.56 -5.48
C THR A 57 8.47 12.22 -6.59
N HIS A 58 7.87 13.27 -7.14
CA HIS A 58 6.89 13.09 -8.20
C HIS A 58 6.51 14.45 -8.77
N SER A 59 5.91 14.42 -9.95
CA SER A 59 5.49 15.64 -10.63
C SER A 59 5.13 15.34 -12.08
N THR A 60 3.86 15.00 -12.28
CA THR A 60 3.37 14.70 -13.61
C THR A 60 1.84 14.73 -13.63
N GLY A 61 1.31 15.11 -14.79
CA GLY A 61 -0.13 15.20 -14.97
C GLY A 61 -0.61 16.64 -14.83
N SER A 62 -1.85 16.86 -15.26
CA SER A 62 -2.44 18.19 -15.19
C SER A 62 -3.61 18.19 -14.22
N ASP A 63 -4.67 17.51 -14.61
CA ASP A 63 -5.86 17.43 -13.78
C ASP A 63 -6.51 16.05 -13.96
N GLN A 64 -6.70 15.38 -12.84
CA GLN A 64 -7.31 14.05 -12.85
C GLN A 64 -8.82 14.17 -13.10
N VAL A 65 -9.27 15.40 -13.24
CA VAL A 65 -10.68 15.65 -13.47
C VAL A 65 -11.52 14.78 -12.53
N GLU A 66 -12.02 15.42 -11.48
CA GLU A 66 -12.83 14.72 -10.50
C GLU A 66 -11.96 14.19 -9.37
N LEU A 67 -10.84 14.87 -9.16
CA LEU A 67 -9.91 14.47 -8.11
C LEU A 67 -10.34 15.09 -6.79
N LYS A 68 -11.64 15.01 -6.52
CA LYS A 68 -12.19 15.56 -5.29
C LYS A 68 -11.87 17.05 -5.23
N ASP A 69 -12.27 17.66 -4.12
CA ASP A 69 -12.05 19.09 -3.92
C ASP A 69 -10.57 19.31 -3.55
N SER A 70 -10.15 18.63 -2.50
CA SER A 70 -8.77 18.75 -2.04
C SER A 70 -7.82 18.76 -3.24
N GLY A 71 -6.65 19.33 -3.02
CA GLY A 71 -5.64 19.40 -4.07
C GLY A 71 -4.87 18.09 -4.19
N THR A 72 -3.96 17.89 -3.24
CA THR A 72 -3.15 16.68 -3.23
C THR A 72 -3.99 15.49 -2.80
N SER A 73 -4.85 15.04 -3.71
CA SER A 73 -5.72 13.91 -3.43
C SER A 73 -5.70 12.95 -4.62
N GLY A 74 -4.55 12.31 -4.80
CA GLY A 74 -4.39 11.35 -5.89
C GLY A 74 -3.04 10.63 -5.79
N VAL A 75 -1.99 11.43 -5.68
CA VAL A 75 -0.65 10.88 -5.58
C VAL A 75 -0.66 9.70 -4.61
N ALA A 76 -1.32 9.91 -3.48
CA ALA A 76 -1.41 8.87 -2.47
C ALA A 76 -2.09 7.64 -3.06
N GLN A 77 -3.12 7.89 -3.86
CA GLN A 77 -3.86 6.81 -4.48
C GLN A 77 -2.91 5.95 -5.34
N ARG A 78 -1.82 6.57 -5.75
CA ARG A 78 -0.84 5.88 -6.56
C ARG A 78 0.11 5.05 -5.68
N VAL A 79 0.33 5.55 -4.47
CA VAL A 79 1.20 4.88 -3.53
C VAL A 79 0.43 3.74 -2.86
N PHE A 80 -0.83 4.01 -2.55
CA PHE A 80 -1.68 3.02 -1.92
C PHE A 80 -1.96 1.84 -2.86
N LYS A 81 -2.55 2.17 -3.99
CA LYS A 81 -2.88 1.16 -4.99
C LYS A 81 -1.65 0.28 -5.23
N ASN A 82 -0.49 0.92 -5.23
CA ASN A 82 0.76 0.21 -5.45
C ASN A 82 1.01 -0.75 -4.28
N ALA A 83 0.94 -0.20 -3.08
CA ALA A 83 1.16 -0.99 -1.88
C ALA A 83 0.46 -2.34 -2.04
N LEU A 84 -0.86 -2.29 -2.15
CA LEU A 84 -1.64 -3.51 -2.30
C LEU A 84 -0.89 -4.48 -3.21
N GLN A 85 -0.45 -3.96 -4.35
CA GLN A 85 0.28 -4.77 -5.31
C GLN A 85 1.41 -5.53 -4.62
N LEU A 86 2.18 -4.79 -3.83
CA LEU A 86 3.30 -5.37 -3.11
C LEU A 86 2.79 -6.49 -2.20
N LEU A 87 1.83 -6.13 -1.35
CA LEU A 87 1.24 -7.08 -0.43
C LEU A 87 0.96 -8.39 -1.18
N GLN A 88 0.18 -8.28 -2.24
CA GLN A 88 -0.17 -9.44 -3.04
C GLN A 88 1.09 -10.16 -3.51
N GLU A 89 2.15 -9.39 -3.68
CA GLU A 89 3.42 -9.94 -4.13
C GLU A 89 4.13 -10.63 -2.97
N LYS A 90 3.81 -10.17 -1.76
CA LYS A 90 4.41 -10.73 -0.56
C LYS A 90 3.52 -11.86 -0.04
N GLY A 91 2.23 -11.74 -0.31
CA GLY A 91 1.27 -12.74 0.13
C GLY A 91 0.48 -12.24 1.35
N LEU A 92 0.44 -10.92 1.49
CA LEU A 92 -0.27 -10.32 2.60
C LEU A 92 -1.76 -10.20 2.23
N VAL A 93 -2.01 -9.88 0.97
CA VAL A 93 -3.36 -9.75 0.49
C VAL A 93 -3.47 -10.37 -0.91
N PHE A 94 -4.70 -10.39 -1.42
CA PHE A 94 -4.95 -10.95 -2.73
C PHE A 94 -6.33 -10.53 -3.26
N GLN A 95 -6.42 -10.46 -4.58
CA GLN A 95 -7.67 -10.06 -5.22
C GLN A 95 -8.24 -11.23 -6.03
N ARG A 96 -9.50 -11.54 -5.75
CA ARG A 96 -10.18 -12.62 -6.44
C ARG A 96 -10.90 -12.09 -7.68
N ASP A 97 -10.17 -11.31 -8.46
CA ASP A 97 -10.74 -10.74 -9.67
C ASP A 97 -9.73 -9.76 -10.28
N SER A 98 -8.87 -10.29 -11.14
CA SER A 98 -7.87 -9.48 -11.79
C SER A 98 -8.44 -8.11 -12.13
N GLY A 99 -8.02 -7.11 -11.38
CA GLY A 99 -8.47 -5.75 -11.58
C GLY A 99 -7.75 -4.77 -10.66
N SER A 100 -7.93 -3.49 -10.94
CA SER A 100 -7.30 -2.46 -10.14
C SER A 100 -8.23 -2.04 -8.99
N ASP A 101 -9.43 -1.62 -9.37
CA ASP A 101 -10.41 -1.21 -8.39
C ASP A 101 -11.20 -2.42 -7.90
N LYS A 102 -10.51 -3.28 -7.17
CA LYS A 102 -11.13 -4.50 -6.65
C LYS A 102 -10.87 -4.59 -5.15
N LEU A 103 -11.70 -5.37 -4.48
CA LEU A 103 -11.57 -5.55 -3.04
C LEU A 103 -10.30 -6.35 -2.74
N TYR A 104 -9.52 -5.83 -1.81
CA TYR A 104 -8.28 -6.50 -1.42
C TYR A 104 -8.47 -7.33 -0.17
N TYR A 105 -8.39 -8.64 -0.34
CA TYR A 105 -8.55 -9.56 0.77
C TYR A 105 -7.22 -9.82 1.47
N VAL A 106 -7.29 -9.97 2.78
CA VAL A 106 -6.11 -10.22 3.58
C VAL A 106 -5.67 -11.67 3.41
N THR A 107 -4.44 -11.94 3.76
CA THR A 107 -3.89 -13.29 3.66
C THR A 107 -4.19 -14.08 4.93
N THR A 108 -4.16 -13.38 6.05
CA THR A 108 -4.43 -14.01 7.33
C THR A 108 -3.84 -15.42 7.37
N LYS A 109 -2.58 -15.52 6.97
CA LYS A 109 -1.90 -16.81 6.96
C LYS A 109 -2.86 -17.88 6.45
N ASP A 110 -3.47 -17.59 5.31
CA ASP A 110 -4.42 -18.52 4.70
C ASP A 110 -4.77 -18.05 3.30
N LYS A 111 -4.32 -18.83 2.32
CA LYS A 111 -4.58 -18.50 0.93
C LYS A 111 -4.81 -19.80 0.15
N ASP A 112 -5.38 -19.63 -1.05
CA ASP A 112 -5.66 -20.77 -1.90
C ASP A 112 -5.27 -20.43 -3.34
N LEU A 113 -5.77 -19.29 -3.80
CA LEU A 113 -5.49 -18.84 -5.15
C LEU A 113 -6.31 -19.67 -6.15
N GLN A 114 -5.96 -20.95 -6.21
CA GLN A 114 -6.65 -21.86 -7.11
C GLN A 114 -8.17 -21.66 -7.02
N SER A 115 -8.76 -21.31 -8.15
CA SER A 115 -10.20 -21.09 -8.20
C SER A 115 -10.78 -21.74 -9.45
N GLY A 116 -12.05 -22.11 -9.35
CA GLY A 116 -12.73 -22.74 -10.47
C GLY A 116 -12.59 -21.91 -11.75
N PRO A 117 -12.20 -22.61 -12.84
CA PRO A 117 -12.01 -21.95 -14.13
C PRO A 117 -13.36 -21.65 -14.77
N SER A 118 -14.26 -22.61 -14.68
CA SER A 118 -15.59 -22.45 -15.25
C SER A 118 -15.49 -22.14 -16.75
N SER A 119 -15.30 -23.17 -17.54
CA SER A 119 -15.18 -23.03 -18.97
C SER A 119 -16.31 -23.76 -19.68
N GLY A 120 -16.97 -23.05 -20.58
CA GLY A 120 -18.07 -23.62 -21.33
C GLY A 120 -19.39 -22.90 -21.01
N GLY A 1 35.27 -9.12 -6.88
CA GLY A 1 34.31 -8.05 -6.95
C GLY A 1 34.81 -6.93 -7.88
N SER A 2 34.06 -5.83 -7.89
CA SER A 2 34.40 -4.70 -8.71
C SER A 2 33.49 -3.51 -8.39
N SER A 3 33.97 -2.32 -8.74
CA SER A 3 33.21 -1.12 -8.48
C SER A 3 33.10 -0.87 -6.98
N GLY A 4 33.45 0.35 -6.58
CA GLY A 4 33.39 0.72 -5.19
C GLY A 4 31.95 0.88 -4.72
N SER A 5 31.73 1.89 -3.89
CA SER A 5 30.40 2.17 -3.37
C SER A 5 30.29 3.64 -2.96
N SER A 6 31.15 4.04 -2.04
CA SER A 6 31.16 5.41 -1.55
C SER A 6 29.72 5.89 -1.32
N GLY A 7 29.24 5.64 -0.11
CA GLY A 7 27.89 6.04 0.26
C GLY A 7 26.86 5.39 -0.67
N ASN A 8 25.63 5.33 -0.18
CA ASN A 8 24.55 4.74 -0.94
C ASN A 8 23.47 5.79 -1.20
N LYS A 9 22.88 6.26 -0.11
CA LYS A 9 21.83 7.27 -0.19
C LYS A 9 20.78 6.81 -1.21
N ASP A 10 19.98 5.84 -0.79
CA ASP A 10 18.93 5.32 -1.66
C ASP A 10 17.80 6.33 -1.76
N ASN A 11 17.79 7.05 -2.87
CA ASN A 11 16.77 8.06 -3.10
C ASN A 11 15.40 7.38 -3.22
N LEU A 12 14.49 7.79 -2.34
CA LEU A 12 13.15 7.23 -2.33
C LEU A 12 12.55 7.34 -3.74
N ASP A 13 11.27 6.98 -3.82
CA ASP A 13 10.57 7.05 -5.10
C ASP A 13 9.18 6.45 -4.93
N LEU A 14 8.27 6.89 -5.79
CA LEU A 14 6.90 6.41 -5.75
C LEU A 14 6.90 4.91 -5.47
N ALA A 15 7.96 4.25 -5.92
CA ALA A 15 8.09 2.82 -5.73
C ALA A 15 8.84 2.56 -4.42
N GLY A 16 9.87 3.35 -4.20
CA GLY A 16 10.68 3.22 -2.99
C GLY A 16 9.85 3.51 -1.74
N LEU A 17 9.18 4.66 -1.76
CA LEU A 17 8.35 5.07 -0.64
C LEU A 17 7.13 4.14 -0.55
N THR A 18 6.80 3.55 -1.68
CA THR A 18 5.67 2.63 -1.75
C THR A 18 5.93 1.38 -0.90
N SER A 19 6.97 0.67 -1.28
CA SER A 19 7.35 -0.54 -0.57
C SER A 19 7.13 -0.36 0.94
N LEU A 20 7.40 0.86 1.39
CA LEU A 20 7.24 1.19 2.80
C LEU A 20 5.74 1.18 3.15
N LEU A 21 4.99 1.98 2.41
CA LEU A 21 3.56 2.08 2.64
C LEU A 21 2.97 0.67 2.79
N SER A 22 3.33 -0.19 1.85
CA SER A 22 2.85 -1.56 1.87
C SER A 22 2.89 -2.11 3.30
N GLU A 23 4.05 -1.95 3.92
CA GLU A 23 4.25 -2.43 5.28
C GLU A 23 3.30 -1.69 6.23
N LYS A 24 3.05 -0.43 5.91
CA LYS A 24 2.16 0.39 6.73
C LYS A 24 0.74 -0.16 6.65
N ILE A 25 0.34 -0.50 5.43
CA ILE A 25 -0.99 -1.04 5.21
C ILE A 25 -1.05 -2.47 5.74
N LYS A 26 -0.12 -3.28 5.28
CA LYS A 26 -0.05 -4.67 5.70
C LYS A 26 -0.17 -4.74 7.22
N GLU A 27 0.44 -3.77 7.88
CA GLU A 27 0.41 -3.71 9.33
C GLU A 27 -1.00 -3.39 9.82
N PHE A 28 -1.63 -2.44 9.15
CA PHE A 28 -2.97 -2.03 9.49
C PHE A 28 -3.94 -3.21 9.46
N LEU A 29 -3.53 -4.25 8.74
CA LEU A 29 -4.34 -5.45 8.62
C LEU A 29 -4.12 -6.33 9.86
N GLN A 30 -2.85 -6.53 10.20
CA GLN A 30 -2.50 -7.34 11.34
C GLN A 30 -2.99 -6.67 12.63
N GLU A 31 -3.42 -5.43 12.49
CA GLU A 31 -3.92 -4.68 13.64
C GLU A 31 -5.44 -4.80 13.73
N LYS A 32 -6.09 -4.54 12.61
CA LYS A 32 -7.55 -4.63 12.56
C LYS A 32 -7.96 -6.08 12.37
N LYS A 33 -7.01 -6.89 11.91
CA LYS A 33 -7.27 -8.29 11.67
C LYS A 33 -8.54 -8.44 10.82
N MET A 34 -8.42 -8.00 9.58
CA MET A 34 -9.55 -8.08 8.67
C MET A 34 -9.38 -9.23 7.68
N GLN A 35 -10.45 -9.50 6.94
CA GLN A 35 -10.42 -10.58 5.96
C GLN A 35 -10.69 -10.03 4.56
N SER A 36 -11.03 -8.75 4.52
CA SER A 36 -11.32 -8.09 3.24
C SER A 36 -11.41 -6.58 3.45
N PHE A 37 -10.92 -5.85 2.46
CA PHE A 37 -10.96 -4.39 2.52
C PHE A 37 -10.58 -3.78 1.17
N TYR A 38 -10.74 -2.47 1.08
CA TYR A 38 -10.42 -1.76 -0.14
C TYR A 38 -9.26 -0.78 0.09
N GLN A 39 -8.52 -0.53 -0.99
CA GLN A 39 -7.39 0.38 -0.92
C GLN A 39 -7.85 1.75 -0.44
N GLN A 40 -9.06 2.12 -0.84
CA GLN A 40 -9.62 3.40 -0.45
C GLN A 40 -9.89 3.44 1.06
N GLU A 41 -10.45 2.34 1.55
CA GLU A 41 -10.77 2.23 2.96
C GLU A 41 -9.52 2.55 3.80
N LEU A 42 -8.37 2.40 3.17
CA LEU A 42 -7.12 2.67 3.85
C LEU A 42 -6.68 4.10 3.56
N GLU A 43 -7.19 4.64 2.46
CA GLU A 43 -6.85 5.99 2.06
C GLU A 43 -7.40 6.99 3.08
N THR A 44 -8.24 6.49 3.97
CA THR A 44 -8.84 7.32 4.99
C THR A 44 -8.01 7.25 6.28
N VAL A 45 -7.05 6.34 6.29
CA VAL A 45 -6.19 6.16 7.44
C VAL A 45 -5.03 7.17 7.36
N GLU A 46 -4.96 8.02 8.37
CA GLU A 46 -3.92 9.03 8.44
C GLU A 46 -2.55 8.37 8.45
N SER A 47 -2.33 7.55 9.48
CA SER A 47 -1.05 6.86 9.62
C SER A 47 -0.56 6.40 8.25
N LEU A 48 -1.49 6.00 7.40
CA LEU A 48 -1.15 5.54 6.07
C LEU A 48 -0.92 6.75 5.16
N GLN A 49 -1.96 7.56 5.03
CA GLN A 49 -1.88 8.75 4.20
C GLN A 49 -0.59 9.52 4.48
N SER A 50 -0.32 9.70 5.77
CA SER A 50 0.87 10.41 6.19
C SER A 50 2.09 9.85 5.47
N LEU A 51 1.95 8.62 5.01
CA LEU A 51 3.04 7.95 4.30
C LEU A 51 2.80 8.06 2.80
N ALA A 52 1.66 7.56 2.37
CA ALA A 52 1.30 7.59 0.96
C ALA A 52 1.21 9.05 0.50
N SER A 53 1.24 9.95 1.47
CA SER A 53 1.17 11.37 1.18
C SER A 53 2.58 11.97 1.13
N ARG A 54 3.51 11.27 1.76
CA ARG A 54 4.88 11.71 1.80
C ARG A 54 5.33 12.18 0.41
N PRO A 55 6.35 13.07 0.40
CA PRO A 55 6.87 13.60 -0.85
C PRO A 55 7.74 12.57 -1.56
N VAL A 56 8.10 12.88 -2.79
CA VAL A 56 8.92 11.99 -3.59
C VAL A 56 8.91 12.45 -5.05
N THR A 57 9.99 12.16 -5.74
CA THR A 57 10.11 12.53 -7.14
C THR A 57 9.45 11.49 -8.03
N HIS A 58 8.57 11.96 -8.91
CA HIS A 58 7.86 11.08 -9.81
C HIS A 58 6.99 11.91 -10.77
N SER A 59 6.41 11.23 -11.74
CA SER A 59 5.56 11.89 -12.71
C SER A 59 4.69 10.85 -13.44
N THR A 60 5.35 9.84 -13.96
CA THR A 60 4.66 8.78 -14.67
C THR A 60 3.68 8.06 -13.75
N GLY A 61 2.59 7.60 -14.33
CA GLY A 61 1.56 6.90 -13.56
C GLY A 61 0.16 7.35 -13.98
N SER A 62 -0.46 6.54 -14.82
CA SER A 62 -1.80 6.85 -15.29
C SER A 62 -2.75 5.68 -14.96
N ASP A 63 -2.45 4.53 -15.53
CA ASP A 63 -3.26 3.35 -15.31
C ASP A 63 -4.66 3.60 -15.84
N GLN A 64 -5.19 2.60 -16.54
CA GLN A 64 -6.51 2.68 -17.11
C GLN A 64 -7.55 2.85 -16.00
N VAL A 65 -7.67 4.09 -15.53
CA VAL A 65 -8.62 4.40 -14.47
C VAL A 65 -8.80 5.92 -14.38
N GLU A 66 -10.06 6.32 -14.26
CA GLU A 66 -10.38 7.73 -14.17
C GLU A 66 -10.88 8.08 -12.75
N LEU A 67 -10.13 7.60 -11.77
CA LEU A 67 -10.48 7.85 -10.38
C LEU A 67 -9.52 8.89 -9.80
N LYS A 68 -10.02 10.11 -9.69
CA LYS A 68 -9.22 11.20 -9.15
C LYS A 68 -10.10 12.07 -8.24
N ASP A 69 -9.44 12.87 -7.42
CA ASP A 69 -10.14 13.74 -6.50
C ASP A 69 -9.13 14.46 -5.61
N SER A 70 -9.25 15.78 -5.57
CA SER A 70 -8.34 16.59 -4.76
C SER A 70 -6.94 16.60 -5.38
N GLY A 71 -6.11 17.47 -4.86
CA GLY A 71 -4.74 17.59 -5.35
C GLY A 71 -3.83 16.54 -4.70
N THR A 72 -3.42 16.85 -3.48
CA THR A 72 -2.55 15.94 -2.74
C THR A 72 -3.32 14.69 -2.29
N SER A 73 -3.84 13.98 -3.29
CA SER A 73 -4.59 12.77 -3.02
C SER A 73 -4.23 11.68 -4.03
N GLY A 74 -4.26 12.06 -5.30
CA GLY A 74 -3.94 11.14 -6.37
C GLY A 74 -2.60 10.45 -6.11
N VAL A 75 -1.59 11.27 -5.89
CA VAL A 75 -0.25 10.75 -5.63
C VAL A 75 -0.35 9.58 -4.66
N ALA A 76 -1.00 9.83 -3.54
CA ALA A 76 -1.16 8.80 -2.53
C ALA A 76 -1.89 7.59 -3.14
N GLN A 77 -2.83 7.90 -4.03
CA GLN A 77 -3.59 6.86 -4.68
C GLN A 77 -2.67 5.95 -5.50
N ARG A 78 -1.48 6.47 -5.77
CA ARG A 78 -0.50 5.71 -6.54
C ARG A 78 0.36 4.87 -5.60
N VAL A 79 0.62 5.42 -4.42
CA VAL A 79 1.42 4.73 -3.43
C VAL A 79 0.59 3.64 -2.76
N PHE A 80 -0.68 3.94 -2.55
CA PHE A 80 -1.59 3.00 -1.93
C PHE A 80 -1.82 1.78 -2.83
N LYS A 81 -2.35 2.05 -4.01
CA LYS A 81 -2.62 1.00 -4.98
C LYS A 81 -1.36 0.15 -5.15
N ASN A 82 -0.23 0.82 -5.13
CA ASN A 82 1.05 0.13 -5.29
C ASN A 82 1.28 -0.79 -4.09
N ALA A 83 1.14 -0.22 -2.91
CA ALA A 83 1.33 -0.98 -1.68
C ALA A 83 0.69 -2.36 -1.84
N LEU A 84 -0.63 -2.35 -1.99
CA LEU A 84 -1.38 -3.58 -2.15
C LEU A 84 -0.57 -4.55 -3.01
N GLN A 85 -0.11 -4.05 -4.14
CA GLN A 85 0.68 -4.87 -5.06
C GLN A 85 1.79 -5.59 -4.30
N LEU A 86 2.55 -4.81 -3.55
CA LEU A 86 3.64 -5.37 -2.76
C LEU A 86 3.10 -6.48 -1.85
N LEU A 87 2.14 -6.09 -1.02
CA LEU A 87 1.54 -7.03 -0.09
C LEU A 87 1.27 -8.35 -0.81
N GLN A 88 0.48 -8.27 -1.87
CA GLN A 88 0.14 -9.44 -2.66
C GLN A 88 1.41 -10.21 -3.04
N GLU A 89 2.43 -9.45 -3.41
CA GLU A 89 3.70 -10.04 -3.81
C GLU A 89 4.32 -10.79 -2.63
N LYS A 90 3.94 -10.37 -1.43
CA LYS A 90 4.45 -11.00 -0.22
C LYS A 90 3.50 -12.11 0.22
N GLY A 91 2.22 -11.91 -0.10
CA GLY A 91 1.21 -12.89 0.24
C GLY A 91 0.36 -12.40 1.43
N LEU A 92 0.38 -11.08 1.63
CA LEU A 92 -0.37 -10.48 2.71
C LEU A 92 -1.83 -10.34 2.29
N VAL A 93 -2.02 -9.93 1.05
CA VAL A 93 -3.36 -9.75 0.51
C VAL A 93 -3.43 -10.33 -0.90
N PHE A 94 -4.64 -10.36 -1.45
CA PHE A 94 -4.84 -10.88 -2.78
C PHE A 94 -6.20 -10.45 -3.34
N GLN A 95 -6.25 -10.32 -4.65
CA GLN A 95 -7.49 -9.92 -5.31
C GLN A 95 -7.93 -10.99 -6.31
N ARG A 96 -9.14 -11.50 -6.08
CA ARG A 96 -9.69 -12.53 -6.95
C ARG A 96 -10.15 -11.91 -8.27
N ASP A 97 -10.93 -10.85 -8.16
CA ASP A 97 -11.44 -10.17 -9.33
C ASP A 97 -10.40 -9.18 -9.84
N SER A 98 -9.79 -9.52 -10.96
CA SER A 98 -8.77 -8.68 -11.56
C SER A 98 -9.34 -7.29 -11.85
N GLY A 99 -8.81 -6.31 -11.14
CA GLY A 99 -9.26 -4.93 -11.31
C GLY A 99 -8.68 -4.03 -10.23
N SER A 100 -8.11 -2.92 -10.68
CA SER A 100 -7.50 -1.96 -9.77
C SER A 100 -8.50 -1.58 -8.69
N ASP A 101 -9.71 -1.24 -9.13
CA ASP A 101 -10.77 -0.85 -8.21
C ASP A 101 -11.52 -2.08 -7.75
N LYS A 102 -10.80 -2.99 -7.11
CA LYS A 102 -11.39 -4.22 -6.62
C LYS A 102 -11.14 -4.34 -5.11
N LEU A 103 -11.85 -5.26 -4.50
CA LEU A 103 -11.72 -5.50 -3.06
C LEU A 103 -10.44 -6.30 -2.80
N TYR A 104 -9.66 -5.82 -1.84
CA TYR A 104 -8.42 -6.48 -1.49
C TYR A 104 -8.63 -7.44 -0.31
N TYR A 105 -8.34 -8.71 -0.55
CA TYR A 105 -8.50 -9.72 0.48
C TYR A 105 -7.18 -9.94 1.23
N VAL A 106 -7.31 -10.10 2.54
CA VAL A 106 -6.14 -10.32 3.39
C VAL A 106 -5.77 -11.80 3.35
N THR A 107 -4.56 -12.08 3.81
CA THR A 107 -4.07 -13.44 3.84
C THR A 107 -4.30 -14.06 5.22
N THR A 108 -3.91 -15.33 5.35
CA THR A 108 -4.07 -16.03 6.60
C THR A 108 -5.49 -15.82 7.15
N LYS A 109 -5.69 -16.31 8.38
CA LYS A 109 -6.98 -16.18 9.02
C LYS A 109 -7.01 -14.88 9.83
N ASP A 110 -6.23 -14.87 10.90
CA ASP A 110 -6.16 -13.70 11.75
C ASP A 110 -5.28 -14.00 12.97
N LYS A 111 -5.20 -13.04 13.87
CA LYS A 111 -4.40 -13.19 15.07
C LYS A 111 -5.06 -14.23 15.98
N ASP A 112 -6.16 -13.80 16.60
CA ASP A 112 -6.89 -14.68 17.50
C ASP A 112 -8.39 -14.54 17.22
N LEU A 113 -9.11 -15.62 17.52
CA LEU A 113 -10.55 -15.63 17.31
C LEU A 113 -11.13 -14.28 17.71
N GLN A 114 -11.52 -13.51 16.70
CA GLN A 114 -12.10 -12.20 16.93
C GLN A 114 -12.50 -11.55 15.60
N SER A 115 -13.44 -12.21 14.93
CA SER A 115 -13.92 -11.71 13.64
C SER A 115 -15.16 -12.51 13.21
N GLY A 116 -15.80 -12.01 12.17
CA GLY A 116 -17.00 -12.66 11.64
C GLY A 116 -16.63 -13.94 10.90
N PRO A 117 -17.52 -14.31 9.92
CA PRO A 117 -17.30 -15.51 9.14
C PRO A 117 -16.20 -15.29 8.10
N SER A 118 -15.95 -16.32 7.31
CA SER A 118 -14.92 -16.27 6.29
C SER A 118 -14.97 -17.54 5.43
N SER A 119 -14.22 -17.50 4.33
CA SER A 119 -14.16 -18.63 3.43
C SER A 119 -12.71 -18.93 3.07
N GLY A 120 -12.16 -19.93 3.73
CA GLY A 120 -10.78 -20.33 3.49
C GLY A 120 -9.94 -20.19 4.75
N GLY A 1 28.60 -19.25 4.88
CA GLY A 1 29.57 -19.27 3.79
C GLY A 1 29.06 -18.45 2.60
N SER A 2 27.90 -18.84 2.10
CA SER A 2 27.30 -18.17 0.97
C SER A 2 26.66 -16.85 1.43
N SER A 3 26.94 -15.80 0.68
CA SER A 3 26.40 -14.48 1.00
C SER A 3 26.80 -13.48 -0.09
N GLY A 4 26.10 -12.35 -0.08
CA GLY A 4 26.36 -11.31 -1.06
C GLY A 4 25.68 -10.00 -0.66
N SER A 5 25.74 -9.04 -1.57
CA SER A 5 25.12 -7.74 -1.32
C SER A 5 23.88 -7.57 -2.19
N SER A 6 23.14 -6.50 -1.91
CA SER A 6 21.93 -6.22 -2.66
C SER A 6 21.84 -4.73 -2.99
N GLY A 7 22.18 -4.41 -4.23
CA GLY A 7 22.15 -3.02 -4.67
C GLY A 7 22.67 -2.08 -3.59
N ASN A 8 22.30 -0.83 -3.71
CA ASN A 8 22.72 0.18 -2.75
C ASN A 8 22.21 1.56 -3.20
N LYS A 9 21.16 2.01 -2.53
CA LYS A 9 20.57 3.29 -2.84
C LYS A 9 19.79 3.80 -1.63
N ASP A 10 18.98 4.82 -1.88
CA ASP A 10 18.18 5.40 -0.82
C ASP A 10 17.11 6.33 -1.43
N ASN A 11 17.54 7.10 -2.42
CA ASN A 11 16.65 8.02 -3.10
C ASN A 11 15.28 7.37 -3.26
N LEU A 12 14.39 7.70 -2.33
CA LEU A 12 13.04 7.16 -2.36
C LEU A 12 12.44 7.35 -3.75
N ASP A 13 11.20 6.91 -3.90
CA ASP A 13 10.51 7.03 -5.17
C ASP A 13 9.10 6.48 -5.02
N LEU A 14 8.24 6.86 -5.96
CA LEU A 14 6.86 6.40 -5.95
C LEU A 14 6.82 4.91 -5.59
N ALA A 15 7.84 4.21 -6.05
CA ALA A 15 7.93 2.77 -5.78
C ALA A 15 8.78 2.55 -4.53
N GLY A 16 9.76 3.43 -4.34
CA GLY A 16 10.64 3.33 -3.18
C GLY A 16 9.86 3.58 -1.89
N LEU A 17 9.06 4.62 -1.91
CA LEU A 17 8.26 4.97 -0.74
C LEU A 17 7.13 3.97 -0.59
N THR A 18 6.51 3.64 -1.70
CA THR A 18 5.41 2.68 -1.70
C THR A 18 5.80 1.42 -0.93
N SER A 19 6.95 0.87 -1.30
CA SER A 19 7.44 -0.34 -0.66
C SER A 19 7.18 -0.26 0.85
N LEU A 20 7.35 0.93 1.39
CA LEU A 20 7.14 1.14 2.81
C LEU A 20 5.64 1.04 3.12
N LEU A 21 4.88 1.88 2.43
CA LEU A 21 3.43 1.90 2.62
C LEU A 21 2.93 0.47 2.77
N SER A 22 3.33 -0.38 1.84
CA SER A 22 2.93 -1.77 1.85
C SER A 22 2.79 -2.26 3.30
N GLU A 23 3.89 -2.15 4.03
CA GLU A 23 3.90 -2.58 5.41
C GLU A 23 2.87 -1.78 6.22
N LYS A 24 2.78 -0.51 5.91
CA LYS A 24 1.84 0.37 6.59
C LYS A 24 0.42 -0.13 6.36
N ILE A 25 0.12 -0.40 5.09
CA ILE A 25 -1.20 -0.88 4.72
C ILE A 25 -1.39 -2.30 5.25
N LYS A 26 -0.33 -3.09 5.14
CA LYS A 26 -0.36 -4.46 5.60
C LYS A 26 -0.54 -4.48 7.12
N GLU A 27 0.17 -3.56 7.78
CA GLU A 27 0.10 -3.45 9.22
C GLU A 27 -1.33 -3.15 9.67
N PHE A 28 -1.99 -2.30 8.89
CA PHE A 28 -3.36 -1.92 9.19
C PHE A 28 -4.27 -3.14 9.25
N LEU A 29 -4.00 -4.09 8.37
CA LEU A 29 -4.79 -5.30 8.31
C LEU A 29 -4.69 -6.04 9.66
N GLN A 30 -3.45 -6.18 10.12
CA GLN A 30 -3.21 -6.85 11.39
C GLN A 30 -3.70 -5.98 12.55
N GLU A 31 -3.92 -4.72 12.25
CA GLU A 31 -4.38 -3.77 13.26
C GLU A 31 -5.90 -3.89 13.43
N LYS A 32 -6.59 -4.05 12.30
CA LYS A 32 -8.03 -4.18 12.32
C LYS A 32 -8.41 -5.66 12.33
N LYS A 33 -7.48 -6.48 11.85
CA LYS A 33 -7.71 -7.90 11.79
C LYS A 33 -8.94 -8.19 10.94
N MET A 34 -8.81 -7.91 9.64
CA MET A 34 -9.91 -8.15 8.72
C MET A 34 -9.57 -9.27 7.74
N GLN A 35 -10.56 -9.62 6.94
CA GLN A 35 -10.38 -10.68 5.95
C GLN A 35 -10.65 -10.15 4.54
N SER A 36 -11.08 -8.90 4.49
CA SER A 36 -11.38 -8.26 3.22
C SER A 36 -11.59 -6.76 3.43
N PHE A 37 -11.04 -5.99 2.50
CA PHE A 37 -11.16 -4.54 2.57
C PHE A 37 -10.84 -3.90 1.21
N TYR A 38 -10.82 -2.58 1.21
CA TYR A 38 -10.53 -1.84 0.00
C TYR A 38 -9.41 -0.82 0.22
N GLN A 39 -8.66 -0.57 -0.84
CA GLN A 39 -7.56 0.39 -0.77
C GLN A 39 -8.05 1.73 -0.24
N GLN A 40 -9.37 1.92 -0.33
CA GLN A 40 -9.97 3.16 0.14
C GLN A 40 -10.15 3.13 1.65
N GLU A 41 -10.00 1.94 2.21
CA GLU A 41 -10.14 1.76 3.64
C GLU A 41 -8.85 2.13 4.35
N LEU A 42 -7.79 2.28 3.56
CA LEU A 42 -6.49 2.63 4.11
C LEU A 42 -6.20 4.10 3.80
N GLU A 43 -6.89 4.61 2.79
CA GLU A 43 -6.71 6.00 2.38
C GLU A 43 -7.27 6.94 3.46
N THR A 44 -8.10 6.37 4.32
CA THR A 44 -8.70 7.14 5.40
C THR A 44 -7.81 7.12 6.64
N VAL A 45 -6.88 6.17 6.64
CA VAL A 45 -5.96 6.04 7.76
C VAL A 45 -4.83 7.06 7.61
N GLU A 46 -4.82 8.01 8.54
CA GLU A 46 -3.80 9.05 8.52
C GLU A 46 -2.41 8.43 8.50
N SER A 47 -2.10 7.70 9.56
CA SER A 47 -0.80 7.05 9.68
C SER A 47 -0.38 6.49 8.32
N LEU A 48 -1.38 6.09 7.54
CA LEU A 48 -1.12 5.54 6.21
C LEU A 48 -0.93 6.69 5.22
N GLN A 49 -1.99 7.49 5.08
CA GLN A 49 -1.96 8.61 4.17
C GLN A 49 -0.66 9.40 4.33
N SER A 50 -0.33 9.67 5.59
CA SER A 50 0.88 10.41 5.91
C SER A 50 2.08 9.78 5.21
N LEU A 51 1.91 8.51 4.86
CA LEU A 51 2.98 7.78 4.19
C LEU A 51 2.71 7.76 2.69
N ALA A 52 1.53 7.30 2.33
CA ALA A 52 1.14 7.23 0.93
C ALA A 52 1.03 8.65 0.36
N SER A 53 1.17 9.62 1.26
CA SER A 53 1.10 11.01 0.86
C SER A 53 2.49 11.63 0.83
N ARG A 54 3.40 10.99 1.56
CA ARG A 54 4.77 11.47 1.63
C ARG A 54 5.24 11.94 0.25
N PRO A 55 6.26 12.83 0.26
CA PRO A 55 6.81 13.37 -0.98
C PRO A 55 7.68 12.33 -1.68
N VAL A 56 7.97 12.62 -2.95
CA VAL A 56 8.79 11.72 -3.74
C VAL A 56 9.51 12.52 -4.83
N THR A 57 9.79 11.84 -5.93
CA THR A 57 10.46 12.47 -7.05
C THR A 57 9.45 13.15 -7.97
N HIS A 58 8.79 14.16 -7.44
CA HIS A 58 7.80 14.90 -8.19
C HIS A 58 7.87 16.39 -7.82
N SER A 59 7.19 17.19 -8.63
CA SER A 59 7.17 18.62 -8.40
C SER A 59 6.08 19.27 -9.26
N THR A 60 4.85 19.22 -8.75
CA THR A 60 3.72 19.79 -9.46
C THR A 60 3.16 20.99 -8.69
N GLY A 61 2.76 20.72 -7.45
CA GLY A 61 2.20 21.77 -6.60
C GLY A 61 0.68 21.78 -6.68
N SER A 62 0.17 22.56 -7.62
CA SER A 62 -1.26 22.68 -7.81
C SER A 62 -1.87 21.30 -8.02
N ASP A 63 -3.20 21.26 -8.02
CA ASP A 63 -3.92 20.01 -8.21
C ASP A 63 -5.41 20.31 -8.42
N GLN A 64 -5.94 21.13 -7.52
CA GLN A 64 -7.34 21.50 -7.60
C GLN A 64 -8.23 20.25 -7.52
N VAL A 65 -8.01 19.47 -6.46
CA VAL A 65 -8.77 18.26 -6.27
C VAL A 65 -8.74 17.89 -4.78
N GLU A 66 -9.92 17.55 -4.27
CA GLU A 66 -10.04 17.18 -2.87
C GLU A 66 -9.59 18.32 -1.97
N LEU A 67 -10.15 19.50 -2.22
CA LEU A 67 -9.81 20.67 -1.44
C LEU A 67 -9.95 20.36 0.05
N LYS A 68 -11.20 20.15 0.46
CA LYS A 68 -11.49 19.84 1.85
C LYS A 68 -11.08 18.40 2.15
N ASP A 69 -9.79 18.24 2.40
CA ASP A 69 -9.26 16.91 2.70
C ASP A 69 -7.72 16.98 2.71
N SER A 70 -7.18 17.47 1.60
CA SER A 70 -5.74 17.58 1.48
C SER A 70 -5.37 17.92 0.02
N GLY A 71 -4.14 18.35 -0.15
CA GLY A 71 -3.65 18.71 -1.47
C GLY A 71 -2.66 17.66 -2.00
N THR A 72 -3.15 16.43 -2.10
CA THR A 72 -2.33 15.33 -2.59
C THR A 72 -3.20 14.11 -2.91
N SER A 73 -4.18 14.34 -3.78
CA SER A 73 -5.08 13.28 -4.18
C SER A 73 -4.58 12.63 -5.47
N GLY A 74 -4.95 11.37 -5.64
CA GLY A 74 -4.55 10.62 -6.83
C GLY A 74 -3.15 10.04 -6.66
N VAL A 75 -2.22 10.90 -6.26
CA VAL A 75 -0.84 10.49 -6.07
C VAL A 75 -0.80 9.34 -5.06
N ALA A 76 -1.37 9.59 -3.89
CA ALA A 76 -1.40 8.59 -2.84
C ALA A 76 -2.16 7.36 -3.34
N GLN A 77 -3.18 7.62 -4.16
CA GLN A 77 -3.99 6.56 -4.70
C GLN A 77 -3.12 5.58 -5.49
N ARG A 78 -1.95 6.05 -5.87
CA ARG A 78 -1.02 5.23 -6.63
C ARG A 78 -0.09 4.47 -5.67
N VAL A 79 0.26 5.13 -4.58
CA VAL A 79 1.13 4.53 -3.59
C VAL A 79 0.36 3.46 -2.82
N PHE A 80 -0.88 3.78 -2.51
CA PHE A 80 -1.73 2.86 -1.77
C PHE A 80 -2.03 1.61 -2.60
N LYS A 81 -2.21 1.83 -3.90
CA LYS A 81 -2.50 0.73 -4.81
C LYS A 81 -1.20 -0.02 -5.13
N ASN A 82 -0.14 0.75 -5.29
CA ASN A 82 1.16 0.16 -5.59
C ASN A 82 1.73 -0.49 -4.33
N ALA A 83 1.31 0.04 -3.19
CA ALA A 83 1.77 -0.49 -1.91
C ALA A 83 1.14 -1.86 -1.67
N LEU A 84 -0.09 -2.00 -2.16
CA LEU A 84 -0.81 -3.26 -2.00
C LEU A 84 -0.20 -4.31 -2.93
N GLN A 85 0.09 -3.89 -4.15
CA GLN A 85 0.68 -4.78 -5.14
C GLN A 85 1.78 -5.62 -4.50
N LEU A 86 2.71 -4.94 -3.85
CA LEU A 86 3.81 -5.62 -3.19
C LEU A 86 3.27 -6.66 -2.21
N LEU A 87 2.28 -6.23 -1.43
CA LEU A 87 1.66 -7.12 -0.47
C LEU A 87 1.28 -8.43 -1.15
N GLN A 88 0.77 -8.30 -2.36
CA GLN A 88 0.37 -9.47 -3.13
C GLN A 88 1.59 -10.32 -3.49
N GLU A 89 2.72 -9.65 -3.61
CA GLU A 89 3.96 -10.33 -3.95
C GLU A 89 4.50 -11.09 -2.73
N LYS A 90 4.17 -10.58 -1.55
CA LYS A 90 4.61 -11.19 -0.32
C LYS A 90 3.63 -12.29 0.07
N GLY A 91 2.38 -12.09 -0.31
CA GLY A 91 1.34 -13.06 0.00
C GLY A 91 0.44 -12.56 1.14
N LEU A 92 0.51 -11.26 1.38
CA LEU A 92 -0.29 -10.65 2.42
C LEU A 92 -1.74 -10.51 1.95
N VAL A 93 -1.87 -10.02 0.72
CA VAL A 93 -3.19 -9.84 0.14
C VAL A 93 -3.20 -10.40 -1.28
N PHE A 94 -4.38 -10.36 -1.89
CA PHE A 94 -4.54 -10.86 -3.25
C PHE A 94 -5.83 -10.34 -3.88
N GLN A 95 -5.80 -10.25 -5.20
CA GLN A 95 -6.96 -9.77 -5.94
C GLN A 95 -7.50 -10.87 -6.85
N ARG A 96 -8.82 -10.94 -6.93
CA ARG A 96 -9.48 -11.94 -7.76
C ARG A 96 -10.00 -11.29 -9.04
N ASP A 97 -11.00 -10.44 -8.88
CA ASP A 97 -11.59 -9.74 -10.01
C ASP A 97 -10.78 -8.49 -10.33
N SER A 98 -9.63 -8.69 -10.95
CA SER A 98 -8.77 -7.59 -11.29
C SER A 98 -8.82 -6.50 -10.22
N GLY A 99 -7.91 -6.60 -9.26
CA GLY A 99 -7.85 -5.64 -8.18
C GLY A 99 -7.59 -4.22 -8.71
N SER A 100 -6.67 -3.55 -8.05
CA SER A 100 -6.32 -2.19 -8.44
C SER A 100 -7.47 -1.24 -8.11
N ASP A 101 -8.29 -1.66 -7.15
CA ASP A 101 -9.42 -0.86 -6.72
C ASP A 101 -10.51 -1.78 -6.18
N LYS A 102 -10.47 -3.02 -6.62
CA LYS A 102 -11.44 -4.01 -6.19
C LYS A 102 -11.08 -4.50 -4.79
N LEU A 103 -12.10 -4.93 -4.06
CA LEU A 103 -11.90 -5.43 -2.71
C LEU A 103 -10.59 -6.21 -2.64
N TYR A 104 -9.72 -5.78 -1.75
CA TYR A 104 -8.43 -6.43 -1.59
C TYR A 104 -8.48 -7.47 -0.46
N TYR A 105 -8.37 -8.73 -0.85
CA TYR A 105 -8.41 -9.82 0.11
C TYR A 105 -7.06 -9.95 0.84
N VAL A 106 -7.13 -9.97 2.16
CA VAL A 106 -5.93 -10.10 2.97
C VAL A 106 -5.86 -11.51 3.55
N THR A 107 -4.64 -11.94 3.82
CA THR A 107 -4.41 -13.27 4.37
C THR A 107 -5.27 -13.47 5.63
N THR A 108 -5.93 -14.62 5.67
CA THR A 108 -6.78 -14.95 6.80
C THR A 108 -6.11 -14.53 8.11
N LYS A 109 -4.93 -15.10 8.35
CA LYS A 109 -4.18 -14.79 9.55
C LYS A 109 -2.85 -15.53 9.52
N ASP A 110 -2.12 -15.32 8.43
CA ASP A 110 -0.82 -15.96 8.26
C ASP A 110 0.11 -15.51 9.38
N LYS A 111 0.20 -14.20 9.56
CA LYS A 111 1.05 -13.64 10.59
C LYS A 111 2.49 -14.10 10.38
N ASP A 112 3.41 -13.37 10.96
CA ASP A 112 4.83 -13.69 10.85
C ASP A 112 5.62 -12.90 11.89
N LEU A 113 5.74 -13.48 13.07
CA LEU A 113 6.46 -12.85 14.15
C LEU A 113 5.72 -11.58 14.58
N GLN A 114 5.69 -11.37 15.89
CA GLN A 114 5.01 -10.20 16.44
C GLN A 114 5.42 -10.00 17.90
N SER A 115 4.64 -9.18 18.60
CA SER A 115 4.92 -8.89 19.99
C SER A 115 3.74 -8.12 20.60
N GLY A 116 2.70 -8.87 20.95
CA GLY A 116 1.51 -8.27 21.54
C GLY A 116 0.30 -9.19 21.37
N PRO A 117 -0.62 -9.11 22.38
CA PRO A 117 -1.82 -9.93 22.35
C PRO A 117 -2.83 -9.38 21.35
N SER A 118 -4.07 -9.82 21.50
CA SER A 118 -5.14 -9.38 20.62
C SER A 118 -6.39 -9.06 21.43
N SER A 119 -7.38 -8.51 20.75
CA SER A 119 -8.63 -8.15 21.40
C SER A 119 -9.73 -9.12 20.98
N GLY A 120 -10.73 -9.25 21.85
CA GLY A 120 -11.84 -10.15 21.59
C GLY A 120 -11.37 -11.43 20.91
N GLY A 1 29.12 9.33 -12.82
CA GLY A 1 28.04 10.18 -12.32
C GLY A 1 27.10 9.39 -11.41
N SER A 2 27.06 9.79 -10.15
CA SER A 2 26.22 9.13 -9.17
C SER A 2 25.12 10.08 -8.70
N SER A 3 25.56 11.21 -8.15
CA SER A 3 24.63 12.22 -7.66
C SER A 3 25.40 13.40 -7.07
N GLY A 4 26.22 13.08 -6.07
CA GLY A 4 27.02 14.10 -5.41
C GLY A 4 27.15 13.81 -3.92
N SER A 5 27.38 14.87 -3.15
CA SER A 5 27.53 14.74 -1.71
C SER A 5 27.30 16.09 -1.04
N SER A 6 26.20 16.17 -0.32
CA SER A 6 25.86 17.40 0.38
C SER A 6 24.53 17.23 1.13
N GLY A 7 23.49 16.94 0.36
CA GLY A 7 22.17 16.75 0.93
C GLY A 7 22.23 15.83 2.16
N ASN A 8 22.84 14.67 1.95
CA ASN A 8 22.97 13.70 3.03
C ASN A 8 21.58 13.32 3.54
N LYS A 9 21.01 12.30 2.91
CA LYS A 9 19.69 11.84 3.29
C LYS A 9 19.41 10.49 2.61
N ASP A 10 18.21 9.98 2.85
CA ASP A 10 17.81 8.72 2.27
C ASP A 10 16.91 8.97 1.06
N ASN A 11 17.53 8.98 -0.11
CA ASN A 11 16.81 9.23 -1.34
C ASN A 11 15.61 8.27 -1.41
N LEU A 12 14.44 8.85 -1.68
CA LEU A 12 13.22 8.07 -1.78
C LEU A 12 12.61 8.25 -3.17
N ASP A 13 11.65 7.39 -3.48
CA ASP A 13 10.98 7.45 -4.77
C ASP A 13 9.59 6.81 -4.64
N LEU A 14 8.72 7.21 -5.56
CA LEU A 14 7.36 6.69 -5.56
C LEU A 14 7.39 5.18 -5.31
N ALA A 15 8.42 4.55 -5.85
CA ALA A 15 8.57 3.11 -5.70
C ALA A 15 9.15 2.82 -4.31
N GLY A 16 10.19 3.56 -3.95
CA GLY A 16 10.83 3.40 -2.67
C GLY A 16 9.84 3.64 -1.53
N LEU A 17 9.21 4.80 -1.56
CA LEU A 17 8.24 5.17 -0.54
C LEU A 17 7.12 4.12 -0.51
N THR A 18 6.69 3.73 -1.70
CA THR A 18 5.64 2.75 -1.83
C THR A 18 6.01 1.46 -1.08
N SER A 19 7.13 0.88 -1.48
CA SER A 19 7.60 -0.35 -0.86
C SER A 19 7.31 -0.31 0.65
N LEU A 20 7.47 0.88 1.22
CA LEU A 20 7.23 1.05 2.64
C LEU A 20 5.73 0.94 2.92
N LEU A 21 4.98 1.81 2.26
CA LEU A 21 3.54 1.82 2.42
C LEU A 21 3.03 0.39 2.56
N SER A 22 3.37 -0.43 1.58
CA SER A 22 2.96 -1.82 1.57
C SER A 22 3.00 -2.38 2.99
N GLU A 23 4.17 -2.25 3.62
CA GLU A 23 4.35 -2.73 4.97
C GLU A 23 3.42 -2.00 5.94
N LYS A 24 3.21 -0.72 5.64
CA LYS A 24 2.34 0.11 6.47
C LYS A 24 0.90 -0.39 6.35
N ILE A 25 0.45 -0.49 5.10
CA ILE A 25 -0.90 -0.96 4.84
C ILE A 25 -1.08 -2.36 5.41
N LYS A 26 -0.11 -3.22 5.11
CA LYS A 26 -0.15 -4.59 5.58
C LYS A 26 -0.27 -4.59 7.10
N GLU A 27 0.45 -3.67 7.73
CA GLU A 27 0.43 -3.55 9.18
C GLU A 27 -0.99 -3.26 9.66
N PHE A 28 -1.67 -2.40 8.93
CA PHE A 28 -3.02 -2.01 9.27
C PHE A 28 -3.94 -3.23 9.31
N LEU A 29 -3.72 -4.14 8.37
CA LEU A 29 -4.51 -5.35 8.28
C LEU A 29 -4.42 -6.11 9.61
N GLN A 30 -3.20 -6.27 10.08
CA GLN A 30 -2.96 -6.97 11.33
C GLN A 30 -3.38 -6.10 12.52
N GLU A 31 -3.55 -4.82 12.23
CA GLU A 31 -3.95 -3.87 13.25
C GLU A 31 -5.47 -3.90 13.44
N LYS A 32 -6.17 -4.04 12.34
CA LYS A 32 -7.61 -4.09 12.36
C LYS A 32 -8.08 -5.55 12.38
N LYS A 33 -7.21 -6.41 11.89
CA LYS A 33 -7.51 -7.83 11.84
C LYS A 33 -8.78 -8.05 11.01
N MET A 34 -8.66 -7.77 9.72
CA MET A 34 -9.78 -7.93 8.80
C MET A 34 -9.56 -9.11 7.86
N GLN A 35 -10.57 -9.38 7.04
CA GLN A 35 -10.49 -10.48 6.09
C GLN A 35 -10.70 -9.95 4.67
N SER A 36 -11.04 -8.67 4.59
CA SER A 36 -11.27 -8.05 3.30
C SER A 36 -11.36 -6.53 3.47
N PHE A 37 -10.93 -5.82 2.43
CA PHE A 37 -10.96 -4.37 2.46
C PHE A 37 -10.54 -3.79 1.09
N TYR A 38 -10.69 -2.48 0.97
CA TYR A 38 -10.34 -1.80 -0.26
C TYR A 38 -9.21 -0.80 -0.02
N GLN A 39 -8.39 -0.62 -1.05
CA GLN A 39 -7.26 0.29 -0.96
C GLN A 39 -7.73 1.66 -0.44
N GLN A 40 -8.94 2.03 -0.84
CA GLN A 40 -9.51 3.29 -0.42
C GLN A 40 -9.83 3.26 1.07
N GLU A 41 -10.35 2.12 1.52
CA GLU A 41 -10.70 1.95 2.91
C GLU A 41 -9.48 2.23 3.81
N LEU A 42 -8.31 2.19 3.19
CA LEU A 42 -7.07 2.42 3.90
C LEU A 42 -6.61 3.87 3.64
N GLU A 43 -7.10 4.42 2.55
CA GLU A 43 -6.75 5.79 2.19
C GLU A 43 -7.26 6.78 3.24
N THR A 44 -8.12 6.26 4.11
CA THR A 44 -8.68 7.08 5.17
C THR A 44 -7.86 6.94 6.46
N VAL A 45 -6.90 6.03 6.40
CA VAL A 45 -6.04 5.79 7.55
C VAL A 45 -4.88 6.79 7.52
N GLU A 46 -4.96 7.77 8.40
CA GLU A 46 -3.93 8.79 8.48
C GLU A 46 -2.56 8.14 8.66
N SER A 47 -2.47 7.28 9.66
CA SER A 47 -1.23 6.59 9.94
C SER A 47 -0.63 6.03 8.66
N LEU A 48 -1.51 5.77 7.70
CA LEU A 48 -1.08 5.24 6.41
C LEU A 48 -0.87 6.40 5.43
N GLN A 49 -1.94 7.13 5.19
CA GLN A 49 -1.89 8.27 4.28
C GLN A 49 -0.60 9.07 4.51
N SER A 50 -0.30 9.30 5.79
CA SER A 50 0.89 10.04 6.15
C SER A 50 2.08 9.58 5.30
N LEU A 51 1.99 8.33 4.85
CA LEU A 51 3.04 7.76 4.03
C LEU A 51 2.66 7.87 2.56
N ALA A 52 1.43 7.48 2.27
CA ALA A 52 0.92 7.53 0.90
C ALA A 52 0.84 9.00 0.44
N SER A 53 1.10 9.89 1.38
CA SER A 53 1.07 11.31 1.09
C SER A 53 2.47 11.91 1.22
N ARG A 54 3.36 11.12 1.80
CA ARG A 54 4.74 11.55 1.97
C ARG A 54 5.32 12.05 0.66
N PRO A 55 6.39 12.88 0.78
CA PRO A 55 7.04 13.43 -0.40
C PRO A 55 7.89 12.38 -1.10
N VAL A 56 8.35 12.72 -2.29
CA VAL A 56 9.18 11.82 -3.07
C VAL A 56 10.09 12.63 -3.99
N THR A 57 10.26 12.12 -5.21
CA THR A 57 11.11 12.79 -6.18
C THR A 57 10.26 13.42 -7.28
N HIS A 58 9.13 13.99 -6.86
CA HIS A 58 8.22 14.62 -7.79
C HIS A 58 8.32 16.15 -7.64
N SER A 59 7.75 16.85 -8.62
CA SER A 59 7.76 18.29 -8.61
C SER A 59 6.38 18.84 -8.96
N THR A 60 5.83 18.31 -10.04
CA THR A 60 4.51 18.73 -10.50
C THR A 60 3.98 17.75 -11.54
N GLY A 61 2.66 17.58 -11.52
CA GLY A 61 2.01 16.68 -12.46
C GLY A 61 0.51 16.94 -12.51
N SER A 62 -0.19 16.08 -13.24
CA SER A 62 -1.63 16.20 -13.39
C SER A 62 -2.33 15.11 -12.57
N ASP A 63 -3.65 15.07 -12.70
CA ASP A 63 -4.44 14.09 -11.98
C ASP A 63 -5.03 13.10 -12.98
N GLN A 64 -5.96 13.60 -13.79
CA GLN A 64 -6.60 12.76 -14.79
C GLN A 64 -7.44 11.67 -14.12
N VAL A 65 -8.32 12.10 -13.23
CA VAL A 65 -9.17 11.17 -12.51
C VAL A 65 -10.59 11.74 -12.45
N GLU A 66 -11.52 10.98 -13.00
CA GLU A 66 -12.92 11.40 -13.00
C GLU A 66 -13.48 11.37 -11.59
N LEU A 67 -12.94 12.24 -10.76
CA LEU A 67 -13.39 12.33 -9.37
C LEU A 67 -12.96 13.68 -8.79
N LYS A 68 -13.20 13.83 -7.50
CA LYS A 68 -12.86 15.07 -6.81
C LYS A 68 -11.42 15.46 -7.17
N ASP A 69 -11.32 16.41 -8.09
CA ASP A 69 -10.02 16.88 -8.54
C ASP A 69 -9.54 18.00 -7.61
N SER A 70 -8.28 18.37 -7.78
CA SER A 70 -7.69 19.42 -6.97
C SER A 70 -7.57 18.94 -5.52
N GLY A 71 -6.34 19.02 -5.02
CA GLY A 71 -6.08 18.61 -3.64
C GLY A 71 -5.28 17.30 -3.61
N THR A 72 -4.13 17.37 -2.98
CA THR A 72 -3.26 16.20 -2.88
C THR A 72 -4.08 14.98 -2.47
N SER A 73 -3.94 13.92 -3.26
CA SER A 73 -4.65 12.68 -2.99
C SER A 73 -4.31 11.63 -4.05
N GLY A 74 -4.49 12.03 -5.30
CA GLY A 74 -4.20 11.14 -6.41
C GLY A 74 -2.85 10.46 -6.24
N VAL A 75 -1.82 11.28 -6.08
CA VAL A 75 -0.48 10.77 -5.89
C VAL A 75 -0.51 9.59 -4.92
N ALA A 76 -1.26 9.77 -3.83
CA ALA A 76 -1.39 8.74 -2.82
C ALA A 76 -2.03 7.51 -3.44
N GLN A 77 -3.04 7.75 -4.28
CA GLN A 77 -3.74 6.67 -4.94
C GLN A 77 -2.76 5.79 -5.72
N ARG A 78 -1.59 6.35 -5.96
CA ARG A 78 -0.56 5.63 -6.69
C ARG A 78 0.34 4.84 -5.73
N VAL A 79 0.53 5.42 -4.55
CA VAL A 79 1.35 4.79 -3.53
C VAL A 79 0.56 3.69 -2.85
N PHE A 80 -0.71 3.97 -2.62
CA PHE A 80 -1.60 3.01 -1.98
C PHE A 80 -1.86 1.81 -2.91
N LYS A 81 -2.39 2.12 -4.08
CA LYS A 81 -2.70 1.07 -5.05
C LYS A 81 -1.45 0.22 -5.27
N ASN A 82 -0.31 0.87 -5.25
CA ASN A 82 0.96 0.18 -5.45
C ASN A 82 1.22 -0.75 -4.26
N ALA A 83 1.08 -0.18 -3.07
CA ALA A 83 1.29 -0.95 -1.86
C ALA A 83 0.61 -2.31 -1.98
N LEU A 84 -0.72 -2.27 -2.11
CA LEU A 84 -1.49 -3.48 -2.25
C LEU A 84 -0.78 -4.45 -3.19
N GLN A 85 -0.42 -3.92 -4.36
CA GLN A 85 0.26 -4.72 -5.36
C GLN A 85 1.38 -5.54 -4.70
N LEU A 86 2.27 -4.82 -4.04
CA LEU A 86 3.40 -5.45 -3.37
C LEU A 86 2.88 -6.53 -2.41
N LEU A 87 1.98 -6.11 -1.54
CA LEU A 87 1.40 -7.02 -0.57
C LEU A 87 1.06 -8.34 -1.26
N GLN A 88 0.24 -8.25 -2.29
CA GLN A 88 -0.17 -9.43 -3.03
C GLN A 88 1.06 -10.20 -3.51
N GLU A 89 2.12 -9.45 -3.80
CA GLU A 89 3.36 -10.06 -4.26
C GLU A 89 4.07 -10.77 -3.11
N LYS A 90 3.85 -10.24 -1.91
CA LYS A 90 4.46 -10.81 -0.71
C LYS A 90 3.55 -11.91 -0.17
N GLY A 91 2.27 -11.76 -0.43
CA GLY A 91 1.29 -12.72 0.03
C GLY A 91 0.53 -12.20 1.25
N LEU A 92 0.54 -10.89 1.39
CA LEU A 92 -0.14 -10.24 2.50
C LEU A 92 -1.63 -10.14 2.20
N VAL A 93 -1.92 -9.84 0.93
CA VAL A 93 -3.30 -9.71 0.50
C VAL A 93 -3.45 -10.33 -0.89
N PHE A 94 -4.68 -10.33 -1.38
CA PHE A 94 -4.97 -10.89 -2.68
C PHE A 94 -6.35 -10.45 -3.17
N GLN A 95 -6.47 -10.31 -4.49
CA GLN A 95 -7.71 -9.90 -5.09
C GLN A 95 -8.56 -11.12 -5.44
N ARG A 96 -9.87 -10.98 -5.22
CA ARG A 96 -10.80 -12.06 -5.51
C ARG A 96 -11.73 -11.67 -6.65
N ASP A 97 -11.15 -11.48 -7.83
CA ASP A 97 -11.92 -11.10 -8.99
C ASP A 97 -11.00 -10.42 -10.00
N SER A 98 -9.92 -9.85 -9.49
CA SER A 98 -8.96 -9.15 -10.33
C SER A 98 -9.55 -7.82 -10.80
N GLY A 99 -8.74 -6.78 -10.67
CA GLY A 99 -9.16 -5.44 -11.07
C GLY A 99 -8.40 -4.37 -10.30
N SER A 100 -7.91 -3.39 -11.04
CA SER A 100 -7.16 -2.29 -10.44
C SER A 100 -7.87 -1.80 -9.18
N ASP A 101 -9.15 -1.46 -9.36
CA ASP A 101 -9.95 -0.97 -8.26
C ASP A 101 -10.94 -2.06 -7.83
N LYS A 102 -10.41 -3.06 -7.14
CA LYS A 102 -11.22 -4.16 -6.66
C LYS A 102 -11.01 -4.34 -5.16
N LEU A 103 -11.74 -5.29 -4.60
CA LEU A 103 -11.65 -5.57 -3.18
C LEU A 103 -10.37 -6.37 -2.90
N TYR A 104 -9.71 -5.99 -1.82
CA TYR A 104 -8.47 -6.66 -1.44
C TYR A 104 -8.68 -7.52 -0.18
N TYR A 105 -8.29 -8.78 -0.29
CA TYR A 105 -8.43 -9.71 0.82
C TYR A 105 -7.10 -9.90 1.54
N VAL A 106 -7.19 -9.98 2.85
CA VAL A 106 -5.99 -10.15 3.68
C VAL A 106 -5.53 -11.62 3.59
N THR A 107 -4.27 -11.82 3.93
CA THR A 107 -3.71 -13.17 3.90
C THR A 107 -3.84 -13.83 5.27
N THR A 108 -3.64 -15.14 5.27
CA THR A 108 -3.73 -15.91 6.51
C THR A 108 -5.05 -15.61 7.22
N LYS A 109 -5.13 -16.05 8.47
CA LYS A 109 -6.32 -15.85 9.27
C LYS A 109 -5.95 -15.09 10.55
N ASP A 110 -6.93 -14.38 11.09
CA ASP A 110 -6.72 -13.61 12.30
C ASP A 110 -8.01 -12.89 12.67
N LYS A 111 -8.84 -13.57 13.45
CA LYS A 111 -10.11 -12.99 13.87
C LYS A 111 -10.74 -13.90 14.93
N ASP A 112 -12.03 -13.68 15.16
CA ASP A 112 -12.76 -14.47 16.13
C ASP A 112 -13.92 -15.18 15.44
N LEU A 113 -13.64 -16.42 15.04
CA LEU A 113 -14.65 -17.22 14.36
C LEU A 113 -15.03 -16.56 13.03
N GLN A 114 -15.19 -17.39 12.01
CA GLN A 114 -15.55 -16.89 10.70
C GLN A 114 -16.02 -18.05 9.81
N SER A 115 -16.46 -17.69 8.61
CA SER A 115 -16.93 -18.68 7.65
C SER A 115 -15.98 -18.76 6.46
N GLY A 116 -15.93 -17.65 5.73
CA GLY A 116 -15.07 -17.58 4.55
C GLY A 116 -15.61 -18.46 3.42
N PRO A 117 -16.24 -17.78 2.43
CA PRO A 117 -16.80 -18.49 1.29
C PRO A 117 -15.69 -18.95 0.32
N SER A 118 -16.12 -19.60 -0.75
CA SER A 118 -15.18 -20.10 -1.73
C SER A 118 -15.75 -19.89 -3.14
N SER A 119 -14.84 -19.73 -4.10
CA SER A 119 -15.24 -19.51 -5.48
C SER A 119 -14.95 -20.77 -6.31
N GLY A 120 -13.70 -21.19 -6.25
CA GLY A 120 -13.27 -22.38 -6.99
C GLY A 120 -14.26 -23.52 -6.79
#